data_2ETD
# 
_entry.id   2ETD 
# 
_audit_conform.dict_name       mmcif_pdbx.dic 
_audit_conform.dict_version    5.365 
_audit_conform.dict_location   http://mmcif.pdb.org/dictionaries/ascii/mmcif_pdbx.dic 
# 
loop_
_database_2.database_id 
_database_2.database_code 
_database_2.pdbx_database_accession 
_database_2.pdbx_DOI 
PDB   2ETD         pdb_00002etd 10.2210/pdb2etd/pdb 
RCSB  RCSB035068   ?            ?                   
WWPDB D_1000035068 ?            ?                   
# 
_pdbx_database_related.db_name        TargetDB 
_pdbx_database_related.db_id          358514 
_pdbx_database_related.details        . 
_pdbx_database_related.content_type   unspecified 
# 
_pdbx_database_status.SG_entry                        Y 
_pdbx_database_status.entry_id                        2ETD 
_pdbx_database_status.deposit_site                    RCSB 
_pdbx_database_status.process_site                    RCSB 
_pdbx_database_status.recvd_initial_deposition_date   2005-10-27 
_pdbx_database_status.status_code                     REL 
_pdbx_database_status.status_code_sf                  REL 
_pdbx_database_status.status_code_mr                  ? 
_pdbx_database_status.status_code_cs                  ? 
_pdbx_database_status.pdb_format_compatible           Y 
_pdbx_database_status.methods_development_category    ? 
_pdbx_database_status.status_code_nmr_data            ? 
# 
_audit_author.name           'Joint Center for Structural Genomics (JCSG)' 
_audit_author.pdbx_ordinal   1 
# 
_citation.id                        primary 
_citation.title                     'Crystal structure of LEMA protein (tm0961) from THERMOTOGA MARITIMA at 2.28 A resolution' 
_citation.journal_abbrev            'To be published' 
_citation.journal_volume            ? 
_citation.page_first                ? 
_citation.page_last                 ? 
_citation.year                      ? 
_citation.journal_id_ASTM           ? 
_citation.country                   ? 
_citation.journal_id_ISSN           ? 
_citation.journal_id_CSD            0353 
_citation.book_publisher            ? 
_citation.pdbx_database_id_PubMed   ? 
_citation.pdbx_database_id_DOI      ? 
# 
_citation_author.citation_id        primary 
_citation_author.name               'Joint Center for Structural Genomics (JCSG)' 
_citation_author.ordinal            1 
_citation_author.identifier_ORCID   ? 
# 
_cell.length_a           80.454 
_cell.length_b           85.259 
_cell.length_c           53.397 
_cell.angle_alpha        90.000 
_cell.angle_beta         90.000 
_cell.angle_gamma        90.000 
_cell.entry_id           2ETD 
_cell.pdbx_unique_axis   ? 
_cell.Z_PDB              8 
# 
_symmetry.Int_Tables_number                21 
_symmetry.space_group_name_H-M             'C 2 2 2' 
_symmetry.entry_id                         2ETD 
_symmetry.pdbx_full_space_group_name_H-M   ? 
_symmetry.cell_setting                     ? 
_symmetry.space_group_name_Hall            ? 
# 
loop_
_entity.id 
_entity.type 
_entity.src_method 
_entity.pdbx_description 
_entity.formula_weight 
_entity.pdbx_number_of_molecules 
_entity.pdbx_ec 
_entity.pdbx_mutation 
_entity.pdbx_fragment 
_entity.details 
1 polymer     man 'lemA protein' 19949.291 1  ? ? ? ? 
2 non-polymer syn 'CHLORIDE ION' 35.453    1  ? ? ? ? 
3 water       nat water          18.015    62 ? ? ? ? 
# 
_entity_poly.entity_id                      1 
_entity_poly.type                           'polypeptide(L)' 
_entity_poly.nstd_linkage                   no 
_entity_poly.nstd_monomer                   yes 
_entity_poly.pdbx_seq_one_letter_code       
;(MSE)GSD(MLY)IHHHHHHLVSLEQEVQE(MLY)YSQIQNQLQRRADLIPNLVETV(MLY)GYAAHE(MLY)EILEEIA
NARA(MLY)LIGA(MLY)TPQESAQADAELSSALSRLLAIAENYPNL(MLY)ADANFRQL(MSE)DELAGTENRIAVARR
DYNEAV(MLY)(MLY)YNTAI(MLY)(MLY)FPGVIFA(MLY)(MSE)FGFEE(MLY)QYFEA(MLY)PGAEEVPEV
(MLY)F
;
_entity_poly.pdbx_seq_one_letter_code_can   
;MGSDKIHHHHHHLVSLEQEVQEKYSQIQNQLQRRADLIPNLVETVKGYAAHEKEILEEIANARAKLIGAKTPQESAQADA
ELSSALSRLLAIAENYPNLKADANFRQLMDELAGTENRIAVARRDYNEAVKKYNTAIKKFPGVIFAKMFGFEEKQYFEAK
PGAEEVPEVKF
;
_entity_poly.pdbx_strand_id                 A 
_entity_poly.pdbx_target_identifier         358514 
# 
loop_
_entity_poly_seq.entity_id 
_entity_poly_seq.num 
_entity_poly_seq.mon_id 
_entity_poly_seq.hetero 
1 1   MSE n 
1 2   GLY n 
1 3   SER n 
1 4   ASP n 
1 5   MLY n 
1 6   ILE n 
1 7   HIS n 
1 8   HIS n 
1 9   HIS n 
1 10  HIS n 
1 11  HIS n 
1 12  HIS n 
1 13  LEU n 
1 14  VAL n 
1 15  SER n 
1 16  LEU n 
1 17  GLU n 
1 18  GLN n 
1 19  GLU n 
1 20  VAL n 
1 21  GLN n 
1 22  GLU n 
1 23  MLY n 
1 24  TYR n 
1 25  SER n 
1 26  GLN n 
1 27  ILE n 
1 28  GLN n 
1 29  ASN n 
1 30  GLN n 
1 31  LEU n 
1 32  GLN n 
1 33  ARG n 
1 34  ARG n 
1 35  ALA n 
1 36  ASP n 
1 37  LEU n 
1 38  ILE n 
1 39  PRO n 
1 40  ASN n 
1 41  LEU n 
1 42  VAL n 
1 43  GLU n 
1 44  THR n 
1 45  VAL n 
1 46  MLY n 
1 47  GLY n 
1 48  TYR n 
1 49  ALA n 
1 50  ALA n 
1 51  HIS n 
1 52  GLU n 
1 53  MLY n 
1 54  GLU n 
1 55  ILE n 
1 56  LEU n 
1 57  GLU n 
1 58  GLU n 
1 59  ILE n 
1 60  ALA n 
1 61  ASN n 
1 62  ALA n 
1 63  ARG n 
1 64  ALA n 
1 65  MLY n 
1 66  LEU n 
1 67  ILE n 
1 68  GLY n 
1 69  ALA n 
1 70  MLY n 
1 71  THR n 
1 72  PRO n 
1 73  GLN n 
1 74  GLU n 
1 75  SER n 
1 76  ALA n 
1 77  GLN n 
1 78  ALA n 
1 79  ASP n 
1 80  ALA n 
1 81  GLU n 
1 82  LEU n 
1 83  SER n 
1 84  SER n 
1 85  ALA n 
1 86  LEU n 
1 87  SER n 
1 88  ARG n 
1 89  LEU n 
1 90  LEU n 
1 91  ALA n 
1 92  ILE n 
1 93  ALA n 
1 94  GLU n 
1 95  ASN n 
1 96  TYR n 
1 97  PRO n 
1 98  ASN n 
1 99  LEU n 
1 100 MLY n 
1 101 ALA n 
1 102 ASP n 
1 103 ALA n 
1 104 ASN n 
1 105 PHE n 
1 106 ARG n 
1 107 GLN n 
1 108 LEU n 
1 109 MSE n 
1 110 ASP n 
1 111 GLU n 
1 112 LEU n 
1 113 ALA n 
1 114 GLY n 
1 115 THR n 
1 116 GLU n 
1 117 ASN n 
1 118 ARG n 
1 119 ILE n 
1 120 ALA n 
1 121 VAL n 
1 122 ALA n 
1 123 ARG n 
1 124 ARG n 
1 125 ASP n 
1 126 TYR n 
1 127 ASN n 
1 128 GLU n 
1 129 ALA n 
1 130 VAL n 
1 131 MLY n 
1 132 MLY n 
1 133 TYR n 
1 134 ASN n 
1 135 THR n 
1 136 ALA n 
1 137 ILE n 
1 138 MLY n 
1 139 MLY n 
1 140 PHE n 
1 141 PRO n 
1 142 GLY n 
1 143 VAL n 
1 144 ILE n 
1 145 PHE n 
1 146 ALA n 
1 147 MLY n 
1 148 MSE n 
1 149 PHE n 
1 150 GLY n 
1 151 PHE n 
1 152 GLU n 
1 153 GLU n 
1 154 MLY n 
1 155 GLN n 
1 156 TYR n 
1 157 PHE n 
1 158 GLU n 
1 159 ALA n 
1 160 MLY n 
1 161 PRO n 
1 162 GLY n 
1 163 ALA n 
1 164 GLU n 
1 165 GLU n 
1 166 VAL n 
1 167 PRO n 
1 168 GLU n 
1 169 VAL n 
1 170 MLY n 
1 171 PHE n 
# 
_entity_src_gen.entity_id                          1 
_entity_src_gen.pdbx_src_id                        1 
_entity_src_gen.pdbx_alt_source_flag               sample 
_entity_src_gen.pdbx_seq_type                      ? 
_entity_src_gen.pdbx_beg_seq_num                   ? 
_entity_src_gen.pdbx_end_seq_num                   ? 
_entity_src_gen.gene_src_common_name               ? 
_entity_src_gen.gene_src_genus                     Thermotoga 
_entity_src_gen.pdbx_gene_src_gene                 tm0961 
_entity_src_gen.gene_src_species                   'Thermotoga maritima' 
_entity_src_gen.gene_src_strain                    MSB8 
_entity_src_gen.gene_src_tissue                    ? 
_entity_src_gen.gene_src_tissue_fraction           ? 
_entity_src_gen.gene_src_details                   ? 
_entity_src_gen.pdbx_gene_src_fragment             ? 
_entity_src_gen.pdbx_gene_src_scientific_name      'Thermotoga maritima' 
_entity_src_gen.pdbx_gene_src_ncbi_taxonomy_id     243274 
_entity_src_gen.pdbx_gene_src_variant              ? 
_entity_src_gen.pdbx_gene_src_cell_line            ? 
_entity_src_gen.pdbx_gene_src_atcc                 ? 
_entity_src_gen.pdbx_gene_src_organ                ? 
_entity_src_gen.pdbx_gene_src_organelle            ? 
_entity_src_gen.pdbx_gene_src_cell                 ? 
_entity_src_gen.pdbx_gene_src_cellular_location    ? 
_entity_src_gen.host_org_common_name               ? 
_entity_src_gen.pdbx_host_org_scientific_name      'Escherichia coli' 
_entity_src_gen.pdbx_host_org_ncbi_taxonomy_id     562 
_entity_src_gen.host_org_genus                     Escherichia 
_entity_src_gen.pdbx_host_org_gene                 ? 
_entity_src_gen.pdbx_host_org_organ                ? 
_entity_src_gen.host_org_species                   ? 
_entity_src_gen.pdbx_host_org_tissue               ? 
_entity_src_gen.pdbx_host_org_tissue_fraction      ? 
_entity_src_gen.pdbx_host_org_strain               ? 
_entity_src_gen.pdbx_host_org_variant              ? 
_entity_src_gen.pdbx_host_org_cell_line            ? 
_entity_src_gen.pdbx_host_org_atcc                 ? 
_entity_src_gen.pdbx_host_org_culture_collection   ? 
_entity_src_gen.pdbx_host_org_cell                 ? 
_entity_src_gen.pdbx_host_org_organelle            ? 
_entity_src_gen.pdbx_host_org_cellular_location    ? 
_entity_src_gen.pdbx_host_org_vector_type          Plasmid 
_entity_src_gen.pdbx_host_org_vector               ? 
_entity_src_gen.host_org_details                   ? 
_entity_src_gen.expression_system_id               ? 
_entity_src_gen.plasmid_name                       HK100 
_entity_src_gen.plasmid_details                    ? 
_entity_src_gen.pdbx_description                   ? 
# 
_struct_ref.id                         1 
_struct_ref.db_name                    UNP 
_struct_ref.db_code                    Q9X056_THEMA 
_struct_ref.pdbx_db_accession          Q9X056 
_struct_ref.entity_id                  1 
_struct_ref.pdbx_seq_one_letter_code   
;LVSLEQEVQEKYSQIQNQLQRRADLIPNLVETVKGYAAHEKEILEEIANARAKLIGAKTPQESAQADAELSSALSRLLAI
AENYPNLKADANFRQLMDELAGTENRIAVARRDYNEAVKKYNTAIKKFPGVIFAKMFGFEEKQYFEAKPGAEEVPEVKF
;
_struct_ref.pdbx_align_begin           35 
_struct_ref.pdbx_db_isoform            ? 
# 
_struct_ref_seq.align_id                      1 
_struct_ref_seq.ref_id                        1 
_struct_ref_seq.pdbx_PDB_id_code              2ETD 
_struct_ref_seq.pdbx_strand_id                A 
_struct_ref_seq.seq_align_beg                 13 
_struct_ref_seq.pdbx_seq_align_beg_ins_code   ? 
_struct_ref_seq.seq_align_end                 171 
_struct_ref_seq.pdbx_seq_align_end_ins_code   ? 
_struct_ref_seq.pdbx_db_accession             Q9X056 
_struct_ref_seq.db_align_beg                  35 
_struct_ref_seq.pdbx_db_align_beg_ins_code    ? 
_struct_ref_seq.db_align_end                  193 
_struct_ref_seq.pdbx_db_align_end_ins_code    ? 
_struct_ref_seq.pdbx_auth_seq_align_beg       35 
_struct_ref_seq.pdbx_auth_seq_align_end       193 
# 
loop_
_struct_ref_seq_dif.align_id 
_struct_ref_seq_dif.pdbx_pdb_id_code 
_struct_ref_seq_dif.mon_id 
_struct_ref_seq_dif.pdbx_pdb_strand_id 
_struct_ref_seq_dif.seq_num 
_struct_ref_seq_dif.pdbx_pdb_ins_code 
_struct_ref_seq_dif.pdbx_seq_db_name 
_struct_ref_seq_dif.pdbx_seq_db_accession_code 
_struct_ref_seq_dif.db_mon_id 
_struct_ref_seq_dif.pdbx_seq_db_seq_num 
_struct_ref_seq_dif.details 
_struct_ref_seq_dif.pdbx_auth_seq_num 
_struct_ref_seq_dif.pdbx_ordinal 
1 2ETD MSE A 1   ? UNP Q9X056 ?   ?   'expression tag'   -11 1  
1 2ETD GLY A 2   ? UNP Q9X056 ?   ?   'expression tag'   -10 2  
1 2ETD SER A 3   ? UNP Q9X056 ?   ?   'expression tag'   -9  3  
1 2ETD ASP A 4   ? UNP Q9X056 ?   ?   'expression tag'   -8  4  
1 2ETD MLY A 5   ? UNP Q9X056 ?   ?   'expression tag'   -7  5  
1 2ETD ILE A 6   ? UNP Q9X056 ?   ?   'expression tag'   -6  6  
1 2ETD HIS A 7   ? UNP Q9X056 ?   ?   'expression tag'   -5  7  
1 2ETD HIS A 8   ? UNP Q9X056 ?   ?   'expression tag'   -4  8  
1 2ETD HIS A 9   ? UNP Q9X056 ?   ?   'expression tag'   -3  9  
1 2ETD HIS A 10  ? UNP Q9X056 ?   ?   'expression tag'   -2  10 
1 2ETD HIS A 11  ? UNP Q9X056 ?   ?   'expression tag'   -1  11 
1 2ETD HIS A 12  ? UNP Q9X056 ?   ?   'expression tag'   0   12 
1 2ETD MLY A 23  ? UNP Q9X056 LYS 45  'modified residue' 45  13 
1 2ETD MLY A 46  ? UNP Q9X056 LYS 68  'modified residue' 68  14 
1 2ETD MLY A 53  ? UNP Q9X056 LYS 75  'modified residue' 75  15 
1 2ETD MLY A 65  ? UNP Q9X056 LYS 87  'modified residue' 87  16 
1 2ETD MLY A 70  ? UNP Q9X056 LYS 92  'modified residue' 92  17 
1 2ETD MLY A 100 ? UNP Q9X056 LYS 122 'modified residue' 122 18 
1 2ETD MSE A 109 ? UNP Q9X056 MET 131 'modified residue' 131 19 
1 2ETD MLY A 131 ? UNP Q9X056 LYS 153 'modified residue' 153 20 
1 2ETD MLY A 132 ? UNP Q9X056 LYS 154 'modified residue' 154 21 
1 2ETD MLY A 138 ? UNP Q9X056 LYS 160 'modified residue' 160 22 
1 2ETD MLY A 139 ? UNP Q9X056 LYS 161 'modified residue' 161 23 
1 2ETD MLY A 147 ? UNP Q9X056 LYS 169 'modified residue' 169 24 
1 2ETD MSE A 148 ? UNP Q9X056 MET 170 'modified residue' 170 25 
1 2ETD MLY A 154 ? UNP Q9X056 LYS 176 'modified residue' 176 26 
1 2ETD MLY A 160 ? UNP Q9X056 LYS 182 'modified residue' 182 27 
1 2ETD MLY A 170 ? UNP Q9X056 LYS 192 'modified residue' 192 28 
# 
loop_
_chem_comp.id 
_chem_comp.type 
_chem_comp.mon_nstd_flag 
_chem_comp.name 
_chem_comp.pdbx_synonyms 
_chem_comp.formula 
_chem_comp.formula_weight 
ALA 'L-peptide linking' y ALANINE           ? 'C3 H7 N O2'     89.093  
ARG 'L-peptide linking' y ARGININE          ? 'C6 H15 N4 O2 1' 175.209 
ASN 'L-peptide linking' y ASPARAGINE        ? 'C4 H8 N2 O3'    132.118 
ASP 'L-peptide linking' y 'ASPARTIC ACID'   ? 'C4 H7 N O4'     133.103 
CL  non-polymer         . 'CHLORIDE ION'    ? 'Cl -1'          35.453  
GLN 'L-peptide linking' y GLUTAMINE         ? 'C5 H10 N2 O3'   146.144 
GLU 'L-peptide linking' y 'GLUTAMIC ACID'   ? 'C5 H9 N O4'     147.129 
GLY 'peptide linking'   y GLYCINE           ? 'C2 H5 N O2'     75.067  
HIS 'L-peptide linking' y HISTIDINE         ? 'C6 H10 N3 O2 1' 156.162 
HOH non-polymer         . WATER             ? 'H2 O'           18.015  
ILE 'L-peptide linking' y ISOLEUCINE        ? 'C6 H13 N O2'    131.173 
LEU 'L-peptide linking' y LEUCINE           ? 'C6 H13 N O2'    131.173 
LYS 'L-peptide linking' y LYSINE            ? 'C6 H15 N2 O2 1' 147.195 
MET 'L-peptide linking' y METHIONINE        ? 'C5 H11 N O2 S'  149.211 
MLY 'L-peptide linking' n N-DIMETHYL-LYSINE ? 'C8 H18 N2 O2'   174.241 
MSE 'L-peptide linking' n SELENOMETHIONINE  ? 'C5 H11 N O2 Se' 196.106 
PHE 'L-peptide linking' y PHENYLALANINE     ? 'C9 H11 N O2'    165.189 
PRO 'L-peptide linking' y PROLINE           ? 'C5 H9 N O2'     115.130 
SER 'L-peptide linking' y SERINE            ? 'C3 H7 N O3'     105.093 
THR 'L-peptide linking' y THREONINE         ? 'C4 H9 N O3'     119.119 
TYR 'L-peptide linking' y TYROSINE          ? 'C9 H11 N O3'    181.189 
VAL 'L-peptide linking' y VALINE            ? 'C5 H11 N O2'    117.146 
# 
_exptl.crystals_number   1 
_exptl.method            'X-RAY DIFFRACTION' 
_exptl.entry_id          2ETD 
# 
_exptl_crystal.id                    1 
_exptl_crystal.density_percent_sol   46.39 
_exptl_crystal.density_Matthews      2.29 
_exptl_crystal.description           ? 
_exptl_crystal.density_meas          ? 
_exptl_crystal.F_000                 ? 
_exptl_crystal.preparation           ? 
# 
_exptl_crystal_grow.crystal_id      1 
_exptl_crystal_grow.method          'VAPOR DIFFUSION,SITTING DROP,NANODROP' 
_exptl_crystal_grow.pH              6.3 
_exptl_crystal_grow.temp            277 
_exptl_crystal_grow.pdbx_details    
'0.2M NH4NO3, 20.0% PEG-3350, No Buffer pH 6.3 , VAPOR DIFFUSION,SITTING DROP,NANODROP, temperature 277K' 
_exptl_crystal_grow.temp_details    ? 
_exptl_crystal_grow.pdbx_pH_range   . 
# 
_diffrn.id                     1 
_diffrn.ambient_temp           100 
_diffrn.ambient_temp_details   ? 
_diffrn.crystal_id             1 
# 
_diffrn_detector.diffrn_id              1 
_diffrn_detector.detector               CCD 
_diffrn_detector.type                   'ADSC QUANTUM 315' 
_diffrn_detector.details                ? 
_diffrn_detector.pdbx_collection_date   2005-09-09 
# 
_diffrn_radiation.diffrn_id                        1 
_diffrn_radiation.wavelength_id                    1 
_diffrn_radiation.pdbx_diffrn_protocol             MAD 
_diffrn_radiation.monochromator                    'DOUBLE CRYSTAL SI(111)' 
_diffrn_radiation.pdbx_monochromatic_or_laue_m_l   M 
_diffrn_radiation.pdbx_scattering_type             x-ray 
# 
loop_
_diffrn_radiation_wavelength.id 
_diffrn_radiation_wavelength.wavelength 
_diffrn_radiation_wavelength.wt 
1 1.0163 1.0 
2 0.9797 1.0 
3 0.9796 1.0 
# 
_diffrn_source.diffrn_id                   1 
_diffrn_source.source                      SYNCHROTRON 
_diffrn_source.pdbx_synchrotron_beamline   8.2.2 
_diffrn_source.type                        'ALS BEAMLINE 8.2.2' 
_diffrn_source.pdbx_wavelength             ? 
_diffrn_source.pdbx_wavelength_list        '1.0163, 0.9797, 0.9796' 
_diffrn_source.pdbx_synchrotron_site       ALS 
# 
_reflns.entry_id                     2ETD 
_reflns.d_resolution_low             30.00 
_reflns.d_resolution_high            2.25 
_reflns.number_obs                   8126 
_reflns.percent_possible_obs         90.100 
_reflns.pdbx_Rmerge_I_obs            0.067 
_reflns.pdbx_chi_squared             1.030 
_reflns.pdbx_redundancy              3.500 
_reflns.pdbx_scaling_rejects         ? 
_reflns.pdbx_netI_over_sigmaI        ? 
_reflns.pdbx_Rsym_value              ? 
_reflns.observed_criterion_sigma_F   ? 
_reflns.observed_criterion_sigma_I   ? 
_reflns.number_all                   ? 
_reflns.B_iso_Wilson_estimate        ? 
_reflns.R_free_details               ? 
_reflns.limit_h_max                  ? 
_reflns.limit_h_min                  ? 
_reflns.limit_k_max                  ? 
_reflns.limit_k_min                  ? 
_reflns.limit_l_max                  ? 
_reflns.limit_l_min                  ? 
_reflns.observed_criterion_F_max     ? 
_reflns.observed_criterion_F_min     ? 
_reflns.pdbx_ordinal                 1 
_reflns.pdbx_diffrn_id               1 
# 
loop_
_reflns_shell.d_res_low 
_reflns_shell.d_res_high 
_reflns_shell.number_measured_obs 
_reflns_shell.percent_possible_obs 
_reflns_shell.Rmerge_I_obs 
_reflns_shell.pdbx_chi_squared 
_reflns_shell.pdbx_redundancy 
_reflns_shell.number_unique_obs 
_reflns_shell.meanI_over_sigI_obs 
_reflns_shell.pdbx_Rsym_value 
_reflns_shell.percent_possible_all 
_reflns_shell.number_unique_all 
_reflns_shell.number_measured_all 
_reflns_shell.pdbx_ordinal 
_reflns_shell.pdbx_diffrn_id 
2.33  2.25 549 62.000 0.332 1.080 3.500 ? ? ? ? ? ? 1  1 
2.42  2.33 872 99.900 0.177 1.043 3.600 ? ? ? ? ? ? 2  1 
2.53  2.42 887 99.300 0.158 1.060 3.600 ? ? ? ? ? ? 3  1 
2.67  2.53 894 99.800 0.144 1.066 3.600 ? ? ? ? ? ? 4  1 
2.83  2.67 876 99.300 0.112 1.002 3.600 ? ? ? ? ? ? 5  1 
3.05  2.83 889 99.200 0.088 0.996 3.600 ? ? ? ? ? ? 6  1 
3.36  3.05 876 98.500 0.077 1.017 3.600 ? ? ? ? ? ? 7  1 
3.85  3.36 587 64.900 0.078 0.994 3.300 ? ? ? ? ? ? 8  1 
4.84  3.85 779 84.500 0.054 1.039 3.500 ? ? ? ? ? ? 9  1 
30.00 4.84 917 94.300 0.041 1.012 3.400 ? ? ? ? ? ? 10 1 
# 
_refine.ls_d_res_high                            2.280 
_refine.ls_d_res_low                             26.70 
_refine.ls_percent_reflns_obs                    93.030 
_refine.ls_number_reflns_obs                     7717 
_refine.pdbx_ls_cross_valid_method               THROUGHOUT 
_refine.pdbx_R_Free_selection_details            RANDOM 
_refine.ls_R_factor_all                          0.219 
_refine.ls_R_factor_R_work                       0.216 
_refine.ls_R_factor_R_free                       0.27 
_refine.ls_percent_reflns_R_free                 4.600 
_refine.ls_number_reflns_R_free                  375 
_refine.B_iso_mean                               40.488 
_refine.aniso_B[1][1]                            -1.660 
_refine.aniso_B[2][2]                            1.780 
_refine.aniso_B[3][3]                            -0.110 
_refine.aniso_B[1][2]                            0.000 
_refine.aniso_B[1][3]                            0.000 
_refine.aniso_B[2][3]                            0.000 
_refine.correlation_coeff_Fo_to_Fc               0.934 
_refine.correlation_coeff_Fo_to_Fc_free          0.913 
_refine.pdbx_overall_ESU_R                       0.318 
_refine.pdbx_overall_ESU_R_Free                  0.250 
_refine.overall_SU_ML                            0.175 
_refine.overall_SU_B                             13.938 
_refine.solvent_model_details                    'BABINET MODEL WITH MASK' 
_refine.pdbx_solvent_vdw_probe_radii             1.200 
_refine.pdbx_solvent_ion_probe_radii             0.800 
_refine.pdbx_solvent_shrinkage_radii             0.800 
_refine.pdbx_stereochemistry_target_values       'MAXIMUM LIKELIHOOD WITH PHASES' 
_refine.pdbx_method_to_determine_struct          MAD 
_refine.entry_id                                 2ETD 
_refine.pdbx_ls_sigma_F                          ? 
_refine.pdbx_ls_sigma_I                          ? 
_refine.ls_number_reflns_all                     ? 
_refine.ls_R_factor_obs                          ? 
_refine.ls_redundancy_reflns_obs                 ? 
_refine.pdbx_data_cutoff_high_absF               ? 
_refine.pdbx_data_cutoff_low_absF                ? 
_refine.ls_number_parameters                     ? 
_refine.ls_number_restraints                     ? 
_refine.ls_R_factor_R_free_error                 ? 
_refine.ls_R_factor_R_free_error_details         ? 
_refine.pdbx_starting_model                      ? 
_refine.pdbx_stereochem_target_val_spec_case     ? 
_refine.solvent_model_param_bsol                 ? 
_refine.solvent_model_param_ksol                 ? 
_refine.occupancy_max                            ? 
_refine.occupancy_min                            ? 
_refine.pdbx_isotropic_thermal_model             ? 
_refine.details                                  
;1. HYDROGENS HAVE BEEN ADDED IN THE RIDING POSITIONS
2. A MET-INHIBITION PROTOCOL WAS USED FOR SELENOMETHIONINE INCORPORATION
DURING PROTEIN EXPRESSION.  THE OCCUPANCY OF THE SE ATOMS IN THE MSE
RESIDUES WAS REDUCED TO 0.7 TO ACCOUNT FOR THE REDUCED SCATTERING POWER
DUE TO PARTIAL S-MET INCORPORATION.
3. THE STRUCTURE WAS NOT MODELED BETWEEN 162-171 BECAUSE THE ELECTRON DENSITY
IN THIS REGION IS DISORDERED.
4. THIS PROTEIN IS REDUCTIVELY METHYLATED. HOWEVER, DENSITY FOR MOST OF THE 
METHYL GROUPS ARE NOT OBSERVED, MAYBE DUE TO FLEXIBILITY OR LIMITED RESOLUTION.
;
_refine.B_iso_min                                ? 
_refine.B_iso_max                                ? 
_refine.overall_SU_R_Cruickshank_DPI             ? 
_refine.overall_SU_R_free                        ? 
_refine.pdbx_data_cutoff_high_rms_absF           ? 
_refine.ls_wR_factor_R_free                      ? 
_refine.ls_wR_factor_R_work                      ? 
_refine.overall_FOM_free_R_set                   ? 
_refine.overall_FOM_work_R_set                   ? 
_refine.pdbx_refine_id                           'X-RAY DIFFRACTION' 
_refine.pdbx_TLS_residual_ADP_flag               'LIKELY RESIDUAL' 
_refine.pdbx_diffrn_id                           1 
_refine.pdbx_overall_phase_error                 ? 
_refine.pdbx_overall_SU_R_free_Cruickshank_DPI   ? 
_refine.pdbx_overall_SU_R_Blow_DPI               ? 
_refine.pdbx_overall_SU_R_free_Blow_DPI          ? 
# 
_refine_hist.pdbx_refine_id                   'X-RAY DIFFRACTION' 
_refine_hist.cycle_id                         LAST 
_refine_hist.pdbx_number_atoms_protein        1106 
_refine_hist.pdbx_number_atoms_nucleic_acid   0 
_refine_hist.pdbx_number_atoms_ligand         1 
_refine_hist.number_atoms_solvent             62 
_refine_hist.number_atoms_total               1169 
_refine_hist.d_res_high                       2.280 
_refine_hist.d_res_low                        26.70 
# 
loop_
_refine_ls_restr.type 
_refine_ls_restr.number 
_refine_ls_restr.dev_ideal 
_refine_ls_restr.dev_ideal_target 
_refine_ls_restr.weight 
_refine_ls_restr.pdbx_refine_id 
_refine_ls_restr.pdbx_restraint_function 
r_bond_refined_d         1119 0.016  0.022  ? 'X-RAY DIFFRACTION' ? 
r_bond_other_d           1023 0.001  0.020  ? 'X-RAY DIFFRACTION' ? 
r_angle_refined_deg      1505 1.362  1.968  ? 'X-RAY DIFFRACTION' ? 
r_angle_other_deg        2384 0.835  3.000  ? 'X-RAY DIFFRACTION' ? 
r_dihedral_angle_1_deg   139  5.250  5.000  ? 'X-RAY DIFFRACTION' ? 
r_dihedral_angle_2_deg   57   31.773 25.263 ? 'X-RAY DIFFRACTION' ? 
r_dihedral_angle_3_deg   208  15.049 15.000 ? 'X-RAY DIFFRACTION' ? 
r_dihedral_angle_4_deg   8    24.674 15.000 ? 'X-RAY DIFFRACTION' ? 
r_chiral_restr           168  0.076  0.200  ? 'X-RAY DIFFRACTION' ? 
r_gen_planes_refined     1246 0.005  0.020  ? 'X-RAY DIFFRACTION' ? 
r_gen_planes_other       210  0.001  0.020  ? 'X-RAY DIFFRACTION' ? 
r_nbd_refined            259  0.218  0.200  ? 'X-RAY DIFFRACTION' ? 
r_nbd_other              927  0.168  0.200  ? 'X-RAY DIFFRACTION' ? 
r_nbtor_refined          540  0.182  0.200  ? 'X-RAY DIFFRACTION' ? 
r_nbtor_other            656  0.085  0.200  ? 'X-RAY DIFFRACTION' ? 
r_xyhbond_nbd_refined    41   0.199  0.200  ? 'X-RAY DIFFRACTION' ? 
r_symmetry_vdw_refined   9    0.181  0.200  ? 'X-RAY DIFFRACTION' ? 
r_symmetry_vdw_other     18   0.386  0.200  ? 'X-RAY DIFFRACTION' ? 
r_symmetry_hbond_refined 6    0.133  0.200  ? 'X-RAY DIFFRACTION' ? 
r_mcbond_it              735  2.243  3.000  ? 'X-RAY DIFFRACTION' ? 
r_mcbond_other           284  0.562  3.000  ? 'X-RAY DIFFRACTION' ? 
r_mcangle_it             1116 3.354  5.000  ? 'X-RAY DIFFRACTION' ? 
r_scbond_it              449  5.965  8.000  ? 'X-RAY DIFFRACTION' ? 
r_scangle_it             389  8.617  11.000 ? 'X-RAY DIFFRACTION' ? 
# 
_refine_ls_shell.d_res_high                       2.280 
_refine_ls_shell.d_res_low                        2.339 
_refine_ls_shell.pdbx_total_number_of_bins_used   20 
_refine_ls_shell.percent_reflns_obs               93.210 
_refine_ls_shell.number_reflns_R_work             568 
_refine_ls_shell.R_factor_R_work                  0.24 
_refine_ls_shell.R_factor_R_free                  0.391 
_refine_ls_shell.percent_reflns_R_free            ? 
_refine_ls_shell.number_reflns_R_free             22 
_refine_ls_shell.R_factor_R_free_error            ? 
_refine_ls_shell.number_reflns_obs                ? 
_refine_ls_shell.redundancy_reflns_obs            ? 
_refine_ls_shell.number_reflns_all                ? 
_refine_ls_shell.R_factor_all                     ? 
_refine_ls_shell.pdbx_refine_id                   'X-RAY DIFFRACTION' 
# 
_struct.entry_id                  2ETD 
_struct.title                     'Crystal structure of a lema protein (tm0961) from thermotoga maritima msb8 at 2.28 A resolution' 
_struct.pdbx_model_details        ? 
_struct.pdbx_CASP_flag            ? 
_struct.pdbx_model_type_details   ? 
# 
_struct_keywords.text            
;Bromodomain-like fold, structural genomics, Joint Center for Structural Genomics, JCSG, Protein Structure Initiative, PSI-2, membrane protein
;
_struct_keywords.pdbx_keywords   'MEMBRANE PROTEIN' 
_struct_keywords.entry_id        2ETD 
# 
loop_
_struct_asym.id 
_struct_asym.pdbx_blank_PDB_chainid_flag 
_struct_asym.pdbx_modified 
_struct_asym.entity_id 
_struct_asym.details 
A N N 1 ? 
B N N 2 ? 
C N N 3 ? 
# 
_struct_biol.id                    1 
_struct_biol.details               
;SIZE EXCLUSION CHROMATOGRAPHY WITH STATIC LIGHT
SCATTERING SUPPORTS THE ASSIGNMENT OF A MONOMER AS
A BIOLOGICALLY SIGNIFICANT OLIGIMERIZATION STATE.
;
_struct_biol.pdbx_parent_biol_id   ? 
# 
loop_
_struct_conf.conf_type_id 
_struct_conf.id 
_struct_conf.pdbx_PDB_helix_id 
_struct_conf.beg_label_comp_id 
_struct_conf.beg_label_asym_id 
_struct_conf.beg_label_seq_id 
_struct_conf.pdbx_beg_PDB_ins_code 
_struct_conf.end_label_comp_id 
_struct_conf.end_label_asym_id 
_struct_conf.end_label_seq_id 
_struct_conf.pdbx_end_PDB_ins_code 
_struct_conf.beg_auth_comp_id 
_struct_conf.beg_auth_asym_id 
_struct_conf.beg_auth_seq_id 
_struct_conf.end_auth_comp_id 
_struct_conf.end_auth_asym_id 
_struct_conf.end_auth_seq_id 
_struct_conf.pdbx_PDB_helix_class 
_struct_conf.details 
_struct_conf.pdbx_PDB_helix_length 
HELX_P HELX_P1 1 HIS A 11  ? ALA A 49  ? HIS A -1  ALA A 71  1 ? 39 
HELX_P HELX_P2 2 GLU A 52  ? ALA A 69  ? GLU A 74  ALA A 91  1 ? 18 
HELX_P HELX_P3 3 THR A 71  ? GLU A 94  ? THR A 93  GLU A 116 1 ? 24 
HELX_P HELX_P4 4 TYR A 96  ? ASP A 102 ? TYR A 118 ASP A 124 1 ? 7  
HELX_P HELX_P5 5 ASP A 102 ? MLY A 138 ? ASP A 124 MLY A 160 1 ? 37 
# 
_struct_conf_type.id          HELX_P 
_struct_conf_type.criteria    ? 
_struct_conf_type.reference   ? 
# 
loop_
_struct_conn.id 
_struct_conn.conn_type_id 
_struct_conn.pdbx_leaving_atom_flag 
_struct_conn.pdbx_PDB_id 
_struct_conn.ptnr1_label_asym_id 
_struct_conn.ptnr1_label_comp_id 
_struct_conn.ptnr1_label_seq_id 
_struct_conn.ptnr1_label_atom_id 
_struct_conn.pdbx_ptnr1_label_alt_id 
_struct_conn.pdbx_ptnr1_PDB_ins_code 
_struct_conn.pdbx_ptnr1_standard_comp_id 
_struct_conn.ptnr1_symmetry 
_struct_conn.ptnr2_label_asym_id 
_struct_conn.ptnr2_label_comp_id 
_struct_conn.ptnr2_label_seq_id 
_struct_conn.ptnr2_label_atom_id 
_struct_conn.pdbx_ptnr2_label_alt_id 
_struct_conn.pdbx_ptnr2_PDB_ins_code 
_struct_conn.ptnr1_auth_asym_id 
_struct_conn.ptnr1_auth_comp_id 
_struct_conn.ptnr1_auth_seq_id 
_struct_conn.ptnr2_auth_asym_id 
_struct_conn.ptnr2_auth_comp_id 
_struct_conn.ptnr2_auth_seq_id 
_struct_conn.ptnr2_symmetry 
_struct_conn.pdbx_ptnr3_label_atom_id 
_struct_conn.pdbx_ptnr3_label_seq_id 
_struct_conn.pdbx_ptnr3_label_comp_id 
_struct_conn.pdbx_ptnr3_label_asym_id 
_struct_conn.pdbx_ptnr3_label_alt_id 
_struct_conn.pdbx_ptnr3_PDB_ins_code 
_struct_conn.details 
_struct_conn.pdbx_dist_value 
_struct_conn.pdbx_value_order 
_struct_conn.pdbx_role 
covale1  covale both ? A GLU 22  C ? ? ? 1_555 A MLY 23  N ? ? A GLU 44  A MLY 45  1_555 ? ? ? ? ? ? ? 1.334 ? ? 
covale2  covale both ? A MLY 23  C ? ? ? 1_555 A TYR 24  N ? ? A MLY 45  A TYR 46  1_555 ? ? ? ? ? ? ? 1.323 ? ? 
covale3  covale both ? A VAL 45  C ? ? ? 1_555 A MLY 46  N ? ? A VAL 67  A MLY 68  1_555 ? ? ? ? ? ? ? 1.331 ? ? 
covale4  covale both ? A MLY 46  C ? ? ? 1_555 A GLY 47  N ? ? A MLY 68  A GLY 69  1_555 ? ? ? ? ? ? ? 1.336 ? ? 
covale5  covale both ? A GLU 52  C ? ? ? 1_555 A MLY 53  N ? ? A GLU 74  A MLY 75  1_555 ? ? ? ? ? ? ? 1.328 ? ? 
covale6  covale both ? A MLY 53  C ? ? ? 1_555 A GLU 54  N ? ? A MLY 75  A GLU 76  1_555 ? ? ? ? ? ? ? 1.323 ? ? 
covale7  covale both ? A ALA 64  C ? ? ? 1_555 A MLY 65  N ? ? A ALA 86  A MLY 87  1_555 ? ? ? ? ? ? ? 1.340 ? ? 
covale8  covale both ? A MLY 65  C ? ? ? 1_555 A LEU 66  N ? ? A MLY 87  A LEU 88  1_555 ? ? ? ? ? ? ? 1.315 ? ? 
covale9  covale both ? A ALA 69  C ? ? ? 1_555 A MLY 70  N ? ? A ALA 91  A MLY 92  1_555 ? ? ? ? ? ? ? 1.330 ? ? 
covale10 covale both ? A MLY 70  C ? ? ? 1_555 A THR 71  N ? ? A MLY 92  A THR 93  1_555 ? ? ? ? ? ? ? 1.323 ? ? 
covale11 covale both ? A LEU 99  C ? ? ? 1_555 A MLY 100 N ? ? A LEU 121 A MLY 122 1_555 ? ? ? ? ? ? ? 1.326 ? ? 
covale12 covale both ? A MLY 100 C ? ? ? 1_555 A ALA 101 N ? ? A MLY 122 A ALA 123 1_555 ? ? ? ? ? ? ? 1.330 ? ? 
covale13 covale both ? A LEU 108 C ? ? ? 1_555 A MSE 109 N ? ? A LEU 130 A MSE 131 1_555 ? ? ? ? ? ? ? 1.349 ? ? 
covale14 covale both ? A MSE 109 C ? ? ? 1_555 A ASP 110 N ? ? A MSE 131 A ASP 132 1_555 ? ? ? ? ? ? ? 1.338 ? ? 
covale15 covale both ? A VAL 130 C ? ? ? 1_555 A MLY 131 N ? ? A VAL 152 A MLY 153 1_555 ? ? ? ? ? ? ? 1.336 ? ? 
covale16 covale both ? A MLY 131 C ? ? ? 1_555 A MLY 132 N ? ? A MLY 153 A MLY 154 1_555 ? ? ? ? ? ? ? 1.332 ? ? 
covale17 covale both ? A MLY 132 C ? ? ? 1_555 A TYR 133 N ? ? A MLY 154 A TYR 155 1_555 ? ? ? ? ? ? ? 1.327 ? ? 
covale18 covale both ? A ILE 137 C ? ? ? 1_555 A MLY 138 N ? ? A ILE 159 A MLY 160 1_555 ? ? ? ? ? ? ? 1.335 ? ? 
covale19 covale both ? A MLY 138 C ? ? ? 1_555 A MLY 139 N ? ? A MLY 160 A MLY 161 1_555 ? ? ? ? ? ? ? 1.337 ? ? 
covale20 covale both ? A GLU 153 C ? ? ? 1_555 A MLY 154 N ? ? A GLU 175 A MLY 176 1_555 ? ? ? ? ? ? ? 1.317 ? ? 
covale21 covale both ? A MLY 154 C ? ? ? 1_555 A GLN 155 N ? ? A MLY 176 A GLN 177 1_555 ? ? ? ? ? ? ? 1.329 ? ? 
covale22 covale both ? A ALA 159 C ? ? ? 1_555 A MLY 160 N ? ? A ALA 181 A MLY 182 1_555 ? ? ? ? ? ? ? 1.333 ? ? 
covale23 covale both ? A MLY 160 C ? ? ? 1_555 A PRO 161 N ? ? A MLY 182 A PRO 183 1_555 ? ? ? ? ? ? ? 1.336 ? ? 
# 
_struct_conn_type.id          covale 
_struct_conn_type.criteria    ? 
_struct_conn_type.reference   ? 
# 
_struct_site.id                   AC1 
_struct_site.pdbx_evidence_code   Software 
_struct_site.pdbx_auth_asym_id    A 
_struct_site.pdbx_auth_comp_id    CL 
_struct_site.pdbx_auth_seq_id     1 
_struct_site.pdbx_auth_ins_code   ? 
_struct_site.pdbx_num_residues    2 
_struct_site.details              'BINDING SITE FOR RESIDUE CL A 1' 
# 
loop_
_struct_site_gen.id 
_struct_site_gen.site_id 
_struct_site_gen.pdbx_num_res 
_struct_site_gen.label_comp_id 
_struct_site_gen.label_asym_id 
_struct_site_gen.label_seq_id 
_struct_site_gen.pdbx_auth_ins_code 
_struct_site_gen.auth_comp_id 
_struct_site_gen.auth_asym_id 
_struct_site_gen.auth_seq_id 
_struct_site_gen.label_atom_id 
_struct_site_gen.label_alt_id 
_struct_site_gen.symmetry 
_struct_site_gen.details 
1 AC1 2 ARG A 34 ? ARG A 56  . ? 1_555 ? 
2 AC1 2 LEU A 86 ? LEU A 108 . ? 1_555 ? 
# 
_atom_sites.entry_id                    2ETD 
_atom_sites.fract_transf_matrix[1][1]   0.00049142 
_atom_sites.fract_transf_matrix[1][2]   0.00916713 
_atom_sites.fract_transf_matrix[1][3]   0.00838016 
_atom_sites.fract_transf_matrix[2][1]   0.01166425 
_atom_sites.fract_transf_matrix[2][2]   0.00043609 
_atom_sites.fract_transf_matrix[2][3]   -0.00116104 
_atom_sites.fract_transf_matrix[3][1]   -0.00183671 
_atom_sites.fract_transf_matrix[3][2]   0.01263006 
_atom_sites.fract_transf_matrix[3][3]   -0.01370842 
_atom_sites.fract_transf_vector[1]      0.175553 
_atom_sites.fract_transf_vector[2]      0.339838 
_atom_sites.fract_transf_vector[3]      1.006999 
# 
loop_
_atom_type.symbol 
C  
CL 
N  
O  
SE 
# 
loop_
_atom_site.group_PDB 
_atom_site.id 
_atom_site.type_symbol 
_atom_site.label_atom_id 
_atom_site.label_alt_id 
_atom_site.label_comp_id 
_atom_site.label_asym_id 
_atom_site.label_entity_id 
_atom_site.label_seq_id 
_atom_site.pdbx_PDB_ins_code 
_atom_site.Cartn_x 
_atom_site.Cartn_y 
_atom_site.Cartn_z 
_atom_site.occupancy 
_atom_site.B_iso_or_equiv 
_atom_site.pdbx_formal_charge 
_atom_site.auth_seq_id 
_atom_site.auth_comp_id 
_atom_site.auth_asym_id 
_atom_site.auth_atom_id 
_atom_site.pdbx_PDB_model_num 
ATOM   1    N  N   . HIS A 1 11  ? 13.199  -13.666 26.977  1.00 45.40 ? -1  HIS A N   1 
ATOM   2    C  CA  . HIS A 1 11  ? 12.630  -14.738 26.134  1.00 45.39 ? -1  HIS A CA  1 
ATOM   3    C  C   . HIS A 1 11  ? 11.541  -14.088 25.294  1.00 47.29 ? -1  HIS A C   1 
ATOM   4    O  O   . HIS A 1 11  ? 11.646  -14.012 24.060  1.00 42.61 ? -1  HIS A O   1 
ATOM   5    C  CB  . HIS A 1 11  ? 12.056  -15.882 26.988  1.00 45.52 ? -1  HIS A CB  1 
ATOM   6    N  N   . HIS A 1 12  ? 10.530  -13.555 25.981  1.00 48.70 ? 0   HIS A N   1 
ATOM   7    C  CA  . HIS A 1 12  ? 9.333   -13.076 25.298  1.00 49.72 ? 0   HIS A CA  1 
ATOM   8    C  C   . HIS A 1 12  ? 9.554   -11.818 24.499  1.00 45.37 ? 0   HIS A C   1 
ATOM   9    O  O   . HIS A 1 12  ? 8.998   -11.699 23.417  1.00 45.58 ? 0   HIS A O   1 
ATOM   10   C  CB  . HIS A 1 12  ? 8.144   -12.977 26.259  1.00 51.88 ? 0   HIS A CB  1 
ATOM   11   C  CG  . HIS A 1 12  ? 7.709   -14.323 26.755  1.00 61.60 ? 0   HIS A CG  1 
ATOM   12   N  ND1 . HIS A 1 12  ? 7.486   -14.597 28.088  1.00 67.58 ? 0   HIS A ND1 1 
ATOM   13   C  CD2 . HIS A 1 12  ? 7.540   -15.497 26.095  1.00 65.82 ? 0   HIS A CD2 1 
ATOM   14   C  CE1 . HIS A 1 12  ? 7.163   -15.872 28.224  1.00 69.58 ? 0   HIS A CE1 1 
ATOM   15   N  NE2 . HIS A 1 12  ? 7.195   -16.441 27.031  1.00 69.36 ? 0   HIS A NE2 1 
ATOM   16   N  N   . LEU A 1 13  ? 10.419  -10.926 24.977  1.00 42.18 ? 35  LEU A N   1 
ATOM   17   C  CA  . LEU A 1 13  ? 10.640  -9.654  24.278  1.00 40.06 ? 35  LEU A CA  1 
ATOM   18   C  C   . LEU A 1 13  ? 11.261  -9.881  22.917  1.00 36.97 ? 35  LEU A C   1 
ATOM   19   O  O   . LEU A 1 13  ? 10.787  -9.305  21.931  1.00 31.50 ? 35  LEU A O   1 
ATOM   20   C  CB  . LEU A 1 13  ? 11.508  -8.692  25.090  1.00 40.66 ? 35  LEU A CB  1 
ATOM   21   C  CG  . LEU A 1 13  ? 10.895  -8.095  26.373  1.00 47.85 ? 35  LEU A CG  1 
ATOM   22   C  CD1 . LEU A 1 13  ? 11.734  -6.919  26.835  1.00 49.69 ? 35  LEU A CD1 1 
ATOM   23   C  CD2 . LEU A 1 13  ? 9.450   -7.656  26.176  1.00 56.11 ? 35  LEU A CD2 1 
ATOM   24   N  N   . VAL A 1 14  ? 12.310  -10.710 22.887  1.00 34.36 ? 36  VAL A N   1 
ATOM   25   C  CA  . VAL A 1 14  ? 13.011  -11.066 21.658  1.00 36.23 ? 36  VAL A CA  1 
ATOM   26   C  C   . VAL A 1 14  ? 12.038  -11.709 20.682  1.00 37.56 ? 36  VAL A C   1 
ATOM   27   O  O   . VAL A 1 14  ? 11.959  -11.332 19.495  1.00 35.89 ? 36  VAL A O   1 
ATOM   28   C  CB  . VAL A 1 14  ? 14.192  -12.048 21.920  1.00 36.27 ? 36  VAL A CB  1 
ATOM   29   N  N   . SER A 1 15  ? 11.277  -12.677 21.181  1.00 38.61 ? 37  SER A N   1 
ATOM   30   C  CA  . SER A 1 15  ? 10.351  -13.410 20.327  1.00 38.46 ? 37  SER A CA  1 
ATOM   31   C  C   . SER A 1 15  ? 9.138   -12.567 19.931  1.00 37.34 ? 37  SER A C   1 
ATOM   32   O  O   . SER A 1 15  ? 8.657   -12.687 18.823  1.00 38.34 ? 37  SER A O   1 
ATOM   33   C  CB  . SER A 1 15  ? 9.952   -14.732 20.981  1.00 38.43 ? 37  SER A CB  1 
ATOM   34   O  OG  . SER A 1 15  ? 9.631   -14.542 22.333  1.00 45.94 ? 37  SER A OG  1 
ATOM   35   N  N   . LEU A 1 16  ? 8.663   -11.685 20.805  1.00 37.23 ? 38  LEU A N   1 
ATOM   36   C  CA  . LEU A 1 16  ? 7.552   -10.800 20.435  1.00 36.97 ? 38  LEU A CA  1 
ATOM   37   C  C   . LEU A 1 16  ? 8.015   -9.734  19.440  1.00 37.13 ? 38  LEU A C   1 
ATOM   38   O  O   . LEU A 1 16  ? 7.269   -9.367  18.497  1.00 35.75 ? 38  LEU A O   1 
ATOM   39   C  CB  . LEU A 1 16  ? 6.928   -10.135 21.658  1.00 36.87 ? 38  LEU A CB  1 
ATOM   40   C  CG  . LEU A 1 16  ? 6.097   -11.006 22.600  1.00 41.40 ? 38  LEU A CG  1 
ATOM   41   C  CD1 . LEU A 1 16  ? 5.788   -10.213 23.852  1.00 48.60 ? 38  LEU A CD1 1 
ATOM   42   C  CD2 . LEU A 1 16  ? 4.798   -11.466 21.936  1.00 48.64 ? 38  LEU A CD2 1 
ATOM   43   N  N   . GLU A 1 17  ? 9.251   -9.259  19.634  1.00 36.39 ? 39  GLU A N   1 
ATOM   44   C  CA  . GLU A 1 17  ? 9.875   -8.361  18.671  1.00 39.95 ? 39  GLU A CA  1 
ATOM   45   C  C   . GLU A 1 17  ? 10.042  -9.045  17.331  1.00 40.84 ? 39  GLU A C   1 
ATOM   46   O  O   . GLU A 1 17  ? 9.797   -8.443  16.292  1.00 40.69 ? 39  GLU A O   1 
ATOM   47   C  CB  . GLU A 1 17  ? 11.225  -7.867  19.150  1.00 38.54 ? 39  GLU A CB  1 
ATOM   48   C  CG  . GLU A 1 17  ? 11.730  -6.703  18.312  1.00 44.94 ? 39  GLU A CG  1 
ATOM   49   C  CD  . GLU A 1 17  ? 13.226  -6.444  18.454  1.00 53.84 ? 39  GLU A CD  1 
ATOM   50   O  OE1 . GLU A 1 17  ? 13.813  -6.864  19.459  1.00 47.77 ? 39  GLU A OE1 1 
ATOM   51   O  OE2 . GLU A 1 17  ? 13.816  -5.815  17.550  1.00 61.91 ? 39  GLU A OE2 1 
ATOM   52   N  N   . GLN A 1 18  ? 10.439  -10.312 17.386  1.00 40.19 ? 40  GLN A N   1 
ATOM   53   C  CA  . GLN A 1 18  ? 10.620  -11.128 16.213  1.00 41.82 ? 40  GLN A CA  1 
ATOM   54   C  C   . GLN A 1 18  ? 9.328   -11.193 15.412  1.00 41.09 ? 40  GLN A C   1 
ATOM   55   O  O   . GLN A 1 18  ? 9.345   -10.929 14.228  1.00 38.88 ? 40  GLN A O   1 
ATOM   56   C  CB  . GLN A 1 18  ? 11.114  -12.527 16.625  1.00 42.46 ? 40  GLN A CB  1 
ATOM   57   C  CG  . GLN A 1 18  ? 11.966  -13.246 15.603  1.00 46.18 ? 40  GLN A CG  1 
ATOM   58   C  CD  . GLN A 1 18  ? 12.716  -14.472 16.186  1.00 48.78 ? 40  GLN A CD  1 
ATOM   59   O  OE1 . GLN A 1 18  ? 13.108  -14.498 17.372  1.00 56.34 ? 40  GLN A OE1 1 
ATOM   60   N  NE2 . GLN A 1 18  ? 12.935  -15.478 15.336  1.00 52.88 ? 40  GLN A NE2 1 
ATOM   61   N  N   . GLU A 1 19  ? 8.217   -11.535 16.069  1.00 42.41 ? 41  GLU A N   1 
ATOM   62   C  CA  . GLU A 1 19  ? 6.889   -11.570 15.429  1.00 44.33 ? 41  GLU A CA  1 
ATOM   63   C  C   . GLU A 1 19  ? 6.528   -10.226 14.770  1.00 43.54 ? 41  GLU A C   1 
ATOM   64   O  O   . GLU A 1 19  ? 6.106   -10.186 13.623  1.00 40.63 ? 41  GLU A O   1 
ATOM   65   C  CB  . GLU A 1 19  ? 5.800   -11.915 16.459  1.00 46.01 ? 41  GLU A CB  1 
ATOM   66   C  CG  . GLU A 1 19  ? 5.497   -13.402 16.633  1.00 54.34 ? 41  GLU A CG  1 
ATOM   67   C  CD  . GLU A 1 19  ? 4.377   -13.914 15.708  1.00 70.38 ? 41  GLU A CD  1 
ATOM   68   O  OE1 . GLU A 1 19  ? 3.489   -13.102 15.318  1.00 74.48 ? 41  GLU A OE1 1 
ATOM   69   O  OE2 . GLU A 1 19  ? 4.384   -15.137 15.384  1.00 72.05 ? 41  GLU A OE2 1 
ATOM   70   N  N   . VAL A 1 20  ? 6.684   -9.133  15.517  1.00 42.19 ? 42  VAL A N   1 
ATOM   71   C  CA  . VAL A 1 20  ? 6.390   -7.818  14.989  1.00 40.22 ? 42  VAL A CA  1 
ATOM   72   C  C   . VAL A 1 20  ? 7.126   -7.633  13.650  1.00 42.33 ? 42  VAL A C   1 
ATOM   73   O  O   . VAL A 1 20  ? 6.522   -7.208  12.645  1.00 40.91 ? 42  VAL A O   1 
ATOM   74   C  CB  . VAL A 1 20  ? 6.798   -6.694  15.969  1.00 39.98 ? 42  VAL A CB  1 
ATOM   75   C  CG1 . VAL A 1 20  ? 6.766   -5.330  15.287  1.00 34.94 ? 42  VAL A CG1 1 
ATOM   76   C  CG2 . VAL A 1 20  ? 5.918   -6.705  17.214  1.00 38.91 ? 42  VAL A CG2 1 
ATOM   77   N  N   . GLN A 1 21  ? 8.408   -7.982  13.631  1.00 38.05 ? 43  GLN A N   1 
ATOM   78   C  CA  . GLN A 1 21  ? 9.214   -7.801  12.443  1.00 40.20 ? 43  GLN A CA  1 
ATOM   79   C  C   . GLN A 1 21  ? 8.799   -8.718  11.290  1.00 42.04 ? 43  GLN A C   1 
ATOM   80   O  O   . GLN A 1 21  ? 8.804   -8.295  10.122  1.00 42.21 ? 43  GLN A O   1 
ATOM   81   C  CB  . GLN A 1 21  ? 10.707  -7.994  12.763  1.00 40.04 ? 43  GLN A CB  1 
ATOM   82   C  CG  . GLN A 1 21  ? 11.591  -7.983  11.524  1.00 44.17 ? 43  GLN A CG  1 
ATOM   83   N  N   . GLU A 1 22  ? 8.451   -9.968  11.592  1.00 41.35 ? 44  GLU A N   1 
ATOM   84   C  CA  . GLU A 1 22  ? 8.005   -10.877 10.534  1.00 43.08 ? 44  GLU A CA  1 
ATOM   85   C  C   . GLU A 1 22  ? 6.670   -10.444 9.924   1.00 41.75 ? 44  GLU A C   1 
ATOM   86   O  O   . GLU A 1 22  ? 6.507   -10.507 8.712   1.00 42.69 ? 44  GLU A O   1 
ATOM   87   C  CB  . GLU A 1 22  ? 7.947   -12.316 11.044  1.00 42.93 ? 44  GLU A CB  1 
ATOM   88   C  CG  . GLU A 1 22  ? 9.360   -12.842 11.408  1.00 51.90 ? 44  GLU A CG  1 
ATOM   89   C  CD  . GLU A 1 22  ? 9.371   -14.133 12.228  1.00 52.86 ? 44  GLU A CD  1 
ATOM   90   O  OE1 . GLU A 1 22  ? 8.294   -14.525 12.760  1.00 66.31 ? 44  GLU A OE1 1 
ATOM   91   O  OE2 . GLU A 1 22  ? 10.470  -14.745 12.341  1.00 54.87 ? 44  GLU A OE2 1 
HETATM 92   N  N   . MLY A 1 23  ? 5.731   -9.982  10.750  1.00 40.95 ? 45  MLY A N   1 
HETATM 93   C  CA  . MLY A 1 23  ? 4.447   -9.504  10.258  1.00 38.33 ? 45  MLY A CA  1 
HETATM 94   C  CB  . MLY A 1 23  ? 3.442   -9.289  11.385  1.00 37.64 ? 45  MLY A CB  1 
HETATM 95   C  CG  . MLY A 1 23  ? 3.067   -10.538 12.215  1.00 40.95 ? 45  MLY A CG  1 
HETATM 96   C  CD  . MLY A 1 23  ? 2.460   -11.723 11.404  1.00 44.35 ? 45  MLY A CD  1 
HETATM 97   C  CE  . MLY A 1 23  ? 2.347   -12.979 12.308  1.00 38.85 ? 45  MLY A CE  1 
HETATM 98   N  NZ  . MLY A 1 23  ? 1.872   -14.283 11.652  1.00 44.31 ? 45  MLY A NZ  1 
HETATM 99   C  C   . MLY A 1 23  ? 4.667   -8.196  9.522   1.00 39.55 ? 45  MLY A C   1 
HETATM 100  O  O   . MLY A 1 23  ? 4.024   -7.927  8.546   1.00 38.81 ? 45  MLY A O   1 
ATOM   101  N  N   . TYR A 1 24  ? 5.634   -7.396  9.940   1.00 39.94 ? 46  TYR A N   1 
ATOM   102  C  CA  . TYR A 1 24  ? 5.872   -6.188  9.204   1.00 39.16 ? 46  TYR A CA  1 
ATOM   103  C  C   . TYR A 1 24  ? 6.373   -6.487  7.785   1.00 38.40 ? 46  TYR A C   1 
ATOM   104  O  O   . TYR A 1 24  ? 5.966   -5.851  6.813   1.00 33.96 ? 46  TYR A O   1 
ATOM   105  C  CB  . TYR A 1 24  ? 6.815   -5.224  9.936   1.00 40.09 ? 46  TYR A CB  1 
ATOM   106  C  CG  . TYR A 1 24  ? 6.675   -3.853  9.326   1.00 41.40 ? 46  TYR A CG  1 
ATOM   107  C  CD1 . TYR A 1 24  ? 5.420   -3.254  9.245   1.00 38.53 ? 46  TYR A CD1 1 
ATOM   108  C  CD2 . TYR A 1 24  ? 7.762   -3.184  8.773   1.00 44.69 ? 46  TYR A CD2 1 
ATOM   109  C  CE1 . TYR A 1 24  ? 5.251   -2.016  8.688   1.00 43.38 ? 46  TYR A CE1 1 
ATOM   110  C  CE2 . TYR A 1 24  ? 7.602   -1.919  8.187   1.00 45.23 ? 46  TYR A CE2 1 
ATOM   111  C  CZ  . TYR A 1 24  ? 6.329   -1.344  8.150   1.00 49.81 ? 46  TYR A CZ  1 
ATOM   112  O  OH  . TYR A 1 24  ? 6.108   -0.095  7.582   1.00 51.39 ? 46  TYR A OH  1 
ATOM   113  N  N   . SER A 1 25  ? 7.246   -7.463  7.643   1.00 39.11 ? 47  SER A N   1 
ATOM   114  C  CA  . SER A 1 25  ? 7.787   -7.739  6.315   1.00 40.99 ? 47  SER A CA  1 
ATOM   115  C  C   . SER A 1 25  ? 6.697   -8.233  5.372   1.00 43.15 ? 47  SER A C   1 
ATOM   116  O  O   . SER A 1 25  ? 6.777   -8.026  4.158   1.00 44.87 ? 47  SER A O   1 
ATOM   117  C  CB  . SER A 1 25  ? 8.994   -8.681  6.361   1.00 42.23 ? 47  SER A CB  1 
ATOM   118  O  OG  . SER A 1 25  ? 8.675   -9.853  7.046   1.00 45.91 ? 47  SER A OG  1 
ATOM   119  N  N   . GLN A 1 26  ? 5.651   -8.840  5.906   1.00 42.68 ? 48  GLN A N   1 
ATOM   120  C  CA  . GLN A 1 26  ? 4.544   -9.242  5.040   1.00 42.48 ? 48  GLN A CA  1 
ATOM   121  C  C   . GLN A 1 26  ? 3.956   -8.005  4.394   1.00 43.66 ? 48  GLN A C   1 
ATOM   122  O  O   . GLN A 1 26  ? 3.802   -7.964  3.177   1.00 47.18 ? 48  GLN A O   1 
ATOM   123  C  CB  . GLN A 1 26  ? 3.492   -10.003 5.817   1.00 40.46 ? 48  GLN A CB  1 
ATOM   124  C  CG  . GLN A 1 26  ? 4.003   -11.320 6.360   1.00 55.79 ? 48  GLN A CG  1 
ATOM   125  C  CD  . GLN A 1 26  ? 2.914   -12.168 6.989   1.00 64.48 ? 48  GLN A CD  1 
ATOM   126  N  NE2 . GLN A 1 26  ? 3.301   -13.350 7.461   1.00 65.30 ? 48  GLN A NE2 1 
ATOM   127  N  N   . ILE A 1 27  ? 3.661   -6.987  5.209   1.00 41.44 ? 49  ILE A N   1 
ATOM   128  C  CA  . ILE A 1 27  ? 3.196   -5.690  4.720   1.00 41.29 ? 49  ILE A CA  1 
ATOM   129  C  C   . ILE A 1 27  ? 4.164   -5.065  3.697   1.00 43.40 ? 49  ILE A C   1 
ATOM   130  O  O   . ILE A 1 27  ? 3.709   -4.625  2.640   1.00 45.71 ? 49  ILE A O   1 
ATOM   131  C  CB  . ILE A 1 27  ? 2.939   -4.680  5.890   1.00 42.45 ? 49  ILE A CB  1 
ATOM   132  C  CG1 . ILE A 1 27  ? 1.829   -5.217  6.820   1.00 44.17 ? 49  ILE A CG1 1 
ATOM   133  C  CG2 . ILE A 1 27  ? 2.552   -3.254  5.345   1.00 45.73 ? 49  ILE A CG2 1 
ATOM   134  C  CD1 . ILE A 1 27  ? 1.567   -4.399  8.047   1.00 43.26 ? 49  ILE A CD1 1 
ATOM   135  N  N   . GLN A 1 28  ? 5.467   -5.022  4.012   1.00 43.59 ? 50  GLN A N   1 
ATOM   136  C  CA  . GLN A 1 28  ? 6.457   -4.372  3.142   1.00 46.31 ? 50  GLN A CA  1 
ATOM   137  C  C   . GLN A 1 28  ? 6.496   -5.066  1.784   1.00 44.09 ? 50  GLN A C   1 
ATOM   138  O  O   . GLN A 1 28  ? 6.561   -4.395  0.757   1.00 43.22 ? 50  GLN A O   1 
ATOM   139  C  CB  . GLN A 1 28  ? 7.859   -4.362  3.741   1.00 46.10 ? 50  GLN A CB  1 
ATOM   140  C  CG  . GLN A 1 28  ? 7.964   -3.749  5.160   1.00 54.57 ? 50  GLN A CG  1 
ATOM   141  C  CD  . GLN A 1 28  ? 9.397   -3.930  5.814   1.00 53.12 ? 50  GLN A CD  1 
ATOM   142  O  OE1 . GLN A 1 28  ? 9.872   -5.054  6.076   1.00 55.03 ? 50  GLN A OE1 1 
ATOM   143  N  NE2 . GLN A 1 28  ? 10.057  -2.801  6.077   1.00 54.94 ? 50  GLN A NE2 1 
ATOM   144  N  N   . ASN A 1 29  ? 6.409   -6.395  1.784   1.00 41.05 ? 51  ASN A N   1 
ATOM   145  C  CA  . ASN A 1 29  ? 6.423   -7.157  0.545   1.00 41.08 ? 51  ASN A CA  1 
ATOM   146  C  C   . ASN A 1 29  ? 5.273   -6.778  -0.365  1.00 39.95 ? 51  ASN A C   1 
ATOM   147  O  O   . ASN A 1 29  ? 5.462   -6.679  -1.558  1.00 39.14 ? 51  ASN A O   1 
ATOM   148  C  CB  . ASN A 1 29  ? 6.317   -8.666  0.813   1.00 44.25 ? 51  ASN A CB  1 
ATOM   149  C  CG  . ASN A 1 29  ? 7.524   -9.233  1.520   1.00 56.52 ? 51  ASN A CG  1 
ATOM   150  O  OD1 . ASN A 1 29  ? 8.548   -8.553  1.711   1.00 71.29 ? 51  ASN A OD1 1 
ATOM   151  N  ND2 . ASN A 1 29  ? 7.411   -10.501 1.931   1.00 68.24 ? 51  ASN A ND2 1 
ATOM   152  N  N   . GLN A 1 30  ? 4.077   -6.585  0.203   1.00 41.77 ? 52  GLN A N   1 
ATOM   153  C  CA  . GLN A 1 30  ? 2.905   -6.153  -0.571  1.00 39.73 ? 52  GLN A CA  1 
ATOM   154  C  C   . GLN A 1 30  ? 3.002   -4.714  -1.059  1.00 39.47 ? 52  GLN A C   1 
ATOM   155  O  O   . GLN A 1 30  ? 2.652   -4.399  -2.187  1.00 43.12 ? 52  GLN A O   1 
ATOM   156  C  CB  . GLN A 1 30  ? 1.631   -6.319  0.225   1.00 37.66 ? 52  GLN A CB  1 
ATOM   157  C  CG  . GLN A 1 30  ? 1.296   -7.717  0.642   1.00 34.82 ? 52  GLN A CG  1 
ATOM   158  C  CD  . GLN A 1 30  ? 1.309   -8.724  -0.504  1.00 43.01 ? 52  GLN A CD  1 
ATOM   159  O  OE1 . GLN A 1 30  ? 1.932   -9.789  -0.386  1.00 38.73 ? 52  GLN A OE1 1 
ATOM   160  N  NE2 . GLN A 1 30  ? 0.627   -8.399  -1.619  1.00 37.24 ? 52  GLN A NE2 1 
ATOM   161  N  N   . LEU A 1 31  ? 3.472   -3.833  -0.205  1.00 41.96 ? 53  LEU A N   1 
ATOM   162  C  CA  . LEU A 1 31  ? 3.679   -2.433  -0.596  1.00 42.65 ? 53  LEU A CA  1 
ATOM   163  C  C   . LEU A 1 31  ? 4.692   -2.280  -1.732  1.00 39.74 ? 53  LEU A C   1 
ATOM   164  O  O   . LEU A 1 31  ? 4.544   -1.477  -2.622  1.00 44.95 ? 53  LEU A O   1 
ATOM   165  C  CB  . LEU A 1 31  ? 4.172   -1.627  0.616   1.00 44.97 ? 53  LEU A CB  1 
ATOM   166  C  CG  . LEU A 1 31  ? 3.109   -1.394  1.697   1.00 40.61 ? 53  LEU A CG  1 
ATOM   167  C  CD1 . LEU A 1 31  ? 3.695   -0.479  2.748   1.00 43.75 ? 53  LEU A CD1 1 
ATOM   168  C  CD2 . LEU A 1 31  ? 1.890   -0.769  1.097   1.00 46.95 ? 53  LEU A CD2 1 
ATOM   169  N  N   . GLN A 1 32  ? 5.731   -3.053  -1.666  1.00 37.46 ? 54  GLN A N   1 
ATOM   170  C  CA  . GLN A 1 32  ? 6.725   -3.110  -2.713  1.00 42.71 ? 54  GLN A CA  1 
ATOM   171  C  C   . GLN A 1 32  ? 6.125   -3.596  -4.065  1.00 44.30 ? 54  GLN A C   1 
ATOM   172  O  O   . GLN A 1 32  ? 6.469   -3.073  -5.137  1.00 41.20 ? 54  GLN A O   1 
ATOM   173  C  CB  . GLN A 1 32  ? 7.848   -4.040  -2.257  1.00 38.93 ? 54  GLN A CB  1 
ATOM   174  C  CG  . GLN A 1 32  ? 8.982   -4.209  -3.267  1.00 46.91 ? 54  GLN A CG  1 
ATOM   175  C  CD  . GLN A 1 32  ? 9.743   -2.923  -3.457  1.00 57.35 ? 54  GLN A CD  1 
ATOM   176  O  OE1 . GLN A 1 32  ? 10.074  -2.235  -2.481  1.00 62.73 ? 54  GLN A OE1 1 
ATOM   177  N  NE2 . GLN A 1 32  ? 10.015  -2.575  -4.710  1.00 55.18 ? 54  GLN A NE2 1 
ATOM   178  N  N   . ARG A 1 33  ? 5.239   -4.589  -3.997  1.00 44.68 ? 55  ARG A N   1 
ATOM   179  C  CA  . ARG A 1 33  ? 4.585   -5.098  -5.186  1.00 46.96 ? 55  ARG A CA  1 
ATOM   180  C  C   . ARG A 1 33  ? 3.634   -4.047  -5.729  1.00 43.14 ? 55  ARG A C   1 
ATOM   181  O  O   . ARG A 1 33  ? 3.497   -3.850  -6.939  1.00 40.00 ? 55  ARG A O   1 
ATOM   182  C  CB  . ARG A 1 33  ? 3.830   -6.386  -4.899  1.00 49.51 ? 55  ARG A CB  1 
ATOM   183  C  CG  . ARG A 1 33  ? 3.205   -7.022  -6.135  1.00 58.85 ? 55  ARG A CG  1 
ATOM   184  C  CD  . ARG A 1 33  ? 4.294   -7.577  -7.072  1.00 66.68 ? 55  ARG A CD  1 
ATOM   185  N  NE  . ARG A 1 33  ? 3.781   -8.024  -8.376  1.00 68.19 ? 55  ARG A NE  1 
ATOM   186  C  CZ  . ARG A 1 33  ? 4.466   -7.955  -9.522  1.00 74.75 ? 55  ARG A CZ  1 
ATOM   187  N  NH1 . ARG A 1 33  ? 5.691   -7.433  -9.553  1.00 74.72 ? 55  ARG A NH1 1 
ATOM   188  N  NH2 . ARG A 1 33  ? 3.914   -8.395  -10.660 1.00 73.02 ? 55  ARG A NH2 1 
ATOM   189  N  N   . ARG A 1 34  ? 2.993   -3.349  -4.825  1.00 44.71 ? 56  ARG A N   1 
ATOM   190  C  CA  . ARG A 1 34  ? 2.162   -2.256  -5.236  1.00 45.86 ? 56  ARG A CA  1 
ATOM   191  C  C   . ARG A 1 34  ? 2.910   -1.191  -5.999  1.00 45.65 ? 56  ARG A C   1 
ATOM   192  O  O   . ARG A 1 34  ? 2.490   -0.800  -7.085  1.00 45.61 ? 56  ARG A O   1 
ATOM   193  C  CB  . ARG A 1 34  ? 1.484   -1.648  -4.044  1.00 47.48 ? 56  ARG A CB  1 
ATOM   194  C  CG  . ARG A 1 34  ? 0.108   -2.152  -3.910  1.00 50.09 ? 56  ARG A CG  1 
ATOM   195  C  CD  . ARG A 1 34  ? -0.456  -1.801  -2.601  1.00 45.11 ? 56  ARG A CD  1 
ATOM   196  N  NE  . ARG A 1 34  ? -1.317  -0.635  -2.584  1.00 43.22 ? 56  ARG A NE  1 
ATOM   197  C  CZ  . ARG A 1 34  ? -2.527  -0.613  -3.126  1.00 47.08 ? 56  ARG A CZ  1 
ATOM   198  N  NH1 . ARG A 1 34  ? -2.972  -1.626  -3.860  1.00 56.04 ? 56  ARG A NH1 1 
ATOM   199  N  NH2 . ARG A 1 34  ? -3.276  0.432   -2.959  1.00 45.66 ? 56  ARG A NH2 1 
ATOM   200  N  N   . ALA A 1 35  ? 4.029   -0.740  -5.445  1.00 44.41 ? 57  ALA A N   1 
ATOM   201  C  CA  . ALA A 1 35  ? 4.826   0.274   -6.117  1.00 45.14 ? 57  ALA A CA  1 
ATOM   202  C  C   . ALA A 1 35  ? 5.325   -0.218  -7.465  1.00 44.42 ? 57  ALA A C   1 
ATOM   203  O  O   . ALA A 1 35  ? 5.343   0.539   -8.450  1.00 41.92 ? 57  ALA A O   1 
ATOM   204  C  CB  . ALA A 1 35  ? 5.960   0.690   -5.256  1.00 45.09 ? 57  ALA A CB  1 
ATOM   205  N  N   . ASP A 1 36  ? 5.727   -1.496  -7.509  1.00 45.77 ? 58  ASP A N   1 
ATOM   206  C  CA  . ASP A 1 36  ? 6.278   -2.119  -8.740  1.00 44.76 ? 58  ASP A CA  1 
ATOM   207  C  C   . ASP A 1 36  ? 5.268   -2.162  -9.896  1.00 42.39 ? 58  ASP A C   1 
ATOM   208  O  O   . ASP A 1 36  ? 5.654   -2.060  -11.045 1.00 44.58 ? 58  ASP A O   1 
ATOM   209  C  CB  . ASP A 1 36  ? 6.705   -3.561  -8.477  1.00 44.97 ? 58  ASP A CB  1 
ATOM   210  C  CG  . ASP A 1 36  ? 8.018   -3.677  -7.710  1.00 51.48 ? 58  ASP A CG  1 
ATOM   211  O  OD1 . ASP A 1 36  ? 8.715   -2.664  -7.522  1.00 55.85 ? 58  ASP A OD1 1 
ATOM   212  O  OD2 . ASP A 1 36  ? 8.347   -4.809  -7.298  1.00 58.63 ? 58  ASP A OD2 1 
ATOM   213  N  N   . LEU A 1 37  ? 3.997   -2.381  -9.590  1.00 38.63 ? 59  LEU A N   1 
ATOM   214  C  CA  . LEU A 1 37  ? 2.965   -2.456  -10.638 1.00 43.25 ? 59  LEU A CA  1 
ATOM   215  C  C   . LEU A 1 37  ? 2.626   -1.079  -11.259 1.00 41.89 ? 59  LEU A C   1 
ATOM   216  O  O   . LEU A 1 37  ? 2.119   -1.004  -12.362 1.00 43.08 ? 59  LEU A O   1 
ATOM   217  C  CB  . LEU A 1 37  ? 1.680   -3.068  -10.083 1.00 41.83 ? 59  LEU A CB  1 
ATOM   218  C  CG  . LEU A 1 37  ? 1.797   -4.557  -9.765  1.00 45.33 ? 59  LEU A CG  1 
ATOM   219  C  CD1 . LEU A 1 37  ? 0.756   -4.980  -8.727  1.00 45.73 ? 59  LEU A CD1 1 
ATOM   220  C  CD2 . LEU A 1 37  ? 1.650   -5.397  -10.996 1.00 44.48 ? 59  LEU A CD2 1 
ATOM   221  N  N   . ILE A 1 38  ? 2.905   -0.001  -10.544 1.00 41.74 ? 60  ILE A N   1 
ATOM   222  C  CA  . ILE A 1 38  ? 2.454   1.312   -10.942 1.00 40.64 ? 60  ILE A CA  1 
ATOM   223  C  C   . ILE A 1 38  ? 2.976   1.791   -12.302 1.00 39.70 ? 60  ILE A C   1 
ATOM   224  O  O   . ILE A 1 38  ? 2.195   2.276   -13.080 1.00 43.42 ? 60  ILE A O   1 
ATOM   225  C  CB  . ILE A 1 38  ? 2.698   2.365   -9.847  1.00 38.75 ? 60  ILE A CB  1 
ATOM   226  C  CG1 . ILE A 1 38  ? 1.838   2.140   -8.600  1.00 41.99 ? 60  ILE A CG1 1 
ATOM   227  C  CG2 . ILE A 1 38  ? 2.486   3.798   -10.385 1.00 43.28 ? 60  ILE A CG2 1 
ATOM   228  C  CD1 . ILE A 1 38  ? 0.447   1.725   -8.806  1.00 45.60 ? 60  ILE A CD1 1 
ATOM   229  N  N   . PRO A 1 39  ? 4.272   1.689   -12.589 1.00 42.01 ? 61  PRO A N   1 
ATOM   230  C  CA  . PRO A 1 39  ? 4.720   2.104   -13.951 1.00 43.57 ? 61  PRO A CA  1 
ATOM   231  C  C   . PRO A 1 39  ? 3.973   1.436   -15.130 1.00 43.85 ? 61  PRO A C   1 
ATOM   232  O  O   . PRO A 1 39  ? 3.707   2.076   -16.117 1.00 42.54 ? 61  PRO A O   1 
ATOM   233  C  CB  . PRO A 1 39  ? 6.216   1.718   -13.974 1.00 44.70 ? 61  PRO A CB  1 
ATOM   234  C  CG  . PRO A 1 39  ? 6.641   1.723   -12.513 1.00 43.93 ? 61  PRO A CG  1 
ATOM   235  C  CD  . PRO A 1 39  ? 5.397   1.306   -11.717 1.00 43.29 ? 61  PRO A CD  1 
ATOM   236  N  N   . ASN A 1 40  ? 3.643   0.156   -15.016 1.00 45.41 ? 62  ASN A N   1 
ATOM   237  C  CA  . ASN A 1 40  ? 2.893   -0.569  -16.063 1.00 46.19 ? 62  ASN A CA  1 
ATOM   238  C  C   . ASN A 1 40  ? 1.473   0.001   -16.186 1.00 42.55 ? 62  ASN A C   1 
ATOM   239  O  O   . ASN A 1 40  ? 0.968   0.250   -17.269 1.00 41.52 ? 62  ASN A O   1 
ATOM   240  C  CB  . ASN A 1 40  ? 2.824   -2.076  -15.696 1.00 49.05 ? 62  ASN A CB  1 
ATOM   241  C  CG  . ASN A 1 40  ? 2.364   -2.995  -16.865 1.00 56.99 ? 62  ASN A CG  1 
ATOM   242  O  OD1 . ASN A 1 40  ? 1.809   -2.557  -17.885 1.00 63.95 ? 62  ASN A OD1 1 
ATOM   243  N  ND2 . ASN A 1 40  ? 2.619   -4.297  -16.695 1.00 64.72 ? 62  ASN A ND2 1 
ATOM   244  N  N   . LEU A 1 41  ? 0.823   0.173   -15.051 1.00 42.15 ? 63  LEU A N   1 
ATOM   245  C  CA  . LEU A 1 41  ? -0.484  0.828   -15.028 1.00 44.11 ? 63  LEU A CA  1 
ATOM   246  C  C   . LEU A 1 41  ? -0.490  2.194   -15.735 1.00 43.89 ? 63  LEU A C   1 
ATOM   247  O  O   . LEU A 1 41  ? -1.336  2.457   -16.600 1.00 41.57 ? 63  LEU A O   1 
ATOM   248  C  CB  . LEU A 1 41  ? -0.958  1.000   -13.600 1.00 41.43 ? 63  LEU A CB  1 
ATOM   249  C  CG  . LEU A 1 41  ? -2.384  1.509   -13.470 1.00 44.40 ? 63  LEU A CG  1 
ATOM   250  C  CD1 . LEU A 1 41  ? -3.389  0.500   -14.021 1.00 48.98 ? 63  LEU A CD1 1 
ATOM   251  C  CD2 . LEU A 1 41  ? -2.689  1.871   -12.022 1.00 41.93 ? 63  LEU A CD2 1 
ATOM   252  N  N   . VAL A 1 42  ? 0.457   3.045   -15.358 1.00 43.95 ? 64  VAL A N   1 
ATOM   253  C  CA  . VAL A 1 42  ? 0.565   4.381   -15.946 1.00 45.84 ? 64  VAL A CA  1 
ATOM   254  C  C   . VAL A 1 42  ? 0.739   4.290   -17.446 1.00 39.78 ? 64  VAL A C   1 
ATOM   255  O  O   . VAL A 1 42  ? 0.062   4.993   -18.171 1.00 40.89 ? 64  VAL A O   1 
ATOM   256  C  CB  . VAL A 1 42  ? 1.718   5.218   -15.301 1.00 46.86 ? 64  VAL A CB  1 
ATOM   257  C  CG1 . VAL A 1 42  ? 2.088   6.434   -16.148 1.00 49.50 ? 64  VAL A CG1 1 
ATOM   258  C  CG2 . VAL A 1 42  ? 1.297   5.646   -13.934 1.00 43.40 ? 64  VAL A CG2 1 
ATOM   259  N  N   . GLU A 1 43  ? 1.630   3.416   -17.881 1.00 38.38 ? 65  GLU A N   1 
ATOM   260  C  CA  . GLU A 1 43  ? 1.835   3.144   -19.305 1.00 40.04 ? 65  GLU A CA  1 
ATOM   261  C  C   . GLU A 1 43  ? 0.511   2.776   -19.997 1.00 40.59 ? 65  GLU A C   1 
ATOM   262  O  O   . GLU A 1 43  ? 0.160   3.356   -21.012 1.00 40.28 ? 65  GLU A O   1 
ATOM   263  C  CB  . GLU A 1 43  ? 2.847   2.023   -19.507 1.00 38.46 ? 65  GLU A CB  1 
ATOM   264  C  CG  . GLU A 1 43  ? 4.210   2.472   -19.990 1.00 49.74 ? 65  GLU A CG  1 
ATOM   265  N  N   . THR A 1 44  ? -0.230  1.842   -19.418 1.00 40.25 ? 66  THR A N   1 
ATOM   266  C  CA  . THR A 1 44  ? -1.531  1.417   -19.973 1.00 40.86 ? 66  THR A CA  1 
ATOM   267  C  C   . THR A 1 44  ? -2.551  2.549   -20.039 1.00 37.68 ? 66  THR A C   1 
ATOM   268  O  O   . THR A 1 44  ? -3.221  2.711   -21.020 1.00 36.61 ? 66  THR A O   1 
ATOM   269  C  CB  . THR A 1 44  ? -2.122  0.228   -19.165 1.00 42.19 ? 66  THR A CB  1 
ATOM   270  O  OG1 . THR A 1 44  ? -1.140  -0.819  -19.136 1.00 42.91 ? 66  THR A OG1 1 
ATOM   271  C  CG2 . THR A 1 44  ? -3.447  -0.290  -19.805 1.00 39.53 ? 66  THR A CG2 1 
ATOM   272  N  N   . VAL A 1 45  ? -2.642  3.352   -18.991 1.00 39.14 ? 67  VAL A N   1 
ATOM   273  C  CA  . VAL A 1 45  ? -3.570  4.457   -18.989 1.00 39.20 ? 67  VAL A CA  1 
ATOM   274  C  C   . VAL A 1 45  ? -3.182  5.496   -20.060 1.00 40.99 ? 67  VAL A C   1 
ATOM   275  O  O   . VAL A 1 45  ? -4.035  5.938   -20.841 1.00 40.27 ? 67  VAL A O   1 
ATOM   276  C  CB  . VAL A 1 45  ? -3.679  5.088   -17.578 1.00 40.20 ? 67  VAL A CB  1 
ATOM   277  C  CG1 . VAL A 1 45  ? -4.472  6.360   -17.627 1.00 34.07 ? 67  VAL A CG1 1 
ATOM   278  C  CG2 . VAL A 1 45  ? -4.336  4.106   -16.611 1.00 40.23 ? 67  VAL A CG2 1 
HETATM 279  N  N   . MLY A 1 46  ? -1.900  5.843   -20.142 1.00 41.50 ? 68  MLY A N   1 
HETATM 280  C  CA  . MLY A 1 46  ? -1.452  6.820   -21.133 1.00 43.60 ? 68  MLY A CA  1 
HETATM 281  C  CB  . MLY A 1 46  ? 0.053   7.059   -21.021 1.00 44.03 ? 68  MLY A CB  1 
HETATM 282  C  CG  . MLY A 1 46  ? 0.480   8.096   -19.997 1.00 50.23 ? 68  MLY A CG  1 
HETATM 283  C  CD  . MLY A 1 46  ? 2.009   8.251   -20.014 1.00 49.61 ? 68  MLY A CD  1 
HETATM 284  C  CE  . MLY A 1 46  ? 2.476   9.540   -19.361 1.00 62.98 ? 68  MLY A CE  1 
HETATM 285  N  NZ  . MLY A 1 46  ? 2.273   9.502   -17.882 1.00 59.73 ? 68  MLY A NZ  1 
HETATM 286  C  C   . MLY A 1 46  ? -1.789  6.375   -22.574 1.00 44.54 ? 68  MLY A C   1 
HETATM 287  O  O   . MLY A 1 46  ? -2.184  7.204   -23.403 1.00 47.38 ? 68  MLY A O   1 
ATOM   288  N  N   . GLY A 1 47  ? -1.615  5.085   -22.876 1.00 41.86 ? 69  GLY A N   1 
ATOM   289  C  CA  . GLY A 1 47  ? -2.117  4.529   -24.116 1.00 41.55 ? 69  GLY A CA  1 
ATOM   290  C  C   . GLY A 1 47  ? -3.535  4.976   -24.504 1.00 42.93 ? 69  GLY A C   1 
ATOM   291  O  O   . GLY A 1 47  ? -3.781  5.278   -25.652 1.00 45.50 ? 69  GLY A O   1 
ATOM   292  N  N   . TYR A 1 48  ? -4.463  5.058   -23.552 1.00 44.11 ? 70  TYR A N   1 
ATOM   293  C  CA  . TYR A 1 48  ? -5.875  5.372   -23.870 1.00 41.18 ? 70  TYR A CA  1 
ATOM   294  C  C   . TYR A 1 48  ? -6.336  6.767   -23.516 1.00 42.77 ? 70  TYR A C   1 
ATOM   295  O  O   . TYR A 1 48  ? -7.331  7.223   -24.070 1.00 40.46 ? 70  TYR A O   1 
ATOM   296  C  CB  . TYR A 1 48  ? -6.788  4.404   -23.131 1.00 38.51 ? 70  TYR A CB  1 
ATOM   297  C  CG  . TYR A 1 48  ? -6.743  3.021   -23.677 1.00 38.90 ? 70  TYR A CG  1 
ATOM   298  C  CD1 . TYR A 1 48  ? -7.433  2.696   -24.855 1.00 40.34 ? 70  TYR A CD1 1 
ATOM   299  C  CD2 . TYR A 1 48  ? -6.010  2.034   -23.041 1.00 34.39 ? 70  TYR A CD2 1 
ATOM   300  C  CE1 . TYR A 1 48  ? -7.392  1.397   -25.379 1.00 43.38 ? 70  TYR A CE1 1 
ATOM   301  C  CE2 . TYR A 1 48  ? -5.966  0.734   -23.542 1.00 35.96 ? 70  TYR A CE2 1 
ATOM   302  C  CZ  . TYR A 1 48  ? -6.656  0.420   -24.704 1.00 38.59 ? 70  TYR A CZ  1 
ATOM   303  O  OH  . TYR A 1 48  ? -6.620  -0.859  -25.171 1.00 39.17 ? 70  TYR A OH  1 
ATOM   304  N  N   . ALA A 1 49  ? -5.628  7.430   -22.598 1.00 46.05 ? 71  ALA A N   1 
ATOM   305  C  CA  . ALA A 1 49  ? -6.090  8.686   -22.004 1.00 46.76 ? 71  ALA A CA  1 
ATOM   306  C  C   . ALA A 1 49  ? -4.940  9.623   -21.584 1.00 48.30 ? 71  ALA A C   1 
ATOM   307  O  O   . ALA A 1 49  ? -4.752  9.953   -20.404 1.00 48.09 ? 71  ALA A O   1 
ATOM   308  C  CB  . ALA A 1 49  ? -6.984  8.368   -20.824 1.00 49.18 ? 71  ALA A CB  1 
ATOM   309  N  N   . ALA A 1 50  ? -4.214  10.094  -22.588 1.00 51.53 ? 72  ALA A N   1 
ATOM   310  C  CA  . ALA A 1 50  ? -3.085  11.002  -22.420 1.00 53.37 ? 72  ALA A CA  1 
ATOM   311  C  C   . ALA A 1 50  ? -3.395  12.330  -21.711 1.00 52.33 ? 72  ALA A C   1 
ATOM   312  O  O   . ALA A 1 50  ? -2.510  12.892  -21.067 1.00 52.05 ? 72  ALA A O   1 
ATOM   313  C  CB  . ALA A 1 50  ? -2.465  11.297  -23.800 1.00 54.12 ? 72  ALA A CB  1 
ATOM   314  N  N   . HIS A 1 51  ? -4.631  12.822  -21.830 1.00 50.63 ? 73  HIS A N   1 
ATOM   315  C  CA  . HIS A 1 51  ? -5.017  14.102  -21.216 1.00 49.74 ? 73  HIS A CA  1 
ATOM   316  C  C   . HIS A 1 51  ? -5.474  14.010  -19.738 1.00 47.64 ? 73  HIS A C   1 
ATOM   317  O  O   . HIS A 1 51  ? -5.752  15.026  -19.126 1.00 48.13 ? 73  HIS A O   1 
ATOM   318  C  CB  . HIS A 1 51  ? -6.103  14.778  -22.057 1.00 51.37 ? 73  HIS A CB  1 
ATOM   319  C  CG  . HIS A 1 51  ? -5.732  14.918  -23.499 1.00 54.13 ? 73  HIS A CG  1 
ATOM   320  N  ND1 . HIS A 1 51  ? -4.824  15.852  -23.940 1.00 59.16 ? 73  HIS A ND1 1 
ATOM   321  C  CD2 . HIS A 1 51  ? -6.119  14.219  -24.594 1.00 56.03 ? 73  HIS A CD2 1 
ATOM   322  C  CE1 . HIS A 1 51  ? -4.679  15.734  -25.250 1.00 59.43 ? 73  HIS A CE1 1 
ATOM   323  N  NE2 . HIS A 1 51  ? -5.453  14.752  -25.670 1.00 54.52 ? 73  HIS A NE2 1 
ATOM   324  N  N   . GLU A 1 52  ? -5.510  12.803  -19.169 1.00 45.51 ? 74  GLU A N   1 
ATOM   325  C  CA  . GLU A 1 52  ? -5.789  12.609  -17.752 1.00 44.46 ? 74  GLU A CA  1 
ATOM   326  C  C   . GLU A 1 52  ? -4.521  12.734  -16.890 1.00 43.93 ? 74  GLU A C   1 
ATOM   327  O  O   . GLU A 1 52  ? -4.199  11.850  -16.067 1.00 42.52 ? 74  GLU A O   1 
ATOM   328  C  CB  . GLU A 1 52  ? -6.445  11.246  -17.533 1.00 46.23 ? 74  GLU A CB  1 
ATOM   329  C  CG  . GLU A 1 52  ? -7.837  11.095  -18.121 1.00 46.18 ? 74  GLU A CG  1 
ATOM   330  C  CD  . GLU A 1 52  ? -8.816  12.174  -17.681 1.00 47.36 ? 74  GLU A CD  1 
ATOM   331  O  OE1 . GLU A 1 52  ? -8.750  12.668  -16.522 1.00 50.00 ? 74  GLU A OE1 1 
ATOM   332  O  OE2 . GLU A 1 52  ? -9.681  12.504  -18.509 1.00 44.37 ? 74  GLU A OE2 1 
HETATM 333  N  N   . MLY A 1 53  ? -3.823  13.847  -17.089 1.00 43.62 ? 75  MLY A N   1 
HETATM 334  C  CA  . MLY A 1 53  ? -2.510  14.075  -16.512 1.00 44.36 ? 75  MLY A CA  1 
HETATM 335  C  CB  . MLY A 1 53  ? -1.861  15.316  -17.148 1.00 44.22 ? 75  MLY A CB  1 
HETATM 336  C  CG  . MLY A 1 53  ? -1.545  15.156  -18.637 1.00 50.06 ? 75  MLY A CG  1 
HETATM 337  C  CD  . MLY A 1 53  ? -0.733  16.345  -19.164 1.00 45.68 ? 75  MLY A CD  1 
HETATM 338  C  CE  . MLY A 1 53  ? -0.500  16.272  -20.688 1.00 52.75 ? 75  MLY A CE  1 
HETATM 339  N  NZ  . MLY A 1 53  ? 0.189   17.532  -21.259 1.00 52.66 ? 75  MLY A NZ  1 
HETATM 340  C  C   . MLY A 1 53  ? -2.554  14.243  -14.993 1.00 42.11 ? 75  MLY A C   1 
HETATM 341  O  O   . MLY A 1 53  ? -1.637  13.828  -14.301 1.00 42.23 ? 75  MLY A O   1 
ATOM   342  N  N   . GLU A 1 54  ? -3.594  14.877  -14.478 1.00 42.98 ? 76  GLU A N   1 
ATOM   343  C  CA  . GLU A 1 54  ? -3.677  15.108  -13.030 1.00 43.13 ? 76  GLU A CA  1 
ATOM   344  C  C   . GLU A 1 54  ? -3.695  13.772  -12.286 1.00 39.80 ? 76  GLU A C   1 
ATOM   345  O  O   . GLU A 1 54  ? -2.873  13.552  -11.371 1.00 37.16 ? 76  GLU A O   1 
ATOM   346  C  CB  . GLU A 1 54  ? -4.868  16.030  -12.670 1.00 42.62 ? 76  GLU A CB  1 
ATOM   347  C  CG  . GLU A 1 54  ? -4.930  16.493  -11.208 1.00 47.83 ? 76  GLU A CG  1 
ATOM   348  C  CD  . GLU A 1 54  ? -6.067  17.506  -10.929 1.00 47.81 ? 76  GLU A CD  1 
ATOM   349  N  N   . ILE A 1 55  ? -4.572  12.858  -12.708 1.00 36.33 ? 77  ILE A N   1 
ATOM   350  C  CA  . ILE A 1 55  ? -4.692  11.591  -12.011 1.00 38.09 ? 77  ILE A CA  1 
ATOM   351  C  C   . ILE A 1 55  ? -3.409  10.757  -12.139 1.00 39.51 ? 77  ILE A C   1 
ATOM   352  O  O   . ILE A 1 55  ? -3.048  10.097  -11.201 1.00 36.71 ? 77  ILE A O   1 
ATOM   353  C  CB  . ILE A 1 55  ? -5.961  10.740  -12.429 1.00 39.90 ? 77  ILE A CB  1 
ATOM   354  C  CG1 . ILE A 1 55  ? -6.165  9.556   -11.453 1.00 38.46 ? 77  ILE A CG1 1 
ATOM   355  C  CG2 . ILE A 1 55  ? -5.879  10.251  -13.891 1.00 39.42 ? 77  ILE A CG2 1 
ATOM   356  C  CD1 . ILE A 1 55  ? -6.512  9.993   -10.015 1.00 45.36 ? 77  ILE A CD1 1 
ATOM   357  N  N   . LEU A 1 56  ? -2.742  10.796  -13.293 1.00 41.62 ? 78  LEU A N   1 
ATOM   358  C  CA  . LEU A 1 56  ? -1.460  10.112  -13.465 1.00 42.73 ? 78  LEU A CA  1 
ATOM   359  C  C   . LEU A 1 56  ? -0.367  10.713  -12.566 1.00 39.39 ? 78  LEU A C   1 
ATOM   360  O  O   . LEU A 1 56  ? 0.408   9.990   -11.982 1.00 36.93 ? 78  LEU A O   1 
ATOM   361  C  CB  . LEU A 1 56  ? -1.024  10.144  -14.935 1.00 44.15 ? 78  LEU A CB  1 
ATOM   362  C  CG  . LEU A 1 56  ? -1.813  9.249   -15.913 1.00 47.02 ? 78  LEU A CG  1 
ATOM   363  C  CD1 . LEU A 1 56  ? -1.342  9.466   -17.349 1.00 47.18 ? 78  LEU A CD1 1 
ATOM   364  C  CD2 . LEU A 1 56  ? -1.693  7.803   -15.546 1.00 55.98 ? 78  LEU A CD2 1 
ATOM   365  N  N   . GLU A 1 57  ? -0.337  12.029  -12.435 1.00 36.06 ? 79  GLU A N   1 
ATOM   366  C  CA  . GLU A 1 57  ? 0.526   12.663  -11.439 1.00 39.26 ? 79  GLU A CA  1 
ATOM   367  C  C   . GLU A 1 57  ? 0.215   12.266  -9.975  1.00 38.30 ? 79  GLU A C   1 
ATOM   368  O  O   . GLU A 1 57  ? 1.128   12.076  -9.181  1.00 36.91 ? 79  GLU A O   1 
ATOM   369  C  CB  . GLU A 1 57  ? 0.468   14.177  -11.586 1.00 37.74 ? 79  GLU A CB  1 
ATOM   370  C  CG  . GLU A 1 57  ? 1.525   14.899  -10.746 1.00 48.13 ? 79  GLU A CG  1 
ATOM   371  C  CD  . GLU A 1 57  ? 1.601   16.402  -11.026 1.00 47.27 ? 79  GLU A CD  1 
ATOM   372  O  OE1 . GLU A 1 57  ? 1.570   16.793  -12.222 1.00 62.98 ? 79  GLU A OE1 1 
ATOM   373  O  OE2 . GLU A 1 57  ? 1.725   17.192  -10.051 1.00 65.42 ? 79  GLU A OE2 1 
ATOM   374  N  N   . GLU A 1 58  ? -1.063  12.192  -9.610  1.00 38.79 ? 80  GLU A N   1 
ATOM   375  C  CA  . GLU A 1 58  ? -1.450  11.802  -8.247  1.00 41.66 ? 80  GLU A CA  1 
ATOM   376  C  C   . GLU A 1 58  ? -0.943  10.406  -7.961  1.00 40.85 ? 80  GLU A C   1 
ATOM   377  O  O   . GLU A 1 58  ? -0.453  10.123  -6.860  1.00 37.73 ? 80  GLU A O   1 
ATOM   378  C  CB  . GLU A 1 58  ? -2.979  11.871  -8.028  1.00 41.85 ? 80  GLU A CB  1 
ATOM   379  C  CG  . GLU A 1 58  ? -3.576  13.315  -8.066  1.00 50.34 ? 80  GLU A CG  1 
ATOM   380  C  CD  . GLU A 1 58  ? -5.132  13.367  -8.143  1.00 50.10 ? 80  GLU A CD  1 
ATOM   381  O  OE1 . GLU A 1 58  ? -5.745  12.384  -7.688  1.00 52.48 ? 80  GLU A OE1 1 
ATOM   382  O  OE2 . GLU A 1 58  ? -5.726  14.386  -8.632  1.00 56.86 ? 80  GLU A OE2 1 
ATOM   383  N  N   . ILE A 1 59  ? -1.062  9.528   -8.963  1.00 40.60 ? 81  ILE A N   1 
ATOM   384  C  CA  . ILE A 1 59  ? -0.604  8.163   -8.831  1.00 39.76 ? 81  ILE A CA  1 
ATOM   385  C  C   . ILE A 1 59  ? 0.920   8.119   -8.681  1.00 40.81 ? 81  ILE A C   1 
ATOM   386  O  O   . ILE A 1 59  ? 1.448   7.486   -7.750  1.00 38.09 ? 81  ILE A O   1 
ATOM   387  C  CB  . ILE A 1 59  ? -1.052  7.291   -9.999  1.00 40.36 ? 81  ILE A CB  1 
ATOM   388  C  CG1 . ILE A 1 59  ? -2.564  6.988   -9.882  1.00 42.09 ? 81  ILE A CG1 1 
ATOM   389  C  CG2 . ILE A 1 59  ? -0.285  5.966   -9.974  1.00 40.74 ? 81  ILE A CG2 1 
ATOM   390  C  CD1 . ILE A 1 59  ? -3.160  6.597   -11.203 1.00 43.78 ? 81  ILE A CD1 1 
ATOM   391  N  N   . ALA A 1 60  ? 1.624   8.803   -9.585  1.00 38.68 ? 82  ALA A N   1 
ATOM   392  C  CA  . ALA A 1 60  ? 3.054   8.824   -9.503  1.00 39.02 ? 82  ALA A CA  1 
ATOM   393  C  C   . ALA A 1 60  ? 3.491   9.379   -8.145  1.00 38.94 ? 82  ALA A C   1 
ATOM   394  O  O   . ALA A 1 60  ? 4.399   8.818   -7.530  1.00 38.30 ? 82  ALA A O   1 
ATOM   395  C  CB  . ALA A 1 60  ? 3.694   9.641   -10.678 1.00 40.39 ? 82  ALA A CB  1 
ATOM   396  N  N   . ASN A 1 61  ? 2.886   10.483  -7.698  1.00 37.78 ? 83  ASN A N   1 
ATOM   397  C  CA  . ASN A 1 61  ? 3.242   11.067  -6.390  1.00 40.76 ? 83  ASN A CA  1 
ATOM   398  C  C   . ASN A 1 61  ? 3.136   10.061  -5.214  1.00 40.56 ? 83  ASN A C   1 
ATOM   399  O  O   . ASN A 1 61  ? 3.981   10.051  -4.296  1.00 39.38 ? 83  ASN A O   1 
ATOM   400  C  CB  . ASN A 1 61  ? 2.380   12.297  -6.094  1.00 41.35 ? 83  ASN A CB  1 
ATOM   401  C  CG  . ASN A 1 61  ? 2.825   13.536  -6.858  1.00 47.38 ? 83  ASN A CG  1 
ATOM   402  O  OD1 . ASN A 1 61  ? 3.905   13.558  -7.469  1.00 60.40 ? 83  ASN A OD1 1 
ATOM   403  N  ND2 . ASN A 1 61  ? 1.991   14.584  -6.830  1.00 43.39 ? 83  ASN A ND2 1 
ATOM   404  N  N   . ALA A 1 62  ? 2.114   9.214   -5.261  1.00 40.81 ? 84  ALA A N   1 
ATOM   405  C  CA  . ALA A 1 62  ? 1.813   8.320   -4.127  1.00 42.29 ? 84  ALA A CA  1 
ATOM   406  C  C   . ALA A 1 62  ? 2.774   7.150   -4.184  1.00 44.51 ? 84  ALA A C   1 
ATOM   407  O  O   . ALA A 1 62  ? 3.192   6.631   -3.139  1.00 42.36 ? 84  ALA A O   1 
ATOM   408  C  CB  . ALA A 1 62  ? 0.371   7.841   -4.135  1.00 38.01 ? 84  ALA A CB  1 
ATOM   409  N  N   . ARG A 1 63  ? 3.156   6.765   -5.402  1.00 42.85 ? 85  ARG A N   1 
ATOM   410  C  CA  . ARG A 1 63  ? 4.211   5.777   -5.544  1.00 43.87 ? 85  ARG A CA  1 
ATOM   411  C  C   . ARG A 1 63  ? 5.526   6.223   -4.868  1.00 39.41 ? 85  ARG A C   1 
ATOM   412  O  O   . ARG A 1 63  ? 6.126   5.458   -4.092  1.00 39.25 ? 85  ARG A O   1 
ATOM   413  C  CB  . ARG A 1 63  ? 4.477   5.467   -7.007  1.00 45.60 ? 85  ARG A CB  1 
ATOM   414  C  CG  . ARG A 1 63  ? 5.421   4.328   -7.162  1.00 44.49 ? 85  ARG A CG  1 
ATOM   415  C  CD  . ARG A 1 63  ? 5.763   4.095   -8.572  1.00 43.73 ? 85  ARG A CD  1 
ATOM   416  N  NE  . ARG A 1 63  ? 6.816   3.103   -8.565  1.00 46.00 ? 85  ARG A NE  1 
ATOM   417  C  CZ  . ARG A 1 63  ? 7.957   3.207   -9.208  1.00 40.12 ? 85  ARG A CZ  1 
ATOM   418  N  NH1 . ARG A 1 63  ? 8.193   4.237   -9.985  1.00 45.21 ? 85  ARG A NH1 1 
ATOM   419  N  NH2 . ARG A 1 63  ? 8.842   2.229   -9.102  1.00 50.58 ? 85  ARG A NH2 1 
ATOM   420  N  N   . ALA A 1 64  ? 5.926   7.463   -5.130  1.00 37.63 ? 86  ALA A N   1 
ATOM   421  C  CA  . ALA A 1 64  ? 7.154   8.036   -4.582  1.00 37.43 ? 86  ALA A CA  1 
ATOM   422  C  C   . ALA A 1 64  ? 7.094   8.136   -3.049  1.00 39.52 ? 86  ALA A C   1 
ATOM   423  O  O   . ALA A 1 64  ? 8.125   7.937   -2.374  1.00 38.78 ? 86  ALA A O   1 
ATOM   424  C  CB  . ALA A 1 64  ? 7.438   9.409   -5.185  1.00 33.25 ? 86  ALA A CB  1 
HETATM 425  N  N   . MLY A 1 65  ? 5.907   8.474   -2.525  1.00 41.76 ? 87  MLY A N   1 
HETATM 426  C  CA  . MLY A 1 65  ? 5.671   8.547   -1.078  1.00 43.35 ? 87  MLY A CA  1 
HETATM 427  C  CB  . MLY A 1 65  ? 4.244   9.052   -0.776  1.00 47.31 ? 87  MLY A CB  1 
HETATM 428  C  CG  . MLY A 1 65  ? 4.109   10.587  -0.705  1.00 52.85 ? 87  MLY A CG  1 
HETATM 429  C  CD  . MLY A 1 65  ? 3.285   11.039  0.529   1.00 57.19 ? 87  MLY A CD  1 
HETATM 430  C  CE  . MLY A 1 65  ? 3.052   12.551  0.526   1.00 55.24 ? 87  MLY A CE  1 
HETATM 431  N  NZ  . MLY A 1 65  ? 1.910   12.944  1.410   1.00 54.89 ? 87  MLY A NZ  1 
HETATM 432  C  C   . MLY A 1 65  ? 5.849   7.168   -0.444  1.00 41.04 ? 87  MLY A C   1 
HETATM 433  O  O   . MLY A 1 65  ? 6.474   7.010   0.589   1.00 39.06 ? 87  MLY A O   1 
ATOM   434  N  N   . LEU A 1 66  ? 5.291   6.173   -1.099  1.00 42.40 ? 88  LEU A N   1 
ATOM   435  C  CA  . LEU A 1 66  ? 5.446   4.779   -0.709  1.00 45.29 ? 88  LEU A CA  1 
ATOM   436  C  C   . LEU A 1 66  ? 6.921   4.386   -0.803  1.00 45.55 ? 88  LEU A C   1 
ATOM   437  O  O   . LEU A 1 66  ? 7.447   3.783   0.121   1.00 43.62 ? 88  LEU A O   1 
ATOM   438  C  CB  . LEU A 1 66  ? 4.589   3.922   -1.621  1.00 46.37 ? 88  LEU A CB  1 
ATOM   439  C  CG  . LEU A 1 66  ? 3.886   2.646   -1.224  1.00 50.61 ? 88  LEU A CG  1 
ATOM   440  C  CD1 . LEU A 1 66  ? 3.214   2.735   0.140   1.00 52.26 ? 88  LEU A CD1 1 
ATOM   441  C  CD2 . LEU A 1 66  ? 2.878   2.352   -2.326  1.00 49.71 ? 88  LEU A CD2 1 
ATOM   442  N  N   . ILE A 1 67  ? 7.594   4.785   -1.889  1.00 46.05 ? 89  ILE A N   1 
ATOM   443  C  CA  . ILE A 1 67  ? 9.023   4.491   -2.037  1.00 44.96 ? 89  ILE A CA  1 
ATOM   444  C  C   . ILE A 1 67  ? 9.825   5.103   -0.914  1.00 41.91 ? 89  ILE A C   1 
ATOM   445  O  O   . ILE A 1 67  ? 10.733  4.459   -0.416  1.00 44.08 ? 89  ILE A O   1 
ATOM   446  C  CB  . ILE A 1 67  ? 9.635   4.971   -3.370  1.00 46.72 ? 89  ILE A CB  1 
ATOM   447  C  CG1 . ILE A 1 67  ? 9.022   4.271   -4.592  1.00 55.92 ? 89  ILE A CG1 1 
ATOM   448  C  CG2 . ILE A 1 67  ? 11.178  4.730   -3.388  1.00 45.58 ? 89  ILE A CG2 1 
ATOM   449  C  CD1 . ILE A 1 67  ? 9.021   2.751   -4.527  1.00 58.47 ? 89  ILE A CD1 1 
ATOM   450  N  N   . GLY A 1 68  ? 9.504   6.332   -0.515  1.00 41.02 ? 90  GLY A N   1 
ATOM   451  C  CA  . GLY A 1 68  ? 10.278  7.046   0.520   1.00 40.56 ? 90  GLY A CA  1 
ATOM   452  C  C   . GLY A 1 68  ? 9.858   6.836   1.975   1.00 40.55 ? 90  GLY A C   1 
ATOM   453  O  O   . GLY A 1 68  ? 10.455  7.388   2.895   1.00 39.76 ? 90  GLY A O   1 
ATOM   454  N  N   . ALA A 1 69  ? 8.827   6.046   2.203   1.00 41.43 ? 91  ALA A N   1 
ATOM   455  C  CA  . ALA A 1 69  ? 8.284   5.948   3.543   1.00 43.95 ? 91  ALA A CA  1 
ATOM   456  C  C   . ALA A 1 69  ? 9.271   5.295   4.541   1.00 47.22 ? 91  ALA A C   1 
ATOM   457  O  O   . ALA A 1 69  ? 9.796   4.204   4.288   1.00 50.43 ? 91  ALA A O   1 
ATOM   458  C  CB  . ALA A 1 69  ? 6.962   5.216   3.511   1.00 41.85 ? 91  ALA A CB  1 
HETATM 459  N  N   . MLY A 1 70  ? 9.483   5.962   5.672   1.00 46.89 ? 92  MLY A N   1 
HETATM 460  C  CA  . MLY A 1 70  ? 10.450  5.510   6.691   1.00 52.15 ? 92  MLY A CA  1 
HETATM 461  C  CB  . MLY A 1 70  ? 11.158  6.716   7.355   1.00 51.07 ? 92  MLY A CB  1 
HETATM 462  C  CG  . MLY A 1 70  ? 11.632  7.835   6.384   1.00 55.45 ? 92  MLY A CG  1 
HETATM 463  C  CD  . MLY A 1 70  ? 12.140  9.091   7.148   1.00 55.70 ? 92  MLY A CD  1 
HETATM 464  C  CE  . MLY A 1 70  ? 12.159  10.387  6.282   1.00 59.86 ? 92  MLY A CE  1 
HETATM 465  N  NZ  . MLY A 1 70  ? 13.513  10.815  5.778   1.00 61.82 ? 92  MLY A NZ  1 
HETATM 466  C  C   . MLY A 1 70  ? 9.817   4.659   7.800   1.00 50.96 ? 92  MLY A C   1 
HETATM 467  O  O   . MLY A 1 70  ? 10.508  3.901   8.468   1.00 53.46 ? 92  MLY A O   1 
ATOM   468  N  N   . THR A 1 71  ? 8.527   4.832   8.034   1.00 47.16 ? 93  THR A N   1 
ATOM   469  C  CA  . THR A 1 71  ? 7.892   4.272   9.210   1.00 44.16 ? 93  THR A CA  1 
ATOM   470  C  C   . THR A 1 71  ? 6.584   3.673   8.829   1.00 41.45 ? 93  THR A C   1 
ATOM   471  O  O   . THR A 1 71  ? 6.063   3.937   7.762   1.00 37.97 ? 93  THR A O   1 
ATOM   472  C  CB  . THR A 1 71  ? 7.609   5.323   10.340  1.00 45.36 ? 93  THR A CB  1 
ATOM   473  O  OG1 . THR A 1 71  ? 6.547   6.222   9.957   1.00 42.66 ? 93  THR A OG1 1 
ATOM   474  C  CG2 . THR A 1 71  ? 8.893   6.099   10.710  1.00 41.77 ? 93  THR A CG2 1 
ATOM   475  N  N   . PRO A 1 72  ? 6.056   2.829   9.717   1.00 42.06 ? 94  PRO A N   1 
ATOM   476  C  CA  . PRO A 1 72  ? 4.751   2.245   9.467   1.00 38.39 ? 94  PRO A CA  1 
ATOM   477  C  C   . PRO A 1 72  ? 3.666   3.289   9.253   1.00 37.82 ? 94  PRO A C   1 
ATOM   478  O  O   . PRO A 1 72  ? 2.876   3.134   8.342   1.00 37.13 ? 94  PRO A O   1 
ATOM   479  C  CB  . PRO A 1 72  ? 4.497   1.395   10.721  1.00 41.16 ? 94  PRO A CB  1 
ATOM   480  C  CG  . PRO A 1 72  ? 5.937   1.022   11.189  1.00 42.97 ? 94  PRO A CG  1 
ATOM   481  C  CD  . PRO A 1 72  ? 6.689   2.314   10.958  1.00 39.59 ? 94  PRO A CD  1 
ATOM   482  N  N   . GLN A 1 73  ? 3.620   4.348   10.065  1.00 35.73 ? 95  GLN A N   1 
ATOM   483  C  CA  . GLN A 1 73  ? 2.632   5.393   9.824   1.00 36.43 ? 95  GLN A CA  1 
ATOM   484  C  C   . GLN A 1 73  ? 2.740   6.076   8.442   1.00 39.11 ? 95  GLN A C   1 
ATOM   485  O  O   . GLN A 1 73  ? 1.719   6.318   7.785   1.00 43.04 ? 95  GLN A O   1 
ATOM   486  C  CB  . GLN A 1 73  ? 2.632   6.434   10.942  1.00 32.51 ? 95  GLN A CB  1 
ATOM   487  C  CG  . GLN A 1 73  ? 1.918   5.915   12.213  1.00 37.26 ? 95  GLN A CG  1 
ATOM   488  C  CD  . GLN A 1 73  ? 2.212   6.779   13.446  1.00 39.79 ? 95  GLN A CD  1 
ATOM   489  O  OE1 . GLN A 1 73  ? 2.552   7.959   13.328  1.00 47.38 ? 95  GLN A OE1 1 
ATOM   490  N  NE2 . GLN A 1 73  ? 2.065   6.197   14.621  1.00 40.63 ? 95  GLN A NE2 1 
ATOM   491  N  N   . GLU A 1 74  ? 3.959   6.437   8.052   1.00 38.81 ? 96  GLU A N   1 
ATOM   492  C  CA  . GLU A 1 74  ? 4.230   7.014   6.747   1.00 38.95 ? 96  GLU A CA  1 
ATOM   493  C  C   . GLU A 1 74  ? 3.868   6.072   5.597   1.00 40.39 ? 96  GLU A C   1 
ATOM   494  O  O   . GLU A 1 74  ? 3.435   6.531   4.547   1.00 42.75 ? 96  GLU A O   1 
ATOM   495  C  CB  . GLU A 1 74  ? 5.726   7.395   6.635   1.00 39.34 ? 96  GLU A CB  1 
ATOM   496  C  CG  . GLU A 1 74  ? 6.132   8.628   7.455   1.00 33.54 ? 96  GLU A CG  1 
ATOM   497  C  CD  . GLU A 1 74  ? 7.646   8.882   7.502   1.00 40.27 ? 96  GLU A CD  1 
ATOM   498  O  OE1 . GLU A 1 74  ? 8.393   8.156   6.816   1.00 48.82 ? 96  GLU A OE1 1 
ATOM   499  O  OE2 . GLU A 1 74  ? 8.088   9.822   8.229   1.00 47.02 ? 96  GLU A OE2 1 
ATOM   500  N  N   . SER A 1 75  ? 4.061   4.767   5.778   1.00 39.54 ? 97  SER A N   1 
ATOM   501  C  CA  . SER A 1 75  ? 3.771   3.796   4.700   1.00 39.65 ? 97  SER A CA  1 
ATOM   502  C  C   . SER A 1 75  ? 2.302   3.616   4.566   1.00 39.01 ? 97  SER A C   1 
ATOM   503  O  O   . SER A 1 75  ? 1.790   3.392   3.467   1.00 40.36 ? 97  SER A O   1 
ATOM   504  C  CB  . SER A 1 75  ? 4.420   2.425   4.973   1.00 36.82 ? 97  SER A CB  1 
ATOM   505  O  OG  . SER A 1 75  ? 5.829   2.525   4.789   1.00 44.31 ? 97  SER A OG  1 
ATOM   506  N  N   . ALA A 1 76  ? 1.607   3.677   5.700   1.00 38.85 ? 98  ALA A N   1 
ATOM   507  C  CA  . ALA A 1 76  ? 0.150   3.543   5.706   1.00 35.81 ? 98  ALA A CA  1 
ATOM   508  C  C   . ALA A 1 76  ? -0.490  4.779   5.089   1.00 35.83 ? 98  ALA A C   1 
ATOM   509  O  O   . ALA A 1 76  ? -1.358  4.656   4.259   1.00 41.45 ? 98  ALA A O   1 
ATOM   510  C  CB  . ALA A 1 76  ? -0.349  3.323   7.137   1.00 35.92 ? 98  ALA A CB  1 
ATOM   511  N  N   . GLN A 1 77  ? -0.080  5.970   5.512   1.00 35.86 ? 99  GLN A N   1 
ATOM   512  C  CA  . GLN A 1 77  ? -0.487  7.199   4.855   1.00 37.83 ? 99  GLN A CA  1 
ATOM   513  C  C   . GLN A 1 77  ? -0.205  7.175   3.327   1.00 39.78 ? 99  GLN A C   1 
ATOM   514  O  O   . GLN A 1 77  ? -1.063  7.547   2.515   1.00 40.38 ? 99  GLN A O   1 
ATOM   515  C  CB  . GLN A 1 77  ? 0.198   8.404   5.519   1.00 38.49 ? 99  GLN A CB  1 
ATOM   516  C  CG  . GLN A 1 77  ? -0.203  9.757   4.944   1.00 43.69 ? 99  GLN A CG  1 
ATOM   517  C  CD  . GLN A 1 77  ? -1.657  10.138  5.256   1.00 58.59 ? 99  GLN A CD  1 
ATOM   518  O  OE1 . GLN A 1 77  ? -2.072  10.163  6.419   1.00 67.08 ? 99  GLN A OE1 1 
ATOM   519  N  NE2 . GLN A 1 77  ? -2.424  10.460  4.221   1.00 61.53 ? 99  GLN A NE2 1 
ATOM   520  N  N   . ALA A 1 78  ? 0.983   6.737   2.931   1.00 39.36 ? 100 ALA A N   1 
ATOM   521  C  CA  . ALA A 1 78  ? 1.285   6.678   1.522   1.00 40.18 ? 100 ALA A CA  1 
ATOM   522  C  C   . ALA A 1 78  ? 0.344   5.679   0.820   1.00 42.89 ? 100 ALA A C   1 
ATOM   523  O  O   . ALA A 1 78  ? -0.152  5.955   -0.293  1.00 38.98 ? 100 ALA A O   1 
ATOM   524  C  CB  . ALA A 1 78  ? 2.727   6.330   1.283   1.00 38.91 ? 100 ALA A CB  1 
ATOM   525  N  N   . ASP A 1 79  ? 0.058   4.557   1.477   1.00 42.63 ? 101 ASP A N   1 
ATOM   526  C  CA  . ASP A 1 79  ? -0.805  3.549   0.858   1.00 43.06 ? 101 ASP A CA  1 
ATOM   527  C  C   . ASP A 1 79  ? -2.248  3.994   0.705   1.00 42.82 ? 101 ASP A C   1 
ATOM   528  O  O   . ASP A 1 79  ? -2.930  3.626   -0.250  1.00 42.38 ? 101 ASP A O   1 
ATOM   529  C  CB  . ASP A 1 79  ? -0.778  2.240   1.585   1.00 40.60 ? 101 ASP A CB  1 
ATOM   530  C  CG  . ASP A 1 79  ? -1.387  1.101   0.754   1.00 45.17 ? 101 ASP A CG  1 
ATOM   531  O  OD1 . ASP A 1 79  ? -1.062  0.954   -0.458  1.00 54.83 ? 101 ASP A OD1 1 
ATOM   532  O  OD2 . ASP A 1 79  ? -2.187  0.338   1.323   1.00 55.10 ? 101 ASP A OD2 1 
ATOM   533  N  N   . ALA A 1 80  ? -2.690  4.817   1.630   1.00 42.77 ? 102 ALA A N   1 
ATOM   534  C  CA  . ALA A 1 80  ? -4.008  5.347   1.560   1.00 41.67 ? 102 ALA A CA  1 
ATOM   535  C  C   . ALA A 1 80  ? -4.108  6.371   0.450   1.00 38.04 ? 102 ALA A C   1 
ATOM   536  O  O   . ALA A 1 80  ? -5.133  6.458   -0.198  1.00 38.68 ? 102 ALA A O   1 
ATOM   537  C  CB  . ALA A 1 80  ? -4.385  5.959   2.905   1.00 44.18 ? 102 ALA A CB  1 
ATOM   538  N  N   . GLU A 1 81  ? -3.051  7.148   0.241   1.00 39.52 ? 103 GLU A N   1 
ATOM   539  C  CA  . GLU A 1 81  ? -3.009  8.092   -0.881  1.00 41.04 ? 103 GLU A CA  1 
ATOM   540  C  C   . GLU A 1 81  ? -3.092  7.371   -2.204  1.00 39.79 ? 103 GLU A C   1 
ATOM   541  O  O   . GLU A 1 81  ? -3.871  7.756   -3.044  1.00 38.63 ? 103 GLU A O   1 
ATOM   542  C  CB  . GLU A 1 81  ? -1.774  8.971   -0.817  1.00 41.54 ? 103 GLU A CB  1 
ATOM   543  C  CG  . GLU A 1 81  ? -1.933  9.983   0.290   1.00 50.14 ? 103 GLU A CG  1 
ATOM   544  C  CD  . GLU A 1 81  ? -0.719  10.829  0.508   1.00 58.78 ? 103 GLU A CD  1 
ATOM   545  O  OE1 . GLU A 1 81  ? 0.145   10.871  -0.397  1.00 68.92 ? 103 GLU A OE1 1 
ATOM   546  O  OE2 . GLU A 1 81  ? -0.644  11.463  1.585   1.00 53.50 ? 103 GLU A OE2 1 
ATOM   547  N  N   . LEU A 1 82  ? -2.350  6.275   -2.330  1.00 39.78 ? 104 LEU A N   1 
ATOM   548  C  CA  . LEU A 1 82  ? -2.412  5.415   -3.492  1.00 42.71 ? 104 LEU A CA  1 
ATOM   549  C  C   . LEU A 1 82  ? -3.780  4.796   -3.725  1.00 42.28 ? 104 LEU A C   1 
ATOM   550  O  O   . LEU A 1 82  ? -4.274  4.844   -4.843  1.00 37.51 ? 104 LEU A O   1 
ATOM   551  C  CB  . LEU A 1 82  ? -1.358  4.299   -3.423  1.00 45.67 ? 104 LEU A CB  1 
ATOM   552  C  CG  . LEU A 1 82  ? -1.237  3.469   -4.713  1.00 48.46 ? 104 LEU A CG  1 
ATOM   553  C  CD1 . LEU A 1 82  ? -0.789  4.390   -5.895  1.00 50.42 ? 104 LEU A CD1 1 
ATOM   554  C  CD2 . LEU A 1 82  ? -0.297  2.279   -4.568  1.00 44.59 ? 104 LEU A CD2 1 
ATOM   555  N  N   . SER A 1 83  ? -4.386  4.229   -2.685  1.00 41.25 ? 105 SER A N   1 
ATOM   556  C  CA  . SER A 1 83  ? -5.702  3.611   -2.818  1.00 39.36 ? 105 SER A CA  1 
ATOM   557  C  C   . SER A 1 83  ? -6.726  4.633   -3.258  1.00 40.63 ? 105 SER A C   1 
ATOM   558  O  O   . SER A 1 83  ? -7.555  4.357   -4.096  1.00 39.68 ? 105 SER A O   1 
ATOM   559  C  CB  . SER A 1 83  ? -6.175  2.949   -1.507  1.00 35.62 ? 105 SER A CB  1 
ATOM   560  O  OG  . SER A 1 83  ? -5.308  1.877   -1.156  1.00 45.49 ? 105 SER A OG  1 
ATOM   561  N  N   . SER A 1 84  ? -6.643  5.830   -2.689  1.00 39.69 ? 106 SER A N   1 
ATOM   562  C  CA  . SER A 1 84  ? -7.539  6.891   -3.058  1.00 35.65 ? 106 SER A CA  1 
ATOM   563  C  C   . SER A 1 84  ? -7.363  7.319   -4.531  1.00 37.56 ? 106 SER A C   1 
ATOM   564  O  O   . SER A 1 84  ? -8.345  7.594   -5.254  1.00 35.99 ? 106 SER A O   1 
ATOM   565  C  CB  . SER A 1 84  ? -7.287  8.074   -2.155  1.00 35.68 ? 106 SER A CB  1 
ATOM   566  O  OG  . SER A 1 84  ? -8.180  9.125   -2.490  1.00 43.88 ? 106 SER A OG  1 
ATOM   567  N  N   . ALA A 1 85  ? -6.115  7.372   -4.977  1.00 36.66 ? 107 ALA A N   1 
ATOM   568  C  CA  . ALA A 1 85  ? -5.809  7.772   -6.370  1.00 40.46 ? 107 ALA A CA  1 
ATOM   569  C  C   . ALA A 1 85  ? -6.200  6.653   -7.358  1.00 39.97 ? 107 ALA A C   1 
ATOM   570  O  O   . ALA A 1 85  ? -6.659  6.919   -8.488  1.00 43.99 ? 107 ALA A O   1 
ATOM   571  C  CB  . ALA A 1 85  ? -4.341  8.123   -6.516  1.00 41.11 ? 107 ALA A CB  1 
ATOM   572  N  N   . LEU A 1 86  ? -6.088  5.418   -6.911  1.00 38.16 ? 108 LEU A N   1 
ATOM   573  C  CA  . LEU A 1 86  ? -6.588  4.274   -7.679  1.00 42.03 ? 108 LEU A CA  1 
ATOM   574  C  C   . LEU A 1 86  ? -8.114  4.251   -7.804  1.00 42.47 ? 108 LEU A C   1 
ATOM   575  O  O   . LEU A 1 86  ? -8.635  3.990   -8.882  1.00 42.60 ? 108 LEU A O   1 
ATOM   576  C  CB  . LEU A 1 86  ? -6.107  2.969   -7.073  1.00 44.99 ? 108 LEU A CB  1 
ATOM   577  C  CG  . LEU A 1 86  ? -4.585  2.710   -7.229  1.00 48.98 ? 108 LEU A CG  1 
ATOM   578  C  CD1 . LEU A 1 86  ? -4.282  1.278   -6.716  1.00 46.76 ? 108 LEU A CD1 1 
ATOM   579  C  CD2 . LEU A 1 86  ? -4.113  2.875   -8.657  1.00 38.83 ? 108 LEU A CD2 1 
ATOM   580  N  N   . SER A 1 87  ? -8.828  4.551   -6.727  1.00 43.33 ? 109 SER A N   1 
ATOM   581  C  CA  . SER A 1 87  ? -10.281 4.686   -6.819  1.00 46.71 ? 109 SER A CA  1 
ATOM   582  C  C   . SER A 1 87  ? -10.699 5.805   -7.765  1.00 45.36 ? 109 SER A C   1 
ATOM   583  O  O   . SER A 1 87  ? -11.717 5.674   -8.459  1.00 45.54 ? 109 SER A O   1 
ATOM   584  C  CB  . SER A 1 87  ? -10.939 4.982   -5.464  1.00 43.50 ? 109 SER A CB  1 
ATOM   585  O  OG  . SER A 1 87  ? -10.663 3.920   -4.610  1.00 55.80 ? 109 SER A OG  1 
ATOM   586  N  N   . ARG A 1 88  ? -9.991  6.933   -7.711  1.00 43.37 ? 110 ARG A N   1 
ATOM   587  C  CA  . ARG A 1 88  ? -10.333 8.058   -8.579  1.00 42.21 ? 110 ARG A CA  1 
ATOM   588  C  C   . ARG A 1 88  ? -10.029 7.695   -10.076 1.00 40.89 ? 110 ARG A C   1 
ATOM   589  O  O   . ARG A 1 88  ? -10.729 8.121   -10.998 1.00 39.23 ? 110 ARG A O   1 
ATOM   590  C  CB  . ARG A 1 88  ? -9.635  9.335   -8.113  1.00 39.83 ? 110 ARG A CB  1 
ATOM   591  C  CG  . ARG A 1 88  ? -10.142 9.925   -6.736  1.00 45.83 ? 110 ARG A CG  1 
ATOM   592  C  CD  . ARG A 1 88  ? -9.761  11.435  -6.598  1.00 51.17 ? 110 ARG A CD  1 
ATOM   593  N  NE  . ARG A 1 88  ? -8.312  11.567  -6.643  1.00 51.03 ? 110 ARG A NE  1 
ATOM   594  C  CZ  . ARG A 1 88  ? -7.504  11.219  -5.640  1.00 58.69 ? 110 ARG A CZ  1 
ATOM   595  N  NH1 . ARG A 1 88  ? -8.005  10.772  -4.495  1.00 55.77 ? 110 ARG A NH1 1 
ATOM   596  N  NH2 . ARG A 1 88  ? -6.179  11.327  -5.765  1.00 56.92 ? 110 ARG A NH2 1 
ATOM   597  N  N   . LEU A 1 89  ? -8.978  6.919   -10.290 1.00 39.33 ? 111 LEU A N   1 
ATOM   598  C  CA  . LEU A 1 89  ? -8.628  6.444   -11.618 1.00 41.40 ? 111 LEU A CA  1 
ATOM   599  C  C   . LEU A 1 89  ? -9.754  5.601   -12.184 1.00 43.94 ? 111 LEU A C   1 
ATOM   600  O  O   . LEU A 1 89  ? -10.140 5.757   -13.350 1.00 42.07 ? 111 LEU A O   1 
ATOM   601  C  CB  . LEU A 1 89  ? -7.320  5.648   -11.587 1.00 39.14 ? 111 LEU A CB  1 
ATOM   602  C  CG  . LEU A 1 89  ? -6.819  5.038   -12.916 1.00 40.39 ? 111 LEU A CG  1 
ATOM   603  C  CD1 . LEU A 1 89  ? -6.676  6.053   -14.028 1.00 39.70 ? 111 LEU A CD1 1 
ATOM   604  C  CD2 . LEU A 1 89  ? -5.461  4.327   -12.742 1.00 40.63 ? 111 LEU A CD2 1 
ATOM   605  N  N   . LEU A 1 90  ? -10.288 4.716   -11.348 1.00 45.39 ? 112 LEU A N   1 
ATOM   606  C  CA  . LEU A 1 90  ? -11.371 3.848   -11.760 1.00 47.36 ? 112 LEU A CA  1 
ATOM   607  C  C   . LEU A 1 90  ? -12.660 4.615   -12.144 1.00 45.65 ? 112 LEU A C   1 
ATOM   608  O  O   . LEU A 1 90  ? -13.370 4.239   -13.111 1.00 45.26 ? 112 LEU A O   1 
ATOM   609  C  CB  . LEU A 1 90  ? -11.647 2.846   -10.646 1.00 51.11 ? 112 LEU A CB  1 
ATOM   610  C  CG  . LEU A 1 90  ? -12.234 1.502   -11.068 1.00 58.19 ? 112 LEU A CG  1 
ATOM   611  C  CD1 . LEU A 1 90  ? -11.373 0.793   -12.143 1.00 62.02 ? 112 LEU A CD1 1 
ATOM   612  C  CD2 . LEU A 1 90  ? -12.366 0.660   -9.837  1.00 56.60 ? 112 LEU A CD2 1 
ATOM   613  N  N   . ALA A 1 91  ? -12.972 5.693   -11.420 1.00 42.53 ? 113 ALA A N   1 
ATOM   614  C  CA  . ALA A 1 91  ? -14.099 6.538   -11.810 1.00 42.48 ? 113 ALA A CA  1 
ATOM   615  C  C   . ALA A 1 91  ? -13.859 7.212   -13.168 1.00 43.55 ? 113 ALA A C   1 
ATOM   616  O  O   . ALA A 1 91  ? -14.701 7.164   -14.044 1.00 46.26 ? 113 ALA A O   1 
ATOM   617  C  CB  . ALA A 1 91  ? -14.369 7.563   -10.750 1.00 44.57 ? 113 ALA A CB  1 
ATOM   618  N  N   . ILE A 1 92  ? -12.690 7.820   -13.341 1.00 44.00 ? 114 ILE A N   1 
ATOM   619  C  CA  . ILE A 1 92  ? -12.259 8.377   -14.618 1.00 44.79 ? 114 ILE A CA  1 
ATOM   620  C  C   . ILE A 1 92  ? -12.306 7.346   -15.791 1.00 44.62 ? 114 ILE A C   1 
ATOM   621  O  O   . ILE A 1 92  ? -12.751 7.674   -16.900 1.00 46.01 ? 114 ILE A O   1 
ATOM   622  C  CB  . ILE A 1 92  ? -10.843 8.998   -14.460 1.00 46.25 ? 114 ILE A CB  1 
ATOM   623  C  CG1 . ILE A 1 92  ? -10.940 10.304  -13.641 1.00 51.05 ? 114 ILE A CG1 1 
ATOM   624  C  CG2 . ILE A 1 92  ? -10.205 9.289   -15.820 1.00 48.78 ? 114 ILE A CG2 1 
ATOM   625  C  CD1 . ILE A 1 92  ? -9.621  10.756  -12.952 1.00 49.66 ? 114 ILE A CD1 1 
ATOM   626  N  N   . ALA A 1 93  ? -11.876 6.109   -15.536 1.00 43.14 ? 115 ALA A N   1 
ATOM   627  C  CA  . ALA A 1 93  ? -11.860 5.068   -16.546 1.00 42.72 ? 115 ALA A CA  1 
ATOM   628  C  C   . ALA A 1 93  ? -13.237 4.823   -17.164 1.00 41.86 ? 115 ALA A C   1 
ATOM   629  O  O   . ALA A 1 93  ? -13.322 4.413   -18.320 1.00 41.01 ? 115 ALA A O   1 
ATOM   630  C  CB  . ALA A 1 93  ? -11.331 3.786   -15.987 1.00 43.46 ? 115 ALA A CB  1 
ATOM   631  N  N   . GLU A 1 94  ? -14.293 5.085   -16.402 1.00 41.04 ? 116 GLU A N   1 
ATOM   632  C  CA  . GLU A 1 94  ? -15.665 5.058   -16.941 1.00 43.90 ? 116 GLU A CA  1 
ATOM   633  C  C   . GLU A 1 94  ? -15.879 5.929   -18.170 1.00 43.47 ? 116 GLU A C   1 
ATOM   634  O  O   . GLU A 1 94  ? -16.734 5.608   -18.972 1.00 45.67 ? 116 GLU A O   1 
ATOM   635  C  CB  . GLU A 1 94  ? -16.697 5.465   -15.884 1.00 43.24 ? 116 GLU A CB  1 
ATOM   636  C  CG  . GLU A 1 94  ? -16.857 4.444   -14.758 1.00 52.17 ? 116 GLU A CG  1 
ATOM   637  C  CD  . GLU A 1 94  ? -17.243 3.042   -15.259 1.00 62.56 ? 116 GLU A CD  1 
ATOM   638  O  OE1 . GLU A 1 94  ? -18.291 2.923   -15.936 1.00 68.45 ? 116 GLU A OE1 1 
ATOM   639  O  OE2 . GLU A 1 94  ? -16.513 2.062   -14.957 1.00 61.03 ? 116 GLU A OE2 1 
ATOM   640  N  N   . ASN A 1 95  ? -15.111 7.014   -18.319 1.00 41.27 ? 117 ASN A N   1 
ATOM   641  C  CA  . ASN A 1 95  ? -15.219 7.871   -19.481 1.00 41.37 ? 117 ASN A CA  1 
ATOM   642  C  C   . ASN A 1 95  ? -14.471 7.313   -20.665 1.00 40.14 ? 117 ASN A C   1 
ATOM   643  O  O   . ASN A 1 95  ? -14.547 7.876   -21.754 1.00 41.55 ? 117 ASN A O   1 
ATOM   644  C  CB  . ASN A 1 95  ? -14.631 9.263   -19.191 1.00 45.71 ? 117 ASN A CB  1 
ATOM   645  C  CG  . ASN A 1 95  ? -15.338 9.979   -18.054 1.00 49.92 ? 117 ASN A CG  1 
ATOM   646  O  OD1 . ASN A 1 95  ? -16.525 10.287  -18.146 1.00 55.84 ? 117 ASN A OD1 1 
ATOM   647  N  ND2 . ASN A 1 95  ? -14.603 10.251  -16.975 1.00 48.92 ? 117 ASN A ND2 1 
ATOM   648  N  N   . TYR A 1 96  ? -13.704 6.247   -20.436 1.00 40.15 ? 118 TYR A N   1 
ATOM   649  C  CA  . TYR A 1 96  ? -12.870 5.608   -21.450 1.00 39.14 ? 118 TYR A CA  1 
ATOM   650  C  C   . TYR A 1 96  ? -13.210 4.117   -21.565 1.00 37.06 ? 118 TYR A C   1 
ATOM   651  O  O   . TYR A 1 96  ? -12.542 3.276   -20.988 1.00 35.40 ? 118 TYR A O   1 
ATOM   652  C  CB  . TYR A 1 96  ? -11.385 5.801   -21.108 1.00 39.96 ? 118 TYR A CB  1 
ATOM   653  C  CG  . TYR A 1 96  ? -10.979 7.240   -21.091 1.00 35.98 ? 118 TYR A CG  1 
ATOM   654  C  CD1 . TYR A 1 96  ? -10.651 7.909   -22.266 1.00 41.32 ? 118 TYR A CD1 1 
ATOM   655  C  CD2 . TYR A 1 96  ? -10.972 7.954   -19.898 1.00 40.56 ? 118 TYR A CD2 1 
ATOM   656  C  CE1 . TYR A 1 96  ? -10.289 9.266   -22.242 1.00 38.46 ? 118 TYR A CE1 1 
ATOM   657  C  CE2 . TYR A 1 96  ? -10.624 9.289   -19.860 1.00 39.77 ? 118 TYR A CE2 1 
ATOM   658  C  CZ  . TYR A 1 96  ? -10.280 9.939   -21.026 1.00 37.62 ? 118 TYR A CZ  1 
ATOM   659  O  OH  . TYR A 1 96  ? -9.922  11.260  -20.941 1.00 44.91 ? 118 TYR A OH  1 
ATOM   660  N  N   . PRO A 1 97  ? -14.244 3.784   -22.351 1.00 38.98 ? 119 PRO A N   1 
ATOM   661  C  CA  . PRO A 1 97  ? -14.688 2.390   -22.367 1.00 39.64 ? 119 PRO A CA  1 
ATOM   662  C  C   . PRO A 1 97  ? -13.629 1.387   -22.843 1.00 37.35 ? 119 PRO A C   1 
ATOM   663  O  O   . PRO A 1 97  ? -13.656 0.268   -22.405 1.00 35.98 ? 119 PRO A O   1 
ATOM   664  C  CB  . PRO A 1 97  ? -15.887 2.399   -23.330 1.00 40.47 ? 119 PRO A CB  1 
ATOM   665  C  CG  . PRO A 1 97  ? -16.274 3.809   -23.476 1.00 42.87 ? 119 PRO A CG  1 
ATOM   666  C  CD  . PRO A 1 97  ? -15.041 4.630   -23.248 1.00 40.38 ? 119 PRO A CD  1 
ATOM   667  N  N   . ASN A 1 98  ? -12.760 1.792   -23.766 1.00 39.42 ? 120 ASN A N   1 
ATOM   668  C  CA  . ASN A 1 98  ? -11.732 0.924   -24.329 1.00 39.99 ? 120 ASN A CA  1 
ATOM   669  C  C   . ASN A 1 98  ? -10.666 0.643   -23.295 1.00 38.77 ? 120 ASN A C   1 
ATOM   670  O  O   . ASN A 1 98  ? -10.151 -0.456  -23.255 1.00 38.65 ? 120 ASN A O   1 
ATOM   671  C  CB  . ASN A 1 98  ? -11.073 1.558   -25.562 1.00 38.97 ? 120 ASN A CB  1 
ATOM   672  C  CG  . ASN A 1 98  ? -12.018 1.679   -26.738 1.00 43.89 ? 120 ASN A CG  1 
ATOM   673  O  OD1 . ASN A 1 98  ? -12.864 0.818   -26.956 1.00 47.30 ? 120 ASN A OD1 1 
ATOM   674  N  ND2 . ASN A 1 98  ? -11.860 2.743   -27.519 1.00 32.39 ? 120 ASN A ND2 1 
ATOM   675  N  N   . LEU A 1 99  ? -10.329 1.650   -22.478 1.00 40.12 ? 121 LEU A N   1 
ATOM   676  C  CA  . LEU A 1 99  ? -9.472  1.466   -21.299 1.00 38.71 ? 121 LEU A CA  1 
ATOM   677  C  C   . LEU A 1 99  ? -10.105 0.535   -20.264 1.00 39.97 ? 121 LEU A C   1 
ATOM   678  O  O   . LEU A 1 99  ? -9.459  -0.373  -19.742 1.00 40.46 ? 121 LEU A O   1 
ATOM   679  C  CB  . LEU A 1 99  ? -9.161  2.801   -20.630 1.00 39.41 ? 121 LEU A CB  1 
ATOM   680  C  CG  . LEU A 1 99  ? -8.405  2.704   -19.278 1.00 38.10 ? 121 LEU A CG  1 
ATOM   681  C  CD1 . LEU A 1 99  ? -7.019  2.169   -19.496 1.00 42.08 ? 121 LEU A CD1 1 
ATOM   682  C  CD2 . LEU A 1 99  ? -8.322  4.006   -18.562 1.00 38.81 ? 121 LEU A CD2 1 
HETATM 683  N  N   . MLY A 1 100 ? -11.365 0.790   -19.940 1.00 42.18 ? 122 MLY A N   1 
HETATM 684  C  CA  . MLY A 1 100 ? -12.077 -0.015  -18.959 1.00 43.74 ? 122 MLY A CA  1 
HETATM 685  C  CB  . MLY A 1 100 ? -13.477 0.570   -18.711 1.00 41.59 ? 122 MLY A CB  1 
HETATM 686  C  CG  . MLY A 1 100 ? -14.326 -0.164  -17.680 1.00 46.45 ? 122 MLY A CG  1 
HETATM 687  C  CD  . MLY A 1 100 ? -15.728 0.411   -17.647 1.00 50.67 ? 122 MLY A CD  1 
HETATM 688  C  CE  . MLY A 1 100 ? -16.730 -0.465  -16.879 1.00 56.79 ? 122 MLY A CE  1 
HETATM 689  N  NZ  . MLY A 1 100 ? -18.128 -0.138  -17.380 1.00 54.40 ? 122 MLY A NZ  1 
HETATM 690  C  C   . MLY A 1 100 ? -12.119 -1.471  -19.442 1.00 43.32 ? 122 MLY A C   1 
HETATM 691  O  O   . MLY A 1 100 ? -11.919 -2.395  -18.659 1.00 44.07 ? 122 MLY A O   1 
ATOM   692  N  N   . ALA A 1 101 ? -12.319 -1.673  -20.741 1.00 42.40 ? 123 ALA A N   1 
ATOM   693  C  CA  . ALA A 1 101 ? -12.269 -3.031  -21.314 1.00 42.70 ? 123 ALA A CA  1 
ATOM   694  C  C   . ALA A 1 101 ? -10.841 -3.643  -21.560 1.00 41.15 ? 123 ALA A C   1 
ATOM   695  O  O   . ALA A 1 101 ? -10.750 -4.843  -21.799 1.00 40.89 ? 123 ALA A O   1 
ATOM   696  C  CB  . ALA A 1 101 ? -13.100 -3.065  -22.625 1.00 39.25 ? 123 ALA A CB  1 
ATOM   697  N  N   . ASP A 1 102 ? -9.765  -2.840  -21.561 1.00 38.70 ? 124 ASP A N   1 
ATOM   698  C  CA  . ASP A 1 102 ? -8.393  -3.354  -21.826 1.00 40.27 ? 124 ASP A CA  1 
ATOM   699  C  C   . ASP A 1 102 ? -7.952  -4.488  -20.851 1.00 35.58 ? 124 ASP A C   1 
ATOM   700  O  O   . ASP A 1 102 ? -8.000  -4.319  -19.662 1.00 33.57 ? 124 ASP A O   1 
ATOM   701  C  CB  . ASP A 1 102 ? -7.379  -2.208  -21.733 1.00 43.29 ? 124 ASP A CB  1 
ATOM   702  C  CG  . ASP A 1 102 ? -5.969  -2.617  -22.153 1.00 42.90 ? 124 ASP A CG  1 
ATOM   703  O  OD1 . ASP A 1 102 ? -5.744  -2.831  -23.359 1.00 56.85 ? 124 ASP A OD1 1 
ATOM   704  O  OD2 . ASP A 1 102 ? -5.081  -2.693  -21.291 1.00 45.88 ? 124 ASP A OD2 1 
ATOM   705  N  N   . ALA A 1 103 ? -7.517  -5.632  -21.373 1.00 34.65 ? 125 ALA A N   1 
ATOM   706  C  CA  . ALA A 1 103 ? -7.182  -6.789  -20.524 1.00 32.37 ? 125 ALA A CA  1 
ATOM   707  C  C   . ALA A 1 103 ? -6.027  -6.528  -19.578 1.00 32.81 ? 125 ALA A C   1 
ATOM   708  O  O   . ALA A 1 103 ? -6.003  -7.084  -18.470 1.00 33.87 ? 125 ALA A O   1 
ATOM   709  C  CB  . ALA A 1 103 ? -6.882  -7.985  -21.366 1.00 32.12 ? 125 ALA A CB  1 
ATOM   710  N  N   . ASN A 1 104 ? -5.056  -5.716  -19.999 1.00 33.65 ? 126 ASN A N   1 
ATOM   711  C  CA  . ASN A 1 104 ? -3.904  -5.415  -19.154 1.00 34.23 ? 126 ASN A CA  1 
ATOM   712  C  C   . ASN A 1 104 ? -4.310  -4.483  -18.018 1.00 38.28 ? 126 ASN A C   1 
ATOM   713  O  O   . ASN A 1 104 ? -3.864  -4.652  -16.879 1.00 36.08 ? 126 ASN A O   1 
ATOM   714  C  CB  . ASN A 1 104 ? -2.749  -4.819  -19.941 1.00 34.84 ? 126 ASN A CB  1 
ATOM   715  C  CG  . ASN A 1 104 ? -1.494  -4.585  -19.062 1.00 46.01 ? 126 ASN A CG  1 
ATOM   716  O  OD1 . ASN A 1 104 ? -1.066  -3.450  -18.879 1.00 56.21 ? 126 ASN A OD1 1 
ATOM   717  N  ND2 . ASN A 1 104 ? -0.946  -5.663  -18.475 1.00 46.13 ? 126 ASN A ND2 1 
ATOM   718  N  N   . PHE A 1 105 ? -5.158  -3.498  -18.331 1.00 39.13 ? 127 PHE A N   1 
ATOM   719  C  CA  . PHE A 1 105 ? -5.702  -2.630  -17.322 1.00 39.11 ? 127 PHE A CA  1 
ATOM   720  C  C   . PHE A 1 105 ? -6.529  -3.423  -16.300 1.00 41.12 ? 127 PHE A C   1 
ATOM   721  O  O   . PHE A 1 105 ? -6.394  -3.209  -15.100 1.00 41.81 ? 127 PHE A O   1 
ATOM   722  C  CB  . PHE A 1 105 ? -6.557  -1.539  -17.954 1.00 37.90 ? 127 PHE A CB  1 
ATOM   723  C  CG  . PHE A 1 105 ? -7.158  -0.576  -16.956 1.00 38.06 ? 127 PHE A CG  1 
ATOM   724  C  CD1 . PHE A 1 105 ? -6.368  0.348   -16.316 1.00 37.65 ? 127 PHE A CD1 1 
ATOM   725  C  CD2 . PHE A 1 105 ? -8.519  -0.623  -16.640 1.00 39.97 ? 127 PHE A CD2 1 
ATOM   726  C  CE1 . PHE A 1 105 ? -6.909  1.240   -15.378 1.00 36.24 ? 127 PHE A CE1 1 
ATOM   727  C  CE2 . PHE A 1 105 ? -9.079  0.260   -15.706 1.00 45.25 ? 127 PHE A CE2 1 
ATOM   728  C  CZ  . PHE A 1 105 ? -8.274  1.200   -15.076 1.00 43.70 ? 127 PHE A CZ  1 
ATOM   729  N  N   . ARG A 1 106 ? -7.381  -4.330  -16.759 1.00 39.20 ? 128 ARG A N   1 
ATOM   730  C  CA  . ARG A 1 106 ? -8.183  -5.067  -15.806 1.00 39.28 ? 128 ARG A CA  1 
ATOM   731  C  C   . ARG A 1 106 ? -7.286  -5.949  -14.950 1.00 39.45 ? 128 ARG A C   1 
ATOM   732  O  O   . ARG A 1 106 ? -7.531  -6.027  -13.734 1.00 42.97 ? 128 ARG A O   1 
ATOM   733  C  CB  . ARG A 1 106 ? -9.263  -5.919  -16.498 1.00 38.56 ? 128 ARG A CB  1 
ATOM   734  C  CG  . ARG A 1 106 ? -10.341 -5.060  -17.164 1.00 44.63 ? 128 ARG A CG  1 
ATOM   735  C  CD  . ARG A 1 106 ? -11.158 -5.819  -18.174 1.00 54.82 ? 128 ARG A CD  1 
ATOM   736  N  NE  . ARG A 1 106 ? -12.274 -6.569  -17.597 1.00 70.67 ? 128 ARG A NE  1 
ATOM   737  C  CZ  . ARG A 1 106 ? -13.483 -6.069  -17.301 1.00 76.54 ? 128 ARG A CZ  1 
ATOM   738  N  NH1 . ARG A 1 106 ? -13.774 -4.773  -17.474 1.00 74.72 ? 128 ARG A NH1 1 
ATOM   739  N  NH2 . ARG A 1 106 ? -14.417 -6.882  -16.807 1.00 74.61 ? 128 ARG A NH2 1 
ATOM   740  N  N   . GLN A 1 107 ? -6.312  -6.642  -15.573 1.00 33.18 ? 129 GLN A N   1 
ATOM   741  C  CA  . GLN A 1 107 ? -5.435  -7.537  -14.836 1.00 34.09 ? 129 GLN A CA  1 
ATOM   742  C  C   . GLN A 1 107 ? -4.668  -6.749  -13.777 1.00 35.09 ? 129 GLN A C   1 
ATOM   743  O  O   . GLN A 1 107 ? -4.516  -7.196  -12.642 1.00 35.64 ? 129 GLN A O   1 
ATOM   744  C  CB  . GLN A 1 107 ? -4.449  -8.268  -15.754 1.00 31.92 ? 129 GLN A CB  1 
ATOM   745  C  CG  . GLN A 1 107 ? -3.365  -8.994  -15.008 1.00 33.95 ? 129 GLN A CG  1 
ATOM   746  C  CD  . GLN A 1 107 ? -2.602  -9.954  -15.846 1.00 34.39 ? 129 GLN A CD  1 
ATOM   747  O  OE1 . GLN A 1 107 ? -2.200  -9.631  -16.946 1.00 34.58 ? 129 GLN A OE1 1 
ATOM   748  N  NE2 . GLN A 1 107 ? -2.417  -11.177 -15.338 1.00 35.13 ? 129 GLN A NE2 1 
ATOM   749  N  N   . LEU A 1 108 ? -4.192  -5.565  -14.143 1.00 36.30 ? 130 LEU A N   1 
ATOM   750  C  CA  . LEU A 1 108 ? -3.444  -4.742  -13.207 1.00 38.62 ? 130 LEU A CA  1 
ATOM   751  C  C   . LEU A 1 108 ? -4.301  -4.187  -12.058 1.00 37.38 ? 130 LEU A C   1 
ATOM   752  O  O   . LEU A 1 108 ? -3.845  -4.241  -10.921 1.00 33.41 ? 130 LEU A O   1 
ATOM   753  C  CB  . LEU A 1 108 ? -2.780  -3.572  -13.909 1.00 38.63 ? 130 LEU A CB  1 
ATOM   754  C  CG  . LEU A 1 108 ? -1.527  -3.860  -14.723 1.00 47.34 ? 130 LEU A CG  1 
ATOM   755  C  CD1 . LEU A 1 108 ? -1.279  -2.631  -15.679 1.00 45.80 ? 130 LEU A CD1 1 
ATOM   756  C  CD2 . LEU A 1 108 ? -0.345  -4.159  -13.809 1.00 46.75 ? 130 LEU A CD2 1 
HETATM 757  N  N   . MSE A 1 109 ? -5.497  -3.623  -12.326 1.00 36.80 ? 131 MSE A N   1 
HETATM 758  C  CA  . MSE A 1 109 ? -6.354  -3.192  -11.195 1.00 37.39 ? 131 MSE A CA  1 
HETATM 759  C  C   . MSE A 1 109 ? -6.752  -4.344  -10.290 1.00 38.11 ? 131 MSE A C   1 
HETATM 760  O  O   . MSE A 1 109 ? -6.885  -4.132  -9.083  1.00 39.58 ? 131 MSE A O   1 
HETATM 761  C  CB  . MSE A 1 109 ? -7.608  -2.480  -11.610 1.00 33.93 ? 131 MSE A CB  1 
HETATM 762  C  CG  . MSE A 1 109 ? -7.385  -1.275  -12.360 1.00 39.80 ? 131 MSE A CG  1 
HETATM 763  SE SE  . MSE A 1 109 ? -6.356  0.161   -11.523 0.70 36.12 ? 131 MSE A SE  1 
HETATM 764  C  CE  . MSE A 1 109 ? -7.579  1.478   -11.297 1.00 35.97 ? 131 MSE A CE  1 
ATOM   765  N  N   . ASP A 1 110 ? -6.981  -5.528  -10.870 1.00 35.16 ? 132 ASP A N   1 
ATOM   766  C  CA  . ASP A 1 110 ? -7.173  -6.732  -10.077 1.00 40.22 ? 132 ASP A CA  1 
ATOM   767  C  C   . ASP A 1 110 ? -5.911  -7.127  -9.263  1.00 43.58 ? 132 ASP A C   1 
ATOM   768  O  O   . ASP A 1 110 ? -6.017  -7.482  -8.100  1.00 43.82 ? 132 ASP A O   1 
ATOM   769  C  CB  . ASP A 1 110 ? -7.585  -7.919  -10.944 1.00 41.09 ? 132 ASP A CB  1 
ATOM   770  C  CG  . ASP A 1 110 ? -9.030  -7.797  -11.500 1.00 51.69 ? 132 ASP A CG  1 
ATOM   771  O  OD1 . ASP A 1 110 ? -9.747  -6.876  -11.044 1.00 53.06 ? 132 ASP A OD1 1 
ATOM   772  O  OD2 . ASP A 1 110 ? -9.437  -8.629  -12.386 1.00 43.28 ? 132 ASP A OD2 1 
ATOM   773  N  N   . GLU A 1 111 ? -4.724  -7.109  -9.840  1.00 40.84 ? 133 GLU A N   1 
ATOM   774  C  CA  . GLU A 1 111 ? -3.611  -7.425  -8.989  1.00 46.68 ? 133 GLU A CA  1 
ATOM   775  C  C   . GLU A 1 111 ? -3.503  -6.385  -7.864  1.00 43.87 ? 133 GLU A C   1 
ATOM   776  O  O   . GLU A 1 111 ? -3.216  -6.739  -6.727  1.00 43.28 ? 133 GLU A O   1 
ATOM   777  C  CB  . GLU A 1 111 ? -2.287  -7.498  -9.745  1.00 46.28 ? 133 GLU A CB  1 
ATOM   778  C  CG  . GLU A 1 111 ? -2.180  -8.608  -10.753 1.00 51.56 ? 133 GLU A CG  1 
ATOM   779  C  CD  . GLU A 1 111 ? -0.892  -8.487  -11.579 1.00 54.11 ? 133 GLU A CD  1 
ATOM   780  O  OE1 . GLU A 1 111 ? 0.194   -8.846  -11.054 1.00 65.19 ? 133 GLU A OE1 1 
ATOM   781  O  OE2 . GLU A 1 111 ? -0.977  -8.015  -12.734 1.00 64.46 ? 133 GLU A OE2 1 
ATOM   782  N  N   . LEU A 1 112 ? -3.711  -5.117  -8.187  1.00 43.42 ? 134 LEU A N   1 
ATOM   783  C  CA  . LEU A 1 112 ? -3.586  -4.054  -7.177  1.00 41.83 ? 134 LEU A CA  1 
ATOM   784  C  C   . LEU A 1 112 ? -4.611  -4.222  -6.072  1.00 44.42 ? 134 LEU A C   1 
ATOM   785  O  O   . LEU A 1 112 ? -4.235  -4.119  -4.907  1.00 44.06 ? 134 LEU A O   1 
ATOM   786  C  CB  . LEU A 1 112 ? -3.641  -2.662  -7.789  1.00 39.81 ? 134 LEU A CB  1 
ATOM   787  C  CG  . LEU A 1 112 ? -2.357  -2.239  -8.528  1.00 44.62 ? 134 LEU A CG  1 
ATOM   788  C  CD1 . LEU A 1 112 ? -2.618  -1.186  -9.566  1.00 51.04 ? 134 LEU A CD1 1 
ATOM   789  C  CD2 . LEU A 1 112 ? -1.286  -1.775  -7.569  1.00 48.48 ? 134 LEU A CD2 1 
ATOM   790  N  N   . ALA A 1 113 ? -5.875  -4.523  -6.412  1.00 42.89 ? 135 ALA A N   1 
ATOM   791  C  CA  . ALA A 1 113 ? -6.898  -4.808  -5.393  1.00 41.60 ? 135 ALA A CA  1 
ATOM   792  C  C   . ALA A 1 113 ? -6.523  -6.012  -4.515  1.00 41.49 ? 135 ALA A C   1 
ATOM   793  O  O   . ALA A 1 113 ? -6.718  -5.988  -3.298  1.00 41.94 ? 135 ALA A O   1 
ATOM   794  C  CB  . ALA A 1 113 ? -8.274  -5.052  -6.048  1.00 42.28 ? 135 ALA A CB  1 
ATOM   795  N  N   . GLY A 1 114 ? -5.980  -7.054  -5.132  1.00 39.95 ? 136 GLY A N   1 
ATOM   796  C  CA  . GLY A 1 114 ? -5.489  -8.218  -4.411  1.00 39.63 ? 136 GLY A CA  1 
ATOM   797  C  C   . GLY A 1 114 ? -4.396  -7.884  -3.405  1.00 41.53 ? 136 GLY A C   1 
ATOM   798  O  O   . GLY A 1 114 ? -4.407  -8.406  -2.278  1.00 36.99 ? 136 GLY A O   1 
ATOM   799  N  N   . THR A 1 115 ? -3.462  -6.991  -3.780  1.00 40.56 ? 137 THR A N   1 
ATOM   800  C  CA  . THR A 1 115 ? -2.415  -6.601  -2.851  1.00 42.11 ? 137 THR A CA  1 
ATOM   801  C  C   . THR A 1 115 ? -2.971  -5.847  -1.644  1.00 41.54 ? 137 THR A C   1 
ATOM   802  O  O   . THR A 1 115 ? -2.564  -6.072  -0.497  1.00 40.84 ? 137 THR A O   1 
ATOM   803  C  CB  . THR A 1 115 ? -1.319  -5.735  -3.484  1.00 41.86 ? 137 THR A CB  1 
ATOM   804  O  OG1 . THR A 1 115 ? -1.910  -4.600  -4.131  1.00 47.53 ? 137 THR A OG1 1 
ATOM   805  C  CG2 . THR A 1 115 ? -0.562  -6.528  -4.453  1.00 45.22 ? 137 THR A CG2 1 
ATOM   806  N  N   . GLU A 1 116 ? -3.913  -4.964  -1.914  1.00 42.44 ? 138 GLU A N   1 
ATOM   807  C  CA  . GLU A 1 116 ? -4.523  -4.150  -0.879  1.00 43.53 ? 138 GLU A CA  1 
ATOM   808  C  C   . GLU A 1 116 ? -5.345  -4.994  0.118   1.00 43.08 ? 138 GLU A C   1 
ATOM   809  O  O   . GLU A 1 116 ? -5.331  -4.731  1.319   1.00 41.42 ? 138 GLU A O   1 
ATOM   810  C  CB  . GLU A 1 116 ? -5.396  -3.072  -1.540  1.00 43.64 ? 138 GLU A CB  1 
ATOM   811  C  CG  . GLU A 1 116 ? -5.871  -1.991  -0.584  1.00 50.87 ? 138 GLU A CG  1 
ATOM   812  C  CD  . GLU A 1 116 ? -4.711  -1.242  0.103   1.00 63.45 ? 138 GLU A CD  1 
ATOM   813  O  OE1 . GLU A 1 116 ? -3.548  -1.391  -0.356  1.00 65.02 ? 138 GLU A OE1 1 
ATOM   814  O  OE2 . GLU A 1 116 ? -4.969  -0.500  1.090   1.00 60.76 ? 138 GLU A OE2 1 
ATOM   815  N  N   . ASN A 1 117 ? -6.076  -5.979  -0.411  1.00 44.62 ? 139 ASN A N   1 
ATOM   816  C  CA  . ASN A 1 117 ? -6.821  -6.962  0.382   1.00 41.80 ? 139 ASN A CA  1 
ATOM   817  C  C   . ASN A 1 117 ? -5.864  -7.795  1.208   1.00 42.36 ? 139 ASN A C   1 
ATOM   818  O  O   . ASN A 1 117 ? -6.172  -8.138  2.331   1.00 43.98 ? 139 ASN A O   1 
ATOM   819  C  CB  . ASN A 1 117 ? -7.635  -7.860  -0.509  1.00 40.36 ? 139 ASN A CB  1 
ATOM   820  C  CG  . ASN A 1 117 ? -8.857  -7.133  -1.128  1.00 47.77 ? 139 ASN A CG  1 
ATOM   821  O  OD1 . ASN A 1 117 ? -9.278  -6.079  -0.663  1.00 43.40 ? 139 ASN A OD1 1 
ATOM   822  N  ND2 . ASN A 1 117 ? -9.413  -7.714  -2.170  1.00 45.42 ? 139 ASN A ND2 1 
ATOM   823  N  N   . ARG A 1 118 ? -4.672  -8.054  0.684   1.00 41.36 ? 140 ARG A N   1 
ATOM   824  C  CA  . ARG A 1 118 ? -3.673  -8.747  1.475   1.00 40.06 ? 140 ARG A CA  1 
ATOM   825  C  C   . ARG A 1 118 ? -3.167  -7.811  2.572   1.00 40.06 ? 140 ARG A C   1 
ATOM   826  O  O   . ARG A 1 118 ? -3.016  -8.208  3.708   1.00 38.80 ? 140 ARG A O   1 
ATOM   827  C  CB  . ARG A 1 118 ? -2.529  -9.228  0.615   1.00 36.70 ? 140 ARG A CB  1 
ATOM   828  C  CG  . ARG A 1 118 ? -1.466  -10.027 1.334   1.00 35.08 ? 140 ARG A CG  1 
ATOM   829  C  CD  . ARG A 1 118 ? -2.004  -11.324 1.815   1.00 43.10 ? 140 ARG A CD  1 
ATOM   830  N  NE  . ARG A 1 118 ? -1.103  -11.923 2.771   1.00 39.70 ? 140 ARG A NE  1 
ATOM   831  C  CZ  . ARG A 1 118 ? -0.161  -12.802 2.450   1.00 56.39 ? 140 ARG A CZ  1 
ATOM   832  N  NH1 . ARG A 1 118 ? 0.021   -13.182 1.178   1.00 51.36 ? 140 ARG A NH1 1 
ATOM   833  N  NH2 . ARG A 1 118 ? 0.616   -13.306 3.410   1.00 56.56 ? 140 ARG A NH2 1 
ATOM   834  N  N   . ILE A 1 119 ? -2.918  -6.560  2.221   1.00 39.92 ? 141 ILE A N   1 
ATOM   835  C  CA  . ILE A 1 119 ? -2.451  -5.597  3.199   1.00 39.05 ? 141 ILE A CA  1 
ATOM   836  C  C   . ILE A 1 119 ? -3.451  -5.474  4.331   1.00 39.12 ? 141 ILE A C   1 
ATOM   837  O  O   . ILE A 1 119 ? -3.059  -5.298  5.474   1.00 38.85 ? 141 ILE A O   1 
ATOM   838  C  CB  . ILE A 1 119 ? -2.133  -4.259  2.532   1.00 39.20 ? 141 ILE A CB  1 
ATOM   839  C  CG1 . ILE A 1 119 ? -0.856  -4.398  1.674   1.00 45.64 ? 141 ILE A CG1 1 
ATOM   840  C  CG2 . ILE A 1 119 ? -1.957  -3.145  3.569   1.00 39.22 ? 141 ILE A CG2 1 
ATOM   841  C  CD1 . ILE A 1 119 ? -0.758  -3.341  0.536   1.00 49.14 ? 141 ILE A CD1 1 
ATOM   842  N  N   . ALA A 1 120 ? -4.744  -5.570  4.028   1.00 38.99 ? 142 ALA A N   1 
ATOM   843  C  CA  . ALA A 1 120 ? -5.759  -5.519  5.086   1.00 39.35 ? 142 ALA A CA  1 
ATOM   844  C  C   . ALA A 1 120 ? -5.570  -6.612  6.148   1.00 39.18 ? 142 ALA A C   1 
ATOM   845  O  O   . ALA A 1 120 ? -5.570  -6.327  7.349   1.00 41.17 ? 142 ALA A O   1 
ATOM   846  C  CB  . ALA A 1 120 ? -7.191  -5.584  4.487   1.00 39.32 ? 142 ALA A CB  1 
ATOM   847  N  N   . VAL A 1 121 ? -5.421  -7.857  5.706   1.00 38.45 ? 143 VAL A N   1 
ATOM   848  C  CA  . VAL A 1 121 ? -5.145  -8.958  6.615   1.00 38.10 ? 143 VAL A CA  1 
ATOM   849  C  C   . VAL A 1 121 ? -3.817  -8.768  7.352   1.00 39.62 ? 143 VAL A C   1 
ATOM   850  O  O   . VAL A 1 121 ? -3.766  -8.879  8.594   1.00 39.17 ? 143 VAL A O   1 
ATOM   851  C  CB  . VAL A 1 121 ? -5.093  -10.296 5.899   1.00 42.52 ? 143 VAL A CB  1 
ATOM   852  C  CG1 . VAL A 1 121 ? -4.845  -11.447 6.922   1.00 40.22 ? 143 VAL A CG1 1 
ATOM   853  C  CG2 . VAL A 1 121 ? -6.376  -10.528 5.114   1.00 38.10 ? 143 VAL A CG2 1 
ATOM   854  N  N   . ALA A 1 122 ? -2.748  -8.477  6.596   1.00 35.37 ? 144 ALA A N   1 
ATOM   855  C  CA  . ALA A 1 122 ? -1.420  -8.343  7.172   1.00 33.43 ? 144 ALA A CA  1 
ATOM   856  C  C   . ALA A 1 122 ? -1.316  -7.160  8.178   1.00 37.56 ? 144 ALA A C   1 
ATOM   857  O  O   . ALA A 1 122 ? -0.513  -7.151  9.120   1.00 35.59 ? 144 ALA A O   1 
ATOM   858  C  CB  . ALA A 1 122 ? -0.381  -8.185  6.062   1.00 32.41 ? 144 ALA A CB  1 
ATOM   859  N  N   . ARG A 1 123 ? -2.156  -6.171  7.992   1.00 39.27 ? 145 ARG A N   1 
ATOM   860  C  CA  . ARG A 1 123 ? -2.155  -5.040  8.897   1.00 41.70 ? 145 ARG A CA  1 
ATOM   861  C  C   . ARG A 1 123 ? -2.756  -5.429  10.256  1.00 39.44 ? 145 ARG A C   1 
ATOM   862  O  O   . ARG A 1 123 ? -2.254  -5.012  11.312  1.00 37.77 ? 145 ARG A O   1 
ATOM   863  C  CB  . ARG A 1 123 ? -2.903  -3.893  8.258   1.00 37.65 ? 145 ARG A CB  1 
ATOM   864  C  CG  . ARG A 1 123 ? -3.621  -2.984  9.158   1.00 42.39 ? 145 ARG A CG  1 
ATOM   865  C  CD  . ARG A 1 123 ? -4.454  -2.023  8.315   1.00 38.56 ? 145 ARG A CD  1 
ATOM   866  N  NE  . ARG A 1 123 ? -4.940  -0.902  9.112   1.00 43.79 ? 145 ARG A NE  1 
ATOM   867  C  CZ  . ARG A 1 123 ? -5.062  0.357   8.672   1.00 48.85 ? 145 ARG A CZ  1 
ATOM   868  N  NH1 . ARG A 1 123 ? -4.701  0.696   7.428   1.00 53.87 ? 145 ARG A NH1 1 
ATOM   869  N  NH2 . ARG A 1 123 ? -5.525  1.288   9.496   1.00 51.03 ? 145 ARG A NH2 1 
ATOM   870  N  N   . ARG A 1 124 ? -3.853  -6.167  10.211  1.00 37.83 ? 146 ARG A N   1 
ATOM   871  C  CA  . ARG A 1 124 ? -4.439  -6.701  11.437  1.00 39.04 ? 146 ARG A CA  1 
ATOM   872  C  C   . ARG A 1 124 ? -3.443  -7.631  12.144  1.00 38.70 ? 146 ARG A C   1 
ATOM   873  O  O   . ARG A 1 124 ? -3.216  -7.476  13.328  1.00 37.33 ? 146 ARG A O   1 
ATOM   874  C  CB  . ARG A 1 124 ? -5.781  -7.388  11.205  1.00 36.90 ? 146 ARG A CB  1 
ATOM   875  C  CG  . ARG A 1 124 ? -6.863  -6.421  10.784  1.00 34.77 ? 146 ARG A CG  1 
ATOM   876  C  CD  . ARG A 1 124 ? -8.227  -7.096  10.757  1.00 44.53 ? 146 ARG A CD  1 
ATOM   877  N  NE  . ARG A 1 124 ? -8.587  -7.471  9.403   1.00 42.47 ? 146 ARG A NE  1 
ATOM   878  C  CZ  . ARG A 1 124 ? -8.590  -8.694  8.874   1.00 44.48 ? 146 ARG A CZ  1 
ATOM   879  N  NH1 . ARG A 1 124 ? -8.255  -9.767  9.566   1.00 50.26 ? 146 ARG A NH1 1 
ATOM   880  N  NH2 . ARG A 1 124 ? -8.943  -8.825  7.598   1.00 46.72 ? 146 ARG A NH2 1 
ATOM   881  N  N   . ASP A 1 125 ? -2.782  -8.521  11.426  1.00 40.88 ? 147 ASP A N   1 
ATOM   882  C  CA  . ASP A 1 125 ? -1.754  -9.369  12.100  1.00 42.63 ? 147 ASP A CA  1 
ATOM   883  C  C   . ASP A 1 125 ? -0.625  -8.555  12.705  1.00 40.72 ? 147 ASP A C   1 
ATOM   884  O  O   . ASP A 1 125 ? -0.152  -8.853  13.785  1.00 42.19 ? 147 ASP A O   1 
ATOM   885  C  CB  . ASP A 1 125 ? -1.096  -10.367 11.152  1.00 42.43 ? 147 ASP A CB  1 
ATOM   886  C  CG  . ASP A 1 125 ? -2.078  -11.295 10.467  1.00 46.72 ? 147 ASP A CG  1 
ATOM   887  O  OD1 . ASP A 1 125 ? -3.253  -11.390 10.905  1.00 60.49 ? 147 ASP A OD1 1 
ATOM   888  O  OD2 . ASP A 1 125 ? -1.658  -11.917 9.459   1.00 52.60 ? 147 ASP A OD2 1 
ATOM   889  N  N   . TYR A 1 126 ? -0.165  -7.556  11.967  1.00 38.03 ? 148 TYR A N   1 
ATOM   890  C  CA  . TYR A 1 126 ? 0.906   -6.707  12.431  1.00 37.04 ? 148 TYR A CA  1 
ATOM   891  C  C   . TYR A 1 126 ? 0.529   -5.909  13.695  1.00 35.80 ? 148 TYR A C   1 
ATOM   892  O  O   . TYR A 1 126 ? 1.258   -5.903  14.682  1.00 34.30 ? 148 TYR A O   1 
ATOM   893  C  CB  . TYR A 1 126 ? 1.361   -5.752  11.319  1.00 36.84 ? 148 TYR A CB  1 
ATOM   894  C  CG  . TYR A 1 126 ? 2.322   -4.732  11.841  1.00 36.12 ? 148 TYR A CG  1 
ATOM   895  C  CD1 . TYR A 1 126 ? 3.620   -5.085  12.158  1.00 39.86 ? 148 TYR A CD1 1 
ATOM   896  C  CD2 . TYR A 1 126 ? 1.920   -3.442  12.085  1.00 33.64 ? 148 TYR A CD2 1 
ATOM   897  C  CE1 . TYR A 1 126 ? 4.493   -4.169  12.634  1.00 40.40 ? 148 TYR A CE1 1 
ATOM   898  C  CE2 . TYR A 1 126 ? 2.802   -2.500  12.565  1.00 43.20 ? 148 TYR A CE2 1 
ATOM   899  C  CZ  . TYR A 1 126 ? 4.083   -2.872  12.832  1.00 39.25 ? 148 TYR A CZ  1 
ATOM   900  O  OH  . TYR A 1 126 ? 4.951   -1.963  13.357  1.00 34.62 ? 148 TYR A OH  1 
ATOM   901  N  N   . ASN A 1 127 ? -0.614  -5.237  13.645  1.00 35.56 ? 149 ASN A N   1 
ATOM   902  C  CA  . ASN A 1 127 ? -1.085  -4.428  14.751  1.00 37.85 ? 149 ASN A CA  1 
ATOM   903  C  C   . ASN A 1 127 ? -1.415  -5.270  16.011  1.00 38.24 ? 149 ASN A C   1 
ATOM   904  O  O   . ASN A 1 127 ? -1.274  -4.776  17.143  1.00 34.58 ? 149 ASN A O   1 
ATOM   905  C  CB  . ASN A 1 127 ? -2.286  -3.537  14.304  1.00 37.60 ? 149 ASN A CB  1 
ATOM   906  C  CG  . ASN A 1 127 ? -1.851  -2.378  13.436  1.00 35.82 ? 149 ASN A CG  1 
ATOM   907  O  OD1 . ASN A 1 127 ? -0.652  -2.096  13.306  1.00 37.83 ? 149 ASN A OD1 1 
ATOM   908  N  ND2 . ASN A 1 127 ? -2.807  -1.714  12.807  1.00 31.75 ? 149 ASN A ND2 1 
ATOM   909  N  N   . GLU A 1 128 ? -1.814  -6.531  15.798  1.00 36.16 ? 150 GLU A N   1 
ATOM   910  C  CA  . GLU A 1 128 ? -1.997  -7.481  16.875  1.00 37.28 ? 150 GLU A CA  1 
ATOM   911  C  C   . GLU A 1 128 ? -0.644  -7.770  17.580  1.00 36.14 ? 150 GLU A C   1 
ATOM   912  O  O   . GLU A 1 128 ? -0.541  -7.705  18.801  1.00 35.99 ? 150 GLU A O   1 
ATOM   913  C  CB  . GLU A 1 128 ? -2.631  -8.768  16.334  1.00 36.54 ? 150 GLU A CB  1 
ATOM   914  C  CG  . GLU A 1 128 ? -2.828  -9.895  17.393  1.00 38.38 ? 150 GLU A CG  1 
ATOM   915  C  CD  . GLU A 1 128 ? -3.602  -11.148 16.856  1.00 44.66 ? 150 GLU A CD  1 
ATOM   916  O  OE1 . GLU A 1 128 ? -4.422  -11.061 15.920  1.00 58.41 ? 150 GLU A OE1 1 
ATOM   917  O  OE2 . GLU A 1 128 ? -3.437  -12.223 17.435  1.00 64.11 ? 150 GLU A OE2 1 
ATOM   918  N  N   . ALA A 1 129 ? 0.382   -8.087  16.792  1.00 36.57 ? 151 ALA A N   1 
ATOM   919  C  CA  . ALA A 1 129 ? 1.744   -8.307  17.302  1.00 36.89 ? 151 ALA A CA  1 
ATOM   920  C  C   . ALA A 1 129 ? 2.362   -7.040  17.943  1.00 37.92 ? 151 ALA A C   1 
ATOM   921  O  O   . ALA A 1 129 ? 3.018   -7.128  18.976  1.00 35.81 ? 151 ALA A O   1 
ATOM   922  C  CB  . ALA A 1 129 ? 2.636   -8.828  16.206  1.00 36.02 ? 151 ALA A CB  1 
ATOM   923  N  N   . VAL A 1 130 ? 2.123   -5.874  17.345  1.00 37.06 ? 152 VAL A N   1 
ATOM   924  C  CA  . VAL A 1 130 ? 2.489   -4.596  17.980  1.00 38.63 ? 152 VAL A CA  1 
ATOM   925  C  C   . VAL A 1 130 ? 1.876   -4.371  19.364  1.00 38.37 ? 152 VAL A C   1 
ATOM   926  O  O   . VAL A 1 130 ? 2.589   -3.986  20.305  1.00 34.64 ? 152 VAL A O   1 
ATOM   927  C  CB  . VAL A 1 130 ? 2.131   -3.400  17.092  1.00 40.42 ? 152 VAL A CB  1 
ATOM   928  C  CG1 . VAL A 1 130 ? 2.394   -2.103  17.825  1.00 34.23 ? 152 VAL A CG1 1 
ATOM   929  C  CG2 . VAL A 1 130 ? 2.946   -3.465  15.784  1.00 42.87 ? 152 VAL A CG2 1 
HETATM 930  N  N   . MLY A 1 131 ? 0.575   -4.635  19.506  1.00 39.05 ? 153 MLY A N   1 
HETATM 931  C  CA  . MLY A 1 131 ? -0.072  -4.523  20.818  1.00 41.08 ? 153 MLY A CA  1 
HETATM 932  C  CB  . MLY A 1 131 ? -1.573  -4.768  20.710  1.00 43.27 ? 153 MLY A CB  1 
HETATM 933  C  CG  . MLY A 1 131 ? -2.348  -4.459  22.008  1.00 45.59 ? 153 MLY A CG  1 
HETATM 934  C  CD  . MLY A 1 131 ? -3.851  -4.712  21.832  1.00 43.02 ? 153 MLY A CD  1 
HETATM 935  C  CE  . MLY A 1 131 ? -4.634  -4.365  23.102  1.00 52.10 ? 153 MLY A CE  1 
HETATM 936  N  NZ  . MLY A 1 131 ? -6.075  -4.098  22.833  1.00 50.63 ? 153 MLY A NZ  1 
HETATM 937  C  C   . MLY A 1 131 ? 0.544   -5.445  21.888  1.00 39.32 ? 153 MLY A C   1 
HETATM 938  O  O   . MLY A 1 131 ? 0.846   -4.988  22.967  1.00 38.68 ? 153 MLY A O   1 
HETATM 939  N  N   . MLY A 1 132 ? 0.738   -6.727  21.586  1.00 40.05 ? 154 MLY A N   1 
HETATM 940  C  CA  . MLY A 1 132 ? 1.306   -7.670  22.552  1.00 39.98 ? 154 MLY A CA  1 
HETATM 941  C  CB  . MLY A 1 132 ? 1.418   -9.088  21.974  1.00 41.67 ? 154 MLY A CB  1 
HETATM 942  C  CG  . MLY A 1 132 ? 0.097   -9.780  21.687  1.00 47.55 ? 154 MLY A CG  1 
HETATM 943  C  CD  . MLY A 1 132 ? 0.305   -11.258 21.255  1.00 46.01 ? 154 MLY A CD  1 
HETATM 944  C  CE  . MLY A 1 132 ? -1.023  -11.916 20.772  1.00 55.83 ? 154 MLY A CE  1 
HETATM 945  N  NZ  . MLY A 1 132 ? -0.912  -13.374 20.367  1.00 54.14 ? 154 MLY A NZ  1 
HETATM 946  C  C   . MLY A 1 132 ? 2.703   -7.228  22.917  1.00 40.73 ? 154 MLY A C   1 
HETATM 947  O  O   . MLY A 1 132 ? 3.127   -7.315  24.076  1.00 41.25 ? 154 MLY A O   1 
ATOM   948  N  N   . TYR A 1 133 ? 3.433   -6.765  21.911  1.00 39.50 ? 155 TYR A N   1 
ATOM   949  C  CA  . TYR A 1 133 ? 4.810   -6.412  22.110  1.00 38.94 ? 155 TYR A CA  1 
ATOM   950  C  C   . TYR A 1 133 ? 4.871   -5.197  23.022  1.00 37.40 ? 155 TYR A C   1 
ATOM   951  O  O   . TYR A 1 133 ? 5.457   -5.269  24.106  1.00 37.64 ? 155 TYR A O   1 
ATOM   952  C  CB  . TYR A 1 133 ? 5.509   -6.168  20.760  1.00 42.10 ? 155 TYR A CB  1 
ATOM   953  C  CG  . TYR A 1 133 ? 6.861   -5.536  20.892  1.00 43.19 ? 155 TYR A CG  1 
ATOM   954  C  CD1 . TYR A 1 133 ? 7.952   -6.262  21.320  1.00 45.31 ? 155 TYR A CD1 1 
ATOM   955  C  CD2 . TYR A 1 133 ? 7.026   -4.187  20.656  1.00 47.71 ? 155 TYR A CD2 1 
ATOM   956  C  CE1 . TYR A 1 133 ? 9.196   -5.659  21.468  1.00 43.44 ? 155 TYR A CE1 1 
ATOM   957  C  CE2 . TYR A 1 133 ? 8.235   -3.584  20.802  1.00 49.88 ? 155 TYR A CE2 1 
ATOM   958  C  CZ  . TYR A 1 133 ? 9.326   -4.314  21.207  1.00 49.89 ? 155 TYR A CZ  1 
ATOM   959  O  OH  . TYR A 1 133 ? 10.548  -3.672  21.350  1.00 55.38 ? 155 TYR A OH  1 
ATOM   960  N  N   . ASN A 1 134 ? 4.261   -4.096  22.589  1.00 35.46 ? 156 ASN A N   1 
ATOM   961  C  CA  . ASN A 1 134 ? 4.213   -2.844  23.376  1.00 38.56 ? 156 ASN A CA  1 
ATOM   962  C  C   . ASN A 1 134 ? 3.750   -3.065  24.803  1.00 39.35 ? 156 ASN A C   1 
ATOM   963  O  O   . ASN A 1 134 ? 4.259   -2.453  25.723  1.00 38.42 ? 156 ASN A O   1 
ATOM   964  C  CB  . ASN A 1 134 ? 3.311   -1.773  22.708  1.00 35.49 ? 156 ASN A CB  1 
ATOM   965  C  CG  . ASN A 1 134 ? 3.975   -1.131  21.507  1.00 38.55 ? 156 ASN A CG  1 
ATOM   966  O  OD1 . ASN A 1 134 ? 5.146   -1.413  21.223  1.00 37.23 ? 156 ASN A OD1 1 
ATOM   967  N  ND2 . ASN A 1 134 ? 3.252   -0.257  20.805  1.00 26.49 ? 156 ASN A ND2 1 
ATOM   968  N  N   . THR A 1 135 ? 2.762   -3.938  24.959  1.00 43.55 ? 157 THR A N   1 
ATOM   969  C  CA  . THR A 1 135 ? 2.225   -4.276  26.268  1.00 45.15 ? 157 THR A CA  1 
ATOM   970  C  C   . THR A 1 135 ? 3.276   -4.947  27.154  1.00 46.50 ? 157 THR A C   1 
ATOM   971  O  O   . THR A 1 135 ? 3.398   -4.633  28.345  1.00 48.68 ? 157 THR A O   1 
ATOM   972  C  CB  . THR A 1 135 ? 1.008   -5.182  26.094  1.00 45.30 ? 157 THR A CB  1 
ATOM   973  O  OG1 . THR A 1 135 ? -0.057  -4.407  25.518  1.00 43.99 ? 157 THR A OG1 1 
ATOM   974  C  CG2 . THR A 1 135 ? 0.571   -5.781  27.452  1.00 48.66 ? 157 THR A CG2 1 
ATOM   975  N  N   . ALA A 1 136 ? 4.049   -5.849  26.565  1.00 47.64 ? 158 ALA A N   1 
ATOM   976  C  CA  . ALA A 1 136 ? 5.096   -6.546  27.307  1.00 49.33 ? 158 ALA A CA  1 
ATOM   977  C  C   . ALA A 1 136 ? 6.201   -5.592  27.716  1.00 50.48 ? 158 ALA A C   1 
ATOM   978  O  O   . ALA A 1 136 ? 6.679   -5.653  28.833  1.00 48.93 ? 158 ALA A O   1 
ATOM   979  C  CB  . ALA A 1 136 ? 5.685   -7.680  26.483  1.00 47.93 ? 158 ALA A CB  1 
ATOM   980  N  N   . ILE A 1 137 ? 6.613   -4.698  26.822  1.00 53.80 ? 159 ILE A N   1 
ATOM   981  C  CA  . ILE A 1 137 ? 7.743   -3.833  27.153  1.00 56.25 ? 159 ILE A CA  1 
ATOM   982  C  C   . ILE A 1 137 ? 7.405   -2.814  28.273  1.00 59.37 ? 159 ILE A C   1 
ATOM   983  O  O   . ILE A 1 137 ? 8.306   -2.167  28.820  1.00 55.27 ? 159 ILE A O   1 
ATOM   984  C  CB  . ILE A 1 137 ? 8.328   -3.112  25.919  1.00 55.42 ? 159 ILE A CB  1 
ATOM   985  C  CG1 . ILE A 1 137 ? 7.407   -2.011  25.421  1.00 60.41 ? 159 ILE A CG1 1 
ATOM   986  C  CG2 . ILE A 1 137 ? 8.592   -4.092  24.791  1.00 59.86 ? 159 ILE A CG2 1 
ATOM   987  C  CD1 . ILE A 1 137 ? 8.066   -1.165  24.370  1.00 65.12 ? 159 ILE A CD1 1 
HETATM 988  N  N   . MLY A 1 138 ? 6.121   -2.686  28.615  1.00 62.22 ? 160 MLY A N   1 
HETATM 989  C  CA  . MLY A 1 138 ? 5.688   -1.740  29.637  1.00 64.89 ? 160 MLY A CA  1 
HETATM 990  C  CB  . MLY A 1 138 ? 4.245   -1.276  29.366  1.00 65.17 ? 160 MLY A CB  1 
HETATM 991  C  CG  . MLY A 1 138 ? 4.095   -0.322  28.191  1.00 66.27 ? 160 MLY A CG  1 
HETATM 992  C  CD  . MLY A 1 138 ? 2.636   0.085   28.017  1.00 66.02 ? 160 MLY A CD  1 
HETATM 993  C  CE  . MLY A 1 138 ? 2.382   0.683   26.648  1.00 68.16 ? 160 MLY A CE  1 
HETATM 994  N  NZ  . MLY A 1 138 ? 0.941   0.593   26.290  1.00 69.10 ? 160 MLY A NZ  1 
HETATM 995  C  C   . MLY A 1 138 ? 5.777   -2.335  31.029  1.00 64.89 ? 160 MLY A C   1 
HETATM 996  O  O   . MLY A 1 138 ? 4.798   -2.288  31.766  1.00 65.44 ? 160 MLY A O   1 
HETATM 997  N  N   . MLY A 1 139 ? 6.947   -2.872  31.390  1.00 66.44 ? 161 MLY A N   1 
HETATM 998  C  CA  . MLY A 1 139 ? 7.189   -3.468  32.711  1.00 64.62 ? 161 MLY A CA  1 
HETATM 999  C  CB  . MLY A 1 139 ? 7.018   -4.984  32.617  1.00 64.43 ? 161 MLY A CB  1 
HETATM 1000 C  CG  . MLY A 1 139 ? 5.555   -5.424  32.609  1.00 64.57 ? 161 MLY A CG  1 
HETATM 1001 C  CD  . MLY A 1 139 ? 5.297   -6.698  31.797  1.00 66.34 ? 161 MLY A CD  1 
HETATM 1002 C  CE  . MLY A 1 139 ? 3.823   -6.785  31.362  1.00 65.82 ? 161 MLY A CE  1 
HETATM 1003 N  NZ  . MLY A 1 139 ? 3.493   -7.995  30.534  1.00 63.52 ? 161 MLY A NZ  1 
HETATM 1004 C  C   . MLY A 1 139 ? 8.575   -3.094  33.250  1.00 64.54 ? 161 MLY A C   1 
HETATM 1005 O  O   . MLY A 1 139 ? 8.966   -3.505  34.351  1.00 63.52 ? 161 MLY A O   1 
ATOM   1006 N  N   . GLY A 1 150 ? 17.060  -1.341  24.366  1.00 52.72 ? 172 GLY A N   1 
ATOM   1007 C  CA  . GLY A 1 150 ? 17.106  -2.090  23.106  1.00 53.85 ? 172 GLY A CA  1 
ATOM   1008 C  C   . GLY A 1 150 ? 15.722  -2.360  22.506  1.00 54.78 ? 172 GLY A C   1 
ATOM   1009 O  O   . GLY A 1 150 ? 15.542  -2.367  21.282  1.00 54.71 ? 172 GLY A O   1 
ATOM   1010 N  N   . PHE A 1 151 ? 14.743  -2.608  23.369  1.00 54.00 ? 173 PHE A N   1 
ATOM   1011 C  CA  . PHE A 1 151 ? 13.379  -2.865  22.932  1.00 53.99 ? 173 PHE A CA  1 
ATOM   1012 C  C   . PHE A 1 151 ? 12.541  -1.566  22.998  1.00 52.92 ? 173 PHE A C   1 
ATOM   1013 O  O   . PHE A 1 151 ? 12.240  -1.049  24.080  1.00 47.81 ? 173 PHE A O   1 
ATOM   1014 C  CB  . PHE A 1 151 ? 12.757  -3.987  23.783  1.00 55.63 ? 173 PHE A CB  1 
ATOM   1015 C  CG  . PHE A 1 151 ? 13.542  -5.277  23.753  1.00 53.57 ? 173 PHE A CG  1 
ATOM   1016 C  CD1 . PHE A 1 151 ? 13.657  -6.007  22.576  1.00 53.85 ? 173 PHE A CD1 1 
ATOM   1017 C  CD2 . PHE A 1 151 ? 14.177  -5.748  24.900  1.00 54.07 ? 173 PHE A CD2 1 
ATOM   1018 C  CE1 . PHE A 1 151 ? 14.398  -7.183  22.535  1.00 51.01 ? 173 PHE A CE1 1 
ATOM   1019 C  CE2 . PHE A 1 151 ? 14.913  -6.921  24.879  1.00 45.55 ? 173 PHE A CE2 1 
ATOM   1020 C  CZ  . PHE A 1 151 ? 15.026  -7.642  23.693  1.00 57.60 ? 173 PHE A CZ  1 
ATOM   1021 N  N   . GLU A 1 152 ? 12.183  -1.053  21.819  1.00 52.95 ? 174 GLU A N   1 
ATOM   1022 C  CA  . GLU A 1 152 ? 11.453  0.212   21.688  1.00 53.51 ? 174 GLU A CA  1 
ATOM   1023 C  C   . GLU A 1 152 ? 10.015  -0.068  21.254  1.00 50.74 ? 174 GLU A C   1 
ATOM   1024 O  O   . GLU A 1 152 ? 9.785   -0.931  20.409  1.00 46.05 ? 174 GLU A O   1 
ATOM   1025 C  CB  . GLU A 1 152 ? 12.135  1.131   20.650  1.00 54.67 ? 174 GLU A CB  1 
ATOM   1026 C  CG  . GLU A 1 152 ? 13.686  1.222   20.790  1.00 63.01 ? 174 GLU A CG  1 
ATOM   1027 C  CD  . GLU A 1 152 ? 14.243  2.661   20.779  1.00 70.29 ? 174 GLU A CD  1 
ATOM   1028 O  OE1 . GLU A 1 152 ? 13.596  3.580   21.348  1.00 72.14 ? 174 GLU A OE1 1 
ATOM   1029 O  OE2 . GLU A 1 152 ? 15.352  2.864   20.224  1.00 65.50 ? 174 GLU A OE2 1 
ATOM   1030 N  N   . GLU A 1 153 ? 9.060   0.656   21.842  1.00 49.66 ? 175 GLU A N   1 
ATOM   1031 C  CA  . GLU A 1 153 ? 7.684   0.710   21.333  1.00 51.03 ? 175 GLU A CA  1 
ATOM   1032 C  C   . GLU A 1 153 ? 7.635   0.827   19.809  1.00 45.90 ? 175 GLU A C   1 
ATOM   1033 O  O   . GLU A 1 153 ? 8.375   1.597   19.195  1.00 44.76 ? 175 GLU A O   1 
ATOM   1034 C  CB  . GLU A 1 153 ? 6.888   1.862   21.965  1.00 50.04 ? 175 GLU A CB  1 
ATOM   1035 C  CG  . GLU A 1 153 ? 6.458   1.569   23.418  1.00 59.30 ? 175 GLU A CG  1 
ATOM   1036 C  CD  . GLU A 1 153 ? 5.261   2.391   23.890  1.00 60.70 ? 175 GLU A CD  1 
ATOM   1037 O  OE1 . GLU A 1 153 ? 5.327   3.646   23.789  1.00 78.84 ? 175 GLU A OE1 1 
ATOM   1038 O  OE2 . GLU A 1 153 ? 4.260   1.776   24.361  1.00 71.66 ? 175 GLU A OE2 1 
HETATM 1039 N  N   . MLY A 1 154 ? 6.788   0.020   19.203  1.00 42.33 ? 176 MLY A N   1 
HETATM 1040 C  CA  . MLY A 1 154 ? 6.636   0.039   17.738  1.00 42.65 ? 176 MLY A CA  1 
HETATM 1041 C  CB  . MLY A 1 154 ? 6.567   -1.382  17.195  1.00 43.18 ? 176 MLY A CB  1 
HETATM 1042 C  CG  . MLY A 1 154 ? 7.843   -2.167  17.378  1.00 44.25 ? 176 MLY A CG  1 
HETATM 1043 C  CD  . MLY A 1 154 ? 8.891   -1.830  16.351  1.00 51.24 ? 176 MLY A CD  1 
HETATM 1044 C  CE  . MLY A 1 154 ? 10.240  -2.382  16.813  1.00 60.20 ? 176 MLY A CE  1 
HETATM 1045 N  NZ  . MLY A 1 154 ? 11.314  -2.367  15.765  1.00 66.36 ? 176 MLY A NZ  1 
HETATM 1046 C  C   . MLY A 1 154 ? 5.373   0.801   17.365  1.00 39.25 ? 176 MLY A C   1 
HETATM 1047 O  O   . MLY A 1 154 ? 4.435   0.886   18.173  1.00 35.81 ? 176 MLY A O   1 
ATOM   1048 N  N   . GLN A 1 155 ? 5.393   1.406   16.182  1.00 38.78 ? 177 GLN A N   1 
ATOM   1049 C  CA  . GLN A 1 155 ? 4.215   2.079   15.633  1.00 40.26 ? 177 GLN A CA  1 
ATOM   1050 C  C   . GLN A 1 155 ? 3.224   1.072   15.060  1.00 38.59 ? 177 GLN A C   1 
ATOM   1051 O  O   . GLN A 1 155 ? 3.603   0.039   14.526  1.00 38.75 ? 177 GLN A O   1 
ATOM   1052 C  CB  . GLN A 1 155 ? 4.587   3.017   14.468  1.00 42.32 ? 177 GLN A CB  1 
ATOM   1053 C  CG  . GLN A 1 155 ? 5.191   4.347   14.836  1.00 45.50 ? 177 GLN A CG  1 
ATOM   1054 C  CD  . GLN A 1 155 ? 5.362   5.248   13.627  1.00 43.55 ? 177 GLN A CD  1 
ATOM   1055 O  OE1 . GLN A 1 155 ? 5.121   4.842   12.475  1.00 37.41 ? 177 GLN A OE1 1 
ATOM   1056 N  NE2 . GLN A 1 155 ? 5.778   6.479   13.878  1.00 35.10 ? 177 GLN A NE2 1 
ATOM   1057 N  N   . TYR A 1 156 ? 1.949   1.416   15.144  1.00 38.24 ? 178 TYR A N   1 
ATOM   1058 C  CA  . TYR A 1 156 ? 0.894   0.721   14.442  1.00 34.49 ? 178 TYR A CA  1 
ATOM   1059 C  C   . TYR A 1 156 ? 0.917   1.159   12.971  1.00 37.29 ? 178 TYR A C   1 
ATOM   1060 O  O   . TYR A 1 156 ? 1.337   2.298   12.643  1.00 38.18 ? 178 TYR A O   1 
ATOM   1061 C  CB  . TYR A 1 156 ? -0.476  0.996   15.115  1.00 37.04 ? 178 TYR A CB  1 
ATOM   1062 C  CG  . TYR A 1 156 ? -0.604  0.430   16.526  1.00 32.46 ? 178 TYR A CG  1 
ATOM   1063 C  CD1 . TYR A 1 156 ? -0.739  -0.939  16.726  1.00 32.40 ? 178 TYR A CD1 1 
ATOM   1064 C  CD2 . TYR A 1 156 ? -0.579  1.262   17.663  1.00 39.19 ? 178 TYR A CD2 1 
ATOM   1065 C  CE1 . TYR A 1 156 ? -0.839  -1.493  18.036  1.00 35.88 ? 178 TYR A CE1 1 
ATOM   1066 C  CE2 . TYR A 1 156 ? -0.669  0.719   18.989  1.00 38.98 ? 178 TYR A CE2 1 
ATOM   1067 C  CZ  . TYR A 1 156 ? -0.814  -0.670  19.147  1.00 36.88 ? 178 TYR A CZ  1 
ATOM   1068 O  OH  . TYR A 1 156 ? -0.938  -1.247  20.392  1.00 34.68 ? 178 TYR A OH  1 
ATOM   1069 N  N   . PHE A 1 157 ? 0.562   0.209   12.093  1.00 36.96 ? 179 PHE A N   1 
ATOM   1070 C  CA  . PHE A 1 157 ? 0.265   0.462   10.698  1.00 39.27 ? 179 PHE A CA  1 
ATOM   1071 C  C   . PHE A 1 157 ? -1.081  1.116   10.582  1.00 38.36 ? 179 PHE A C   1 
ATOM   1072 O  O   . PHE A 1 157 ? -2.142  0.438   10.643  1.00 39.71 ? 179 PHE A O   1 
ATOM   1073 C  CB  . PHE A 1 157 ? 0.258   -0.816  9.863   1.00 40.39 ? 179 PHE A CB  1 
ATOM   1074 C  CG  . PHE A 1 157 ? 0.357   -0.550  8.389   1.00 41.33 ? 179 PHE A CG  1 
ATOM   1075 C  CD1 . PHE A 1 157 ? 1.576   -0.154  7.831   1.00 38.34 ? 179 PHE A CD1 1 
ATOM   1076 C  CD2 . PHE A 1 157 ? -0.746  -0.663  7.564   1.00 48.35 ? 179 PHE A CD2 1 
ATOM   1077 C  CE1 . PHE A 1 157 ? 1.685   0.083   6.461   1.00 37.29 ? 179 PHE A CE1 1 
ATOM   1078 C  CE2 . PHE A 1 157 ? -0.633  -0.426  6.203   1.00 41.52 ? 179 PHE A CE2 1 
ATOM   1079 C  CZ  . PHE A 1 157 ? 0.585   -0.056  5.659   1.00 41.98 ? 179 PHE A CZ  1 
ATOM   1080 N  N   . GLU A 1 158 ? -1.029  2.439   10.499  1.00 40.14 ? 180 GLU A N   1 
ATOM   1081 C  CA  . GLU A 1 158 ? -2.217  3.268   10.357  1.00 43.84 ? 180 GLU A CA  1 
ATOM   1082 C  C   . GLU A 1 158 ? -1.800  4.654   9.889   1.00 46.09 ? 180 GLU A C   1 
ATOM   1083 O  O   . GLU A 1 158 ? -0.715  5.133   10.250  1.00 43.56 ? 180 GLU A O   1 
ATOM   1084 C  CB  . GLU A 1 158 ? -2.970  3.367   11.691  1.00 46.23 ? 180 GLU A CB  1 
ATOM   1085 C  CG  . GLU A 1 158 ? -2.126  3.863   12.841  1.00 37.19 ? 180 GLU A CG  1 
ATOM   1086 C  CD  . GLU A 1 158 ? -2.711  3.571   14.209  1.00 46.26 ? 180 GLU A CD  1 
ATOM   1087 O  OE1 . GLU A 1 158 ? -3.517  2.619   14.323  1.00 50.03 ? 180 GLU A OE1 1 
ATOM   1088 O  OE2 . GLU A 1 158 ? -2.352  4.291   15.180  1.00 46.08 ? 180 GLU A OE2 1 
ATOM   1089 N  N   . ALA A 1 159 ? -2.648  5.269   9.057   1.00 49.13 ? 181 ALA A N   1 
ATOM   1090 C  CA  . ALA A 1 159 ? -2.393  6.621   8.535   1.00 51.45 ? 181 ALA A CA  1 
ATOM   1091 C  C   . ALA A 1 159 ? -2.956  7.674   9.497   1.00 53.42 ? 181 ALA A C   1 
ATOM   1092 O  O   . ALA A 1 159 ? -4.149  7.692   9.747   1.00 54.70 ? 181 ALA A O   1 
ATOM   1093 C  CB  . ALA A 1 159 ? -3.010  6.776   7.184   1.00 48.80 ? 181 ALA A CB  1 
HETATM 1094 N  N   . MLY A 1 160 ? -2.091  8.525   10.051  1.00 58.07 ? 182 MLY A N   1 
HETATM 1095 C  CA  . MLY A 1 160 ? -2.535  9.659   10.886  1.00 59.19 ? 182 MLY A CA  1 
HETATM 1096 C  CB  . MLY A 1 160 ? -1.417  10.144  11.834  1.00 61.28 ? 182 MLY A CB  1 
HETATM 1097 C  CG  . MLY A 1 160 ? -1.088  9.188   13.016  1.00 57.96 ? 182 MLY A CG  1 
HETATM 1098 C  C   . MLY A 1 160 ? -2.977  10.817  9.991   1.00 59.95 ? 182 MLY A C   1 
HETATM 1099 O  O   . MLY A 1 160 ? -2.614  10.874  8.803   1.00 61.74 ? 182 MLY A O   1 
ATOM   1100 N  N   . PRO A 1 161 ? -3.837  11.694  10.515  1.00 59.43 ? 183 PRO A N   1 
ATOM   1101 C  CA  . PRO A 1 161 ? -3.940  13.079  10.028  1.00 60.59 ? 183 PRO A CA  1 
ATOM   1102 C  C   . PRO A 1 161 ? -3.143  14.027  10.939  1.00 59.68 ? 183 PRO A C   1 
ATOM   1103 O  O   . PRO A 1 161 ? -2.615  13.587  11.976  1.00 58.86 ? 183 PRO A O   1 
ATOM   1104 C  CB  . PRO A 1 161 ? -5.440  13.362  10.117  1.00 60.74 ? 183 PRO A CB  1 
ATOM   1105 C  CG  . PRO A 1 161 ? -5.915  12.498  11.278  1.00 60.92 ? 183 PRO A CG  1 
ATOM   1106 C  CD  . PRO A 1 161 ? -4.857  11.415  11.530  1.00 58.99 ? 183 PRO A CD  1 
HETATM 1107 CL CL  . CL  B 2 .   ? -6.226  -0.704  -4.488  1.00 60.99 ? 1   CL  A CL  1 
HETATM 1108 O  O   . HOH C 3 .   ? -3.442  2.969   4.760   1.00 25.06 ? 194 HOH A O   1 
HETATM 1109 O  O   . HOH C 3 .   ? -7.537  5.667   1.163   1.00 27.63 ? 195 HOH A O   1 
HETATM 1110 O  O   . HOH C 3 .   ? -5.067  -12.233 0.611   1.00 27.92 ? 196 HOH A O   1 
HETATM 1111 O  O   . HOH C 3 .   ? -0.998  11.170  -4.558  1.00 29.54 ? 197 HOH A O   1 
HETATM 1112 O  O   . HOH C 3 .   ? -3.821  -3.765  17.887  1.00 30.52 ? 198 HOH A O   1 
HETATM 1113 O  O   . HOH C 3 .   ? 3.884   9.042   3.767   1.00 30.72 ? 199 HOH A O   1 
HETATM 1114 O  O   . HOH C 3 .   ? -7.409  3.368   2.311   1.00 30.84 ? 200 HOH A O   1 
HETATM 1115 O  O   . HOH C 3 .   ? -2.478  -9.626  -5.714  1.00 31.08 ? 201 HOH A O   1 
HETATM 1116 O  O   . HOH C 3 .   ? -11.905 4.813   -24.702 1.00 32.42 ? 202 HOH A O   1 
HETATM 1117 O  O   . HOH C 3 .   ? -7.613  -6.380  -24.217 1.00 32.52 ? 203 HOH A O   1 
HETATM 1118 O  O   . HOH C 3 .   ? -5.756  1.836   13.274  1.00 32.95 ? 204 HOH A O   1 
HETATM 1119 O  O   . HOH C 3 .   ? -15.901 -0.820  -21.524 1.00 33.32 ? 205 HOH A O   1 
HETATM 1120 O  O   . HOH C 3 .   ? -5.400  4.082   8.575   1.00 34.13 ? 206 HOH A O   1 
HETATM 1121 O  O   . HOH C 3 .   ? -5.247  -10.923 -1.862  1.00 34.36 ? 207 HOH A O   1 
HETATM 1122 O  O   . HOH C 3 .   ? -4.889  -1.215  4.996   1.00 34.72 ? 208 HOH A O   1 
HETATM 1123 O  O   . HOH C 3 .   ? -7.444  -1.571  -7.631  1.00 35.63 ? 209 HOH A O   1 
HETATM 1124 O  O   . HOH C 3 .   ? 0.107   -11.493 7.867   1.00 36.57 ? 210 HOH A O   1 
HETATM 1125 O  O   . HOH C 3 .   ? 0.645   -0.087  22.178  1.00 37.09 ? 211 HOH A O   1 
HETATM 1126 O  O   . HOH C 3 .   ? 4.452   -9.660  19.038  1.00 37.54 ? 212 HOH A O   1 
HETATM 1127 O  O   . HOH C 3 .   ? -13.906 4.341   -8.029  1.00 37.79 ? 213 HOH A O   1 
HETATM 1128 O  O   . HOH C 3 .   ? -6.695  13.590  -14.618 1.00 38.14 ? 214 HOH A O   1 
HETATM 1129 O  O   . HOH C 3 .   ? 0.621   11.399  -2.638  1.00 38.41 ? 215 HOH A O   1 
HETATM 1130 O  O   . HOH C 3 .   ? 5.130   4.207   -16.740 1.00 39.03 ? 216 HOH A O   1 
HETATM 1131 O  O   . HOH C 3 .   ? -2.732  -8.305  20.613  1.00 39.51 ? 217 HOH A O   1 
HETATM 1132 O  O   . HOH C 3 .   ? 7.742   1.531   14.470  1.00 40.32 ? 218 HOH A O   1 
HETATM 1133 O  O   . HOH C 3 .   ? -10.082 6.529   -0.590  1.00 40.98 ? 219 HOH A O   1 
HETATM 1134 O  O   . HOH C 3 .   ? 10.296  -6.316  8.835   1.00 41.03 ? 220 HOH A O   1 
HETATM 1135 O  O   . HOH C 3 .   ? -4.021  -1.705  19.588  1.00 41.16 ? 221 HOH A O   1 
HETATM 1136 O  O   . HOH C 3 .   ? -9.044  -8.902  2.994   1.00 41.79 ? 222 HOH A O   1 
HETATM 1137 O  O   . HOH C 3 .   ? -14.114 1.875   -14.156 1.00 42.13 ? 223 HOH A O   1 
HETATM 1138 O  O   . HOH C 3 .   ? 5.964   8.192   11.372  1.00 42.52 ? 224 HOH A O   1 
HETATM 1139 O  O   . HOH C 3 .   ? 7.942   -1.580  13.134  1.00 42.58 ? 225 HOH A O   1 
HETATM 1140 O  O   . HOH C 3 .   ? -8.993  -8.452  -7.089  1.00 43.30 ? 226 HOH A O   1 
HETATM 1141 O  O   . HOH C 3 .   ? 6.640   8.271   -8.845  1.00 43.41 ? 227 HOH A O   1 
HETATM 1142 O  O   . HOH C 3 .   ? 1.036   -9.166  -7.636  1.00 43.80 ? 228 HOH A O   1 
HETATM 1143 O  O   . HOH C 3 .   ? 4.983   -1.872  -13.530 1.00 44.06 ? 229 HOH A O   1 
HETATM 1144 O  O   . HOH C 3 .   ? -1.217  -11.698 5.264   1.00 44.77 ? 230 HOH A O   1 
HETATM 1145 O  O   . HOH C 3 .   ? 3.073   -10.619 1.998   1.00 45.48 ? 231 HOH A O   1 
HETATM 1146 O  O   . HOH C 3 .   ? 9.740   0.536   -2.401  1.00 45.48 ? 232 HOH A O   1 
HETATM 1147 O  O   . HOH C 3 .   ? -6.013  16.202  -15.972 1.00 45.94 ? 233 HOH A O   1 
HETATM 1148 O  O   . HOH C 3 .   ? 10.390  8.800   -3.010  1.00 46.08 ? 234 HOH A O   1 
HETATM 1149 O  O   . HOH C 3 .   ? -12.519 10.434  -10.050 1.00 46.36 ? 235 HOH A O   1 
HETATM 1150 O  O   . HOH C 3 .   ? -4.644  -13.551 10.467  1.00 46.49 ? 236 HOH A O   1 
HETATM 1151 O  O   . HOH C 3 .   ? 1.064   13.429  -15.338 1.00 48.69 ? 237 HOH A O   1 
HETATM 1152 O  O   . HOH C 3 .   ? -12.237 -2.081  -15.466 1.00 48.88 ? 238 HOH A O   1 
HETATM 1153 O  O   . HOH C 3 .   ? -10.110 -7.255  -23.870 1.00 48.96 ? 239 HOH A O   1 
HETATM 1154 O  O   . HOH C 3 .   ? -1.067  18.160  -11.489 1.00 49.06 ? 240 HOH A O   1 
HETATM 1155 O  O   . HOH C 3 .   ? -4.695  13.991  -4.405  1.00 49.12 ? 241 HOH A O   1 
HETATM 1156 O  O   . HOH C 3 .   ? -4.536  10.075  -3.255  1.00 49.28 ? 242 HOH A O   1 
HETATM 1157 O  O   . HOH C 3 .   ? 9.087   -0.720  4.869   1.00 50.11 ? 243 HOH A O   1 
HETATM 1158 O  O   . HOH C 3 .   ? 0.164   9.063   8.987   1.00 50.96 ? 244 HOH A O   1 
HETATM 1159 O  O   . HOH C 3 .   ? 5.369   12.406  -3.476  1.00 51.96 ? 245 HOH A O   1 
HETATM 1160 O  O   . HOH C 3 .   ? -10.505 -3.945  -10.057 1.00 53.62 ? 246 HOH A O   1 
HETATM 1161 O  O   . HOH C 3 .   ? -3.439  -0.487  22.068  1.00 53.69 ? 247 HOH A O   1 
HETATM 1162 O  O   . HOH C 3 .   ? -17.564 2.863   -19.368 1.00 54.43 ? 248 HOH A O   1 
HETATM 1163 O  O   . HOH C 3 .   ? 3.919   3.789   18.972  1.00 54.52 ? 249 HOH A O   1 
HETATM 1164 O  O   . HOH C 3 .   ? -10.318 -4.987  -12.917 1.00 54.97 ? 250 HOH A O   1 
HETATM 1165 O  O   . HOH C 3 .   ? 2.529   11.244  -14.260 1.00 55.44 ? 251 HOH A O   1 
HETATM 1166 O  O   . HOH C 3 .   ? 14.453  12.666  8.511   1.00 55.83 ? 252 HOH A O   1 
HETATM 1167 O  O   . HOH C 3 .   ? -7.294  11.893  -22.670 1.00 55.95 ? 253 HOH A O   1 
HETATM 1168 O  O   . HOH C 3 .   ? -10.841 8.550   -2.666  1.00 56.43 ? 254 HOH A O   1 
HETATM 1169 O  O   . HOH C 3 .   ? 2.759   -14.608 9.588   1.00 59.21 ? 255 HOH A O   1 
# 
loop_
_pdbx_poly_seq_scheme.asym_id 
_pdbx_poly_seq_scheme.entity_id 
_pdbx_poly_seq_scheme.seq_id 
_pdbx_poly_seq_scheme.mon_id 
_pdbx_poly_seq_scheme.ndb_seq_num 
_pdbx_poly_seq_scheme.pdb_seq_num 
_pdbx_poly_seq_scheme.auth_seq_num 
_pdbx_poly_seq_scheme.pdb_mon_id 
_pdbx_poly_seq_scheme.auth_mon_id 
_pdbx_poly_seq_scheme.pdb_strand_id 
_pdbx_poly_seq_scheme.pdb_ins_code 
_pdbx_poly_seq_scheme.hetero 
A 1 1   MSE 1   -11 ?   ?   ?   A . n 
A 1 2   GLY 2   -10 ?   ?   ?   A . n 
A 1 3   SER 3   -9  ?   ?   ?   A . n 
A 1 4   ASP 4   -8  ?   ?   ?   A . n 
A 1 5   MLY 5   -7  ?   ?   ?   A . n 
A 1 6   ILE 6   -6  ?   ?   ?   A . n 
A 1 7   HIS 7   -5  ?   ?   ?   A . n 
A 1 8   HIS 8   -4  ?   ?   ?   A . n 
A 1 9   HIS 9   -3  ?   ?   ?   A . n 
A 1 10  HIS 10  -2  ?   ?   ?   A . n 
A 1 11  HIS 11  -1  -1  HIS HIS A . n 
A 1 12  HIS 12  0   0   HIS HIS A . n 
A 1 13  LEU 13  35  35  LEU LEU A . n 
A 1 14  VAL 14  36  36  VAL VAL A . n 
A 1 15  SER 15  37  37  SER SER A . n 
A 1 16  LEU 16  38  38  LEU LEU A . n 
A 1 17  GLU 17  39  39  GLU GLU A . n 
A 1 18  GLN 18  40  40  GLN GLN A . n 
A 1 19  GLU 19  41  41  GLU GLU A . n 
A 1 20  VAL 20  42  42  VAL VAL A . n 
A 1 21  GLN 21  43  43  GLN GLN A . n 
A 1 22  GLU 22  44  44  GLU GLU A . n 
A 1 23  MLY 23  45  45  MLY MLY A . n 
A 1 24  TYR 24  46  46  TYR TYR A . n 
A 1 25  SER 25  47  47  SER SER A . n 
A 1 26  GLN 26  48  48  GLN GLN A . n 
A 1 27  ILE 27  49  49  ILE ILE A . n 
A 1 28  GLN 28  50  50  GLN GLN A . n 
A 1 29  ASN 29  51  51  ASN ASN A . n 
A 1 30  GLN 30  52  52  GLN GLN A . n 
A 1 31  LEU 31  53  53  LEU LEU A . n 
A 1 32  GLN 32  54  54  GLN GLN A . n 
A 1 33  ARG 33  55  55  ARG ARG A . n 
A 1 34  ARG 34  56  56  ARG ARG A . n 
A 1 35  ALA 35  57  57  ALA ALA A . n 
A 1 36  ASP 36  58  58  ASP ASP A . n 
A 1 37  LEU 37  59  59  LEU LEU A . n 
A 1 38  ILE 38  60  60  ILE ILE A . n 
A 1 39  PRO 39  61  61  PRO PRO A . n 
A 1 40  ASN 40  62  62  ASN ASN A . n 
A 1 41  LEU 41  63  63  LEU LEU A . n 
A 1 42  VAL 42  64  64  VAL VAL A . n 
A 1 43  GLU 43  65  65  GLU GLU A . n 
A 1 44  THR 44  66  66  THR THR A . n 
A 1 45  VAL 45  67  67  VAL VAL A . n 
A 1 46  MLY 46  68  68  MLY MLY A . n 
A 1 47  GLY 47  69  69  GLY GLY A . n 
A 1 48  TYR 48  70  70  TYR TYR A . n 
A 1 49  ALA 49  71  71  ALA ALA A . n 
A 1 50  ALA 50  72  72  ALA ALA A . n 
A 1 51  HIS 51  73  73  HIS HIS A . n 
A 1 52  GLU 52  74  74  GLU GLU A . n 
A 1 53  MLY 53  75  75  MLY MLY A . n 
A 1 54  GLU 54  76  76  GLU GLU A . n 
A 1 55  ILE 55  77  77  ILE ILE A . n 
A 1 56  LEU 56  78  78  LEU LEU A . n 
A 1 57  GLU 57  79  79  GLU GLU A . n 
A 1 58  GLU 58  80  80  GLU GLU A . n 
A 1 59  ILE 59  81  81  ILE ILE A . n 
A 1 60  ALA 60  82  82  ALA ALA A . n 
A 1 61  ASN 61  83  83  ASN ASN A . n 
A 1 62  ALA 62  84  84  ALA ALA A . n 
A 1 63  ARG 63  85  85  ARG ARG A . n 
A 1 64  ALA 64  86  86  ALA ALA A . n 
A 1 65  MLY 65  87  87  MLY MLY A . n 
A 1 66  LEU 66  88  88  LEU LEU A . n 
A 1 67  ILE 67  89  89  ILE ILE A . n 
A 1 68  GLY 68  90  90  GLY GLY A . n 
A 1 69  ALA 69  91  91  ALA ALA A . n 
A 1 70  MLY 70  92  92  MLY MLY A . n 
A 1 71  THR 71  93  93  THR THR A . n 
A 1 72  PRO 72  94  94  PRO PRO A . n 
A 1 73  GLN 73  95  95  GLN GLN A . n 
A 1 74  GLU 74  96  96  GLU GLU A . n 
A 1 75  SER 75  97  97  SER SER A . n 
A 1 76  ALA 76  98  98  ALA ALA A . n 
A 1 77  GLN 77  99  99  GLN GLN A . n 
A 1 78  ALA 78  100 100 ALA ALA A . n 
A 1 79  ASP 79  101 101 ASP ASP A . n 
A 1 80  ALA 80  102 102 ALA ALA A . n 
A 1 81  GLU 81  103 103 GLU GLU A . n 
A 1 82  LEU 82  104 104 LEU LEU A . n 
A 1 83  SER 83  105 105 SER SER A . n 
A 1 84  SER 84  106 106 SER SER A . n 
A 1 85  ALA 85  107 107 ALA ALA A . n 
A 1 86  LEU 86  108 108 LEU LEU A . n 
A 1 87  SER 87  109 109 SER SER A . n 
A 1 88  ARG 88  110 110 ARG ARG A . n 
A 1 89  LEU 89  111 111 LEU LEU A . n 
A 1 90  LEU 90  112 112 LEU LEU A . n 
A 1 91  ALA 91  113 113 ALA ALA A . n 
A 1 92  ILE 92  114 114 ILE ILE A . n 
A 1 93  ALA 93  115 115 ALA ALA A . n 
A 1 94  GLU 94  116 116 GLU GLU A . n 
A 1 95  ASN 95  117 117 ASN ASN A . n 
A 1 96  TYR 96  118 118 TYR TYR A . n 
A 1 97  PRO 97  119 119 PRO PRO A . n 
A 1 98  ASN 98  120 120 ASN ASN A . n 
A 1 99  LEU 99  121 121 LEU LEU A . n 
A 1 100 MLY 100 122 122 MLY MLY A . n 
A 1 101 ALA 101 123 123 ALA ALA A . n 
A 1 102 ASP 102 124 124 ASP ASP A . n 
A 1 103 ALA 103 125 125 ALA ALA A . n 
A 1 104 ASN 104 126 126 ASN ASN A . n 
A 1 105 PHE 105 127 127 PHE PHE A . n 
A 1 106 ARG 106 128 128 ARG ARG A . n 
A 1 107 GLN 107 129 129 GLN GLN A . n 
A 1 108 LEU 108 130 130 LEU LEU A . n 
A 1 109 MSE 109 131 131 MSE MSE A . n 
A 1 110 ASP 110 132 132 ASP ASP A . n 
A 1 111 GLU 111 133 133 GLU GLU A . n 
A 1 112 LEU 112 134 134 LEU LEU A . n 
A 1 113 ALA 113 135 135 ALA ALA A . n 
A 1 114 GLY 114 136 136 GLY GLY A . n 
A 1 115 THR 115 137 137 THR THR A . n 
A 1 116 GLU 116 138 138 GLU GLU A . n 
A 1 117 ASN 117 139 139 ASN ASN A . n 
A 1 118 ARG 118 140 140 ARG ARG A . n 
A 1 119 ILE 119 141 141 ILE ILE A . n 
A 1 120 ALA 120 142 142 ALA ALA A . n 
A 1 121 VAL 121 143 143 VAL VAL A . n 
A 1 122 ALA 122 144 144 ALA ALA A . n 
A 1 123 ARG 123 145 145 ARG ARG A . n 
A 1 124 ARG 124 146 146 ARG ARG A . n 
A 1 125 ASP 125 147 147 ASP ASP A . n 
A 1 126 TYR 126 148 148 TYR TYR A . n 
A 1 127 ASN 127 149 149 ASN ASN A . n 
A 1 128 GLU 128 150 150 GLU GLU A . n 
A 1 129 ALA 129 151 151 ALA ALA A . n 
A 1 130 VAL 130 152 152 VAL VAL A . n 
A 1 131 MLY 131 153 153 MLY MLY A . n 
A 1 132 MLY 132 154 154 MLY MLY A . n 
A 1 133 TYR 133 155 155 TYR TYR A . n 
A 1 134 ASN 134 156 156 ASN ASN A . n 
A 1 135 THR 135 157 157 THR THR A . n 
A 1 136 ALA 136 158 158 ALA ALA A . n 
A 1 137 ILE 137 159 159 ILE ILE A . n 
A 1 138 MLY 138 160 160 MLY MLY A . n 
A 1 139 MLY 139 161 161 MLY MLY A . n 
A 1 140 PHE 140 162 ?   ?   ?   A . n 
A 1 141 PRO 141 163 ?   ?   ?   A . n 
A 1 142 GLY 142 164 ?   ?   ?   A . n 
A 1 143 VAL 143 165 ?   ?   ?   A . n 
A 1 144 ILE 144 166 ?   ?   ?   A . n 
A 1 145 PHE 145 167 ?   ?   ?   A . n 
A 1 146 ALA 146 168 ?   ?   ?   A . n 
A 1 147 MLY 147 169 ?   ?   ?   A . n 
A 1 148 MSE 148 170 ?   ?   ?   A . n 
A 1 149 PHE 149 171 ?   ?   ?   A . n 
A 1 150 GLY 150 172 172 GLY GLY A . n 
A 1 151 PHE 151 173 173 PHE PHE A . n 
A 1 152 GLU 152 174 174 GLU GLU A . n 
A 1 153 GLU 153 175 175 GLU GLU A . n 
A 1 154 MLY 154 176 176 MLY MLY A . n 
A 1 155 GLN 155 177 177 GLN GLN A . n 
A 1 156 TYR 156 178 178 TYR TYR A . n 
A 1 157 PHE 157 179 179 PHE PHE A . n 
A 1 158 GLU 158 180 180 GLU GLU A . n 
A 1 159 ALA 159 181 181 ALA ALA A . n 
A 1 160 MLY 160 182 182 MLY MLY A . n 
A 1 161 PRO 161 183 183 PRO PRO A . n 
A 1 162 GLY 162 184 ?   ?   ?   A . n 
A 1 163 ALA 163 185 ?   ?   ?   A . n 
A 1 164 GLU 164 186 ?   ?   ?   A . n 
A 1 165 GLU 165 187 ?   ?   ?   A . n 
A 1 166 VAL 166 188 ?   ?   ?   A . n 
A 1 167 PRO 167 189 ?   ?   ?   A . n 
A 1 168 GLU 168 190 ?   ?   ?   A . n 
A 1 169 VAL 169 191 ?   ?   ?   A . n 
A 1 170 MLY 170 192 ?   ?   ?   A . n 
A 1 171 PHE 171 193 ?   ?   ?   A . n 
# 
_pdbx_SG_project.project_name          'PSI, Protein Structure Initiative' 
_pdbx_SG_project.full_name_of_center   'Joint Center for Structural Genomics' 
_pdbx_SG_project.id                    1 
_pdbx_SG_project.initial_of_center     JCSG 
# 
loop_
_pdbx_nonpoly_scheme.asym_id 
_pdbx_nonpoly_scheme.entity_id 
_pdbx_nonpoly_scheme.mon_id 
_pdbx_nonpoly_scheme.ndb_seq_num 
_pdbx_nonpoly_scheme.pdb_seq_num 
_pdbx_nonpoly_scheme.auth_seq_num 
_pdbx_nonpoly_scheme.pdb_mon_id 
_pdbx_nonpoly_scheme.auth_mon_id 
_pdbx_nonpoly_scheme.pdb_strand_id 
_pdbx_nonpoly_scheme.pdb_ins_code 
B 2 CL  1  1   1  CL  CL  A . 
C 3 HOH 1  194 2  HOH HOH A . 
C 3 HOH 2  195 3  HOH HOH A . 
C 3 HOH 3  196 4  HOH HOH A . 
C 3 HOH 4  197 5  HOH HOH A . 
C 3 HOH 5  198 6  HOH HOH A . 
C 3 HOH 6  199 7  HOH HOH A . 
C 3 HOH 7  200 8  HOH HOH A . 
C 3 HOH 8  201 9  HOH HOH A . 
C 3 HOH 9  202 10 HOH HOH A . 
C 3 HOH 10 203 11 HOH HOH A . 
C 3 HOH 11 204 12 HOH HOH A . 
C 3 HOH 12 205 13 HOH HOH A . 
C 3 HOH 13 206 14 HOH HOH A . 
C 3 HOH 14 207 15 HOH HOH A . 
C 3 HOH 15 208 16 HOH HOH A . 
C 3 HOH 16 209 17 HOH HOH A . 
C 3 HOH 17 210 18 HOH HOH A . 
C 3 HOH 18 211 19 HOH HOH A . 
C 3 HOH 19 212 20 HOH HOH A . 
C 3 HOH 20 213 21 HOH HOH A . 
C 3 HOH 21 214 22 HOH HOH A . 
C 3 HOH 22 215 23 HOH HOH A . 
C 3 HOH 23 216 24 HOH HOH A . 
C 3 HOH 24 217 25 HOH HOH A . 
C 3 HOH 25 218 26 HOH HOH A . 
C 3 HOH 26 219 27 HOH HOH A . 
C 3 HOH 27 220 28 HOH HOH A . 
C 3 HOH 28 221 29 HOH HOH A . 
C 3 HOH 29 222 30 HOH HOH A . 
C 3 HOH 30 223 31 HOH HOH A . 
C 3 HOH 31 224 32 HOH HOH A . 
C 3 HOH 32 225 33 HOH HOH A . 
C 3 HOH 33 226 34 HOH HOH A . 
C 3 HOH 34 227 35 HOH HOH A . 
C 3 HOH 35 228 36 HOH HOH A . 
C 3 HOH 36 229 37 HOH HOH A . 
C 3 HOH 37 230 38 HOH HOH A . 
C 3 HOH 38 231 39 HOH HOH A . 
C 3 HOH 39 232 40 HOH HOH A . 
C 3 HOH 40 233 41 HOH HOH A . 
C 3 HOH 41 234 42 HOH HOH A . 
C 3 HOH 42 235 43 HOH HOH A . 
C 3 HOH 43 236 44 HOH HOH A . 
C 3 HOH 44 237 45 HOH HOH A . 
C 3 HOH 45 238 46 HOH HOH A . 
C 3 HOH 46 239 47 HOH HOH A . 
C 3 HOH 47 240 48 HOH HOH A . 
C 3 HOH 48 241 49 HOH HOH A . 
C 3 HOH 49 242 50 HOH HOH A . 
C 3 HOH 50 243 51 HOH HOH A . 
C 3 HOH 51 244 52 HOH HOH A . 
C 3 HOH 52 245 53 HOH HOH A . 
C 3 HOH 53 246 54 HOH HOH A . 
C 3 HOH 54 247 55 HOH HOH A . 
C 3 HOH 55 248 56 HOH HOH A . 
C 3 HOH 56 249 57 HOH HOH A . 
C 3 HOH 57 250 58 HOH HOH A . 
C 3 HOH 58 251 59 HOH HOH A . 
C 3 HOH 59 252 60 HOH HOH A . 
C 3 HOH 60 253 61 HOH HOH A . 
C 3 HOH 61 254 62 HOH HOH A . 
C 3 HOH 62 255 63 HOH HOH A . 
# 
loop_
_pdbx_struct_mod_residue.id 
_pdbx_struct_mod_residue.label_asym_id 
_pdbx_struct_mod_residue.label_comp_id 
_pdbx_struct_mod_residue.label_seq_id 
_pdbx_struct_mod_residue.auth_asym_id 
_pdbx_struct_mod_residue.auth_comp_id 
_pdbx_struct_mod_residue.auth_seq_id 
_pdbx_struct_mod_residue.PDB_ins_code 
_pdbx_struct_mod_residue.parent_comp_id 
_pdbx_struct_mod_residue.details 
1  A MLY 23  A MLY 45  ? LYS N-DIMETHYL-LYSINE 
2  A MLY 46  A MLY 68  ? LYS N-DIMETHYL-LYSINE 
3  A MLY 53  A MLY 75  ? LYS N-DIMETHYL-LYSINE 
4  A MLY 65  A MLY 87  ? LYS N-DIMETHYL-LYSINE 
5  A MLY 70  A MLY 92  ? LYS N-DIMETHYL-LYSINE 
6  A MLY 100 A MLY 122 ? LYS N-DIMETHYL-LYSINE 
7  A MSE 109 A MSE 131 ? MET SELENOMETHIONINE  
8  A MLY 131 A MLY 153 ? LYS N-DIMETHYL-LYSINE 
9  A MLY 132 A MLY 154 ? LYS N-DIMETHYL-LYSINE 
10 A MLY 138 A MLY 160 ? LYS N-DIMETHYL-LYSINE 
11 A MLY 139 A MLY 161 ? LYS N-DIMETHYL-LYSINE 
12 A MLY 154 A MLY 176 ? LYS N-DIMETHYL-LYSINE 
13 A MLY 160 A MLY 182 ? LYS N-DIMETHYL-LYSINE 
# 
_pdbx_struct_assembly.id                   1 
_pdbx_struct_assembly.details              author_defined_assembly 
_pdbx_struct_assembly.method_details       ? 
_pdbx_struct_assembly.oligomeric_details   monomeric 
_pdbx_struct_assembly.oligomeric_count     1 
# 
_pdbx_struct_assembly_gen.assembly_id       1 
_pdbx_struct_assembly_gen.oper_expression   1 
_pdbx_struct_assembly_gen.asym_id_list      A,B,C 
# 
_pdbx_struct_oper_list.id                   1 
_pdbx_struct_oper_list.type                 'identity operation' 
_pdbx_struct_oper_list.name                 1_555 
_pdbx_struct_oper_list.symmetry_operation   x,y,z 
_pdbx_struct_oper_list.matrix[1][1]         1.0000000000 
_pdbx_struct_oper_list.matrix[1][2]         0.0000000000 
_pdbx_struct_oper_list.matrix[1][3]         0.0000000000 
_pdbx_struct_oper_list.vector[1]            0.0000000000 
_pdbx_struct_oper_list.matrix[2][1]         0.0000000000 
_pdbx_struct_oper_list.matrix[2][2]         1.0000000000 
_pdbx_struct_oper_list.matrix[2][3]         0.0000000000 
_pdbx_struct_oper_list.vector[2]            0.0000000000 
_pdbx_struct_oper_list.matrix[3][1]         0.0000000000 
_pdbx_struct_oper_list.matrix[3][2]         0.0000000000 
_pdbx_struct_oper_list.matrix[3][3]         1.0000000000 
_pdbx_struct_oper_list.vector[3]            0.0000000000 
# 
loop_
_pdbx_audit_revision_history.ordinal 
_pdbx_audit_revision_history.data_content_type 
_pdbx_audit_revision_history.major_revision 
_pdbx_audit_revision_history.minor_revision 
_pdbx_audit_revision_history.revision_date 
1 'Structure model' 1 0 2005-11-15 
2 'Structure model' 1 1 2008-05-01 
3 'Structure model' 1 2 2011-07-13 
4 'Structure model' 1 3 2017-10-25 
5 'Structure model' 1 4 2023-01-25 
# 
_pdbx_audit_revision_details.ordinal             1 
_pdbx_audit_revision_details.revision_ordinal    1 
_pdbx_audit_revision_details.data_content_type   'Structure model' 
_pdbx_audit_revision_details.provider            repository 
_pdbx_audit_revision_details.type                'Initial release' 
_pdbx_audit_revision_details.description         ? 
_pdbx_audit_revision_details.details             ? 
# 
loop_
_pdbx_audit_revision_group.ordinal 
_pdbx_audit_revision_group.revision_ordinal 
_pdbx_audit_revision_group.data_content_type 
_pdbx_audit_revision_group.group 
1 2 'Structure model' 'Version format compliance'  
2 3 'Structure model' Advisory                     
3 3 'Structure model' 'Source and taxonomy'        
4 3 'Structure model' 'Version format compliance'  
5 4 'Structure model' 'Author supporting evidence' 
6 5 'Structure model' 'Database references'        
7 5 'Structure model' 'Derived calculations'       
# 
loop_
_pdbx_audit_revision_category.ordinal 
_pdbx_audit_revision_category.revision_ordinal 
_pdbx_audit_revision_category.data_content_type 
_pdbx_audit_revision_category.category 
1 4 'Structure model' pdbx_struct_assembly_auth_evidence 
2 5 'Structure model' database_2                         
3 5 'Structure model' struct_conn                        
4 5 'Structure model' struct_ref_seq_dif                 
5 5 'Structure model' struct_site                        
# 
loop_
_pdbx_audit_revision_item.ordinal 
_pdbx_audit_revision_item.revision_ordinal 
_pdbx_audit_revision_item.data_content_type 
_pdbx_audit_revision_item.item 
1 5 'Structure model' '_database_2.pdbx_DOI'                
2 5 'Structure model' '_database_2.pdbx_database_accession' 
3 5 'Structure model' '_struct_conn.pdbx_leaving_atom_flag' 
4 5 'Structure model' '_struct_ref_seq_dif.details'         
5 5 'Structure model' '_struct_site.pdbx_auth_asym_id'      
6 5 'Structure model' '_struct_site.pdbx_auth_comp_id'      
7 5 'Structure model' '_struct_site.pdbx_auth_seq_id'       
# 
_pdbx_refine_tls.id               1 
_pdbx_refine_tls.details          ? 
_pdbx_refine_tls.method           refined 
_pdbx_refine_tls.origin_x         -0.0920 
_pdbx_refine_tls.origin_y         -0.0514 
_pdbx_refine_tls.origin_z         0.1283 
_pdbx_refine_tls.T[1][1]          -0.2809 
_pdbx_refine_tls.T[2][2]          -0.1872 
_pdbx_refine_tls.T[3][3]          -0.1003 
_pdbx_refine_tls.T[1][2]          -0.0065 
_pdbx_refine_tls.T[1][3]          0.0140 
_pdbx_refine_tls.T[2][3]          -0.0149 
_pdbx_refine_tls.L[1][1]          1.2651 
_pdbx_refine_tls.L[2][2]          2.6907 
_pdbx_refine_tls.L[3][3]          7.0823 
_pdbx_refine_tls.L[1][2]          -0.6195 
_pdbx_refine_tls.L[1][3]          1.3637 
_pdbx_refine_tls.L[2][3]          -1.3268 
_pdbx_refine_tls.S[1][1]          0.0159 
_pdbx_refine_tls.S[1][2]          0.0492 
_pdbx_refine_tls.S[1][3]          0.0674 
_pdbx_refine_tls.S[2][1]          0.0312 
_pdbx_refine_tls.S[2][2]          -0.0134 
_pdbx_refine_tls.S[2][3]          -0.2575 
_pdbx_refine_tls.S[3][1]          -0.1435 
_pdbx_refine_tls.S[3][2]          0.3417 
_pdbx_refine_tls.S[3][3]          -0.0024 
_pdbx_refine_tls.pdbx_refine_id   'X-RAY DIFFRACTION' 
# 
_pdbx_refine_tls_group.id                  1 
_pdbx_refine_tls_group.refine_tls_id       1 
_pdbx_refine_tls_group.beg_auth_asym_id    A 
_pdbx_refine_tls_group.beg_auth_seq_id     -1 
_pdbx_refine_tls_group.beg_label_asym_id   A 
_pdbx_refine_tls_group.beg_label_seq_id    11 
_pdbx_refine_tls_group.end_auth_asym_id    A 
_pdbx_refine_tls_group.end_auth_seq_id     183 
_pdbx_refine_tls_group.end_label_asym_id   A 
_pdbx_refine_tls_group.end_label_seq_id    161 
_pdbx_refine_tls_group.selection           ? 
_pdbx_refine_tls_group.pdbx_refine_id      'X-RAY DIFFRACTION' 
_pdbx_refine_tls_group.selection_details   ? 
# 
_phasing.method   MAD 
# 
loop_
_software.name 
_software.version 
_software.date 
_software.type 
_software.contact_author 
_software.contact_author_email 
_software.classification 
_software.location 
_software.language 
_software.citation_id 
_software.pdbx_ordinal 
SCALEPACK   .        ?               package 'Zbyszek Otwinowski' zbyszek@mix.swmed.edu    'data scaling'    
http://www.lnls.br/infra/linhasluz/denzo-hkl.htm ?   ? 1 
PDB_EXTRACT 1.601    'Jan. 30, 2005' package PDB                  sw-help@rcsb.rutgers.edu 'data extraction' 
http://pdb.rutgers.edu/software/                 C++ ? 2 
DENZO       .        ?               ?       ?                    ?                        'data reduction'  ? ?   ? 3 
HKL-2000    .        ?               ?       ?                    ?                        'data scaling'    ? ?   ? 4 
SHELX       .        ?               ?       ?                    ?                        phasing           ? ?   ? 5 
SHARP       .        ?               ?       ?                    ?                        phasing           ? ?   ? 6 
REFMAC      5.2.0005 ?               ?       ?                    ?                        refinement        ? ?   ? 7 
# 
_pdbx_validate_torsion.id              1 
_pdbx_validate_torsion.PDB_model_num   1 
_pdbx_validate_torsion.auth_comp_id    ALA 
_pdbx_validate_torsion.auth_asym_id    A 
_pdbx_validate_torsion.auth_seq_id     71 
_pdbx_validate_torsion.PDB_ins_code    ? 
_pdbx_validate_torsion.label_alt_id    ? 
_pdbx_validate_torsion.phi             -150.07 
_pdbx_validate_torsion.psi             65.88 
# 
loop_
_pdbx_unobs_or_zero_occ_atoms.id 
_pdbx_unobs_or_zero_occ_atoms.PDB_model_num 
_pdbx_unobs_or_zero_occ_atoms.polymer_flag 
_pdbx_unobs_or_zero_occ_atoms.occupancy_flag 
_pdbx_unobs_or_zero_occ_atoms.auth_asym_id 
_pdbx_unobs_or_zero_occ_atoms.auth_comp_id 
_pdbx_unobs_or_zero_occ_atoms.auth_seq_id 
_pdbx_unobs_or_zero_occ_atoms.PDB_ins_code 
_pdbx_unobs_or_zero_occ_atoms.auth_atom_id 
_pdbx_unobs_or_zero_occ_atoms.label_alt_id 
_pdbx_unobs_or_zero_occ_atoms.label_asym_id 
_pdbx_unobs_or_zero_occ_atoms.label_comp_id 
_pdbx_unobs_or_zero_occ_atoms.label_seq_id 
_pdbx_unobs_or_zero_occ_atoms.label_atom_id 
1  1 Y 1 A HIS -1  ? CG  ? A HIS 11  CG  
2  1 Y 1 A HIS -1  ? ND1 ? A HIS 11  ND1 
3  1 Y 1 A HIS -1  ? CD2 ? A HIS 11  CD2 
4  1 Y 1 A HIS -1  ? CE1 ? A HIS 11  CE1 
5  1 Y 1 A HIS -1  ? NE2 ? A HIS 11  NE2 
6  1 Y 1 A VAL 36  ? CG1 ? A VAL 14  CG1 
7  1 Y 1 A VAL 36  ? CG2 ? A VAL 14  CG2 
8  1 Y 1 A GLN 43  ? CD  ? A GLN 21  CD  
9  1 Y 1 A GLN 43  ? OE1 ? A GLN 21  OE1 
10 1 Y 1 A GLN 43  ? NE2 ? A GLN 21  NE2 
11 1 Y 1 A MLY 45  ? CH1 ? A MLY 23  CH1 
12 1 Y 1 A MLY 45  ? CH2 ? A MLY 23  CH2 
13 1 Y 1 A GLN 48  ? OE1 ? A GLN 26  OE1 
14 1 Y 1 A GLU 65  ? CD  ? A GLU 43  CD  
15 1 Y 1 A GLU 65  ? OE1 ? A GLU 43  OE1 
16 1 Y 1 A GLU 65  ? OE2 ? A GLU 43  OE2 
17 1 Y 1 A MLY 68  ? CH1 ? A MLY 46  CH1 
18 1 Y 1 A MLY 68  ? CH2 ? A MLY 46  CH2 
19 1 Y 1 A MLY 75  ? CH1 ? A MLY 53  CH1 
20 1 Y 1 A MLY 75  ? CH2 ? A MLY 53  CH2 
21 1 Y 1 A GLU 76  ? OE1 ? A GLU 54  OE1 
22 1 Y 1 A GLU 76  ? OE2 ? A GLU 54  OE2 
23 1 Y 1 A MLY 87  ? CH1 ? A MLY 65  CH1 
24 1 Y 1 A MLY 87  ? CH2 ? A MLY 65  CH2 
25 1 Y 1 A MLY 92  ? CH1 ? A MLY 70  CH1 
26 1 Y 1 A MLY 92  ? CH2 ? A MLY 70  CH2 
27 1 Y 1 A MLY 122 ? CH1 ? A MLY 100 CH1 
28 1 Y 1 A MLY 122 ? CH2 ? A MLY 100 CH2 
29 1 Y 1 A MLY 153 ? CH1 ? A MLY 131 CH1 
30 1 Y 1 A MLY 153 ? CH2 ? A MLY 131 CH2 
31 1 Y 1 A MLY 154 ? CH1 ? A MLY 132 CH1 
32 1 Y 1 A MLY 154 ? CH2 ? A MLY 132 CH2 
33 1 Y 1 A MLY 160 ? CH1 ? A MLY 138 CH1 
34 1 Y 1 A MLY 160 ? CH2 ? A MLY 138 CH2 
35 1 Y 1 A MLY 161 ? CH1 ? A MLY 139 CH1 
36 1 Y 1 A MLY 161 ? CH2 ? A MLY 139 CH2 
37 1 Y 1 A MLY 176 ? CH1 ? A MLY 154 CH1 
38 1 Y 1 A MLY 176 ? CH2 ? A MLY 154 CH2 
39 1 Y 1 A MLY 182 ? CD  ? A MLY 160 CD  
40 1 Y 1 A MLY 182 ? CE  ? A MLY 160 CE  
41 1 Y 1 A MLY 182 ? NZ  ? A MLY 160 NZ  
42 1 Y 1 A MLY 182 ? CH1 ? A MLY 160 CH1 
43 1 Y 1 A MLY 182 ? CH2 ? A MLY 160 CH2 
# 
loop_
_pdbx_unobs_or_zero_occ_residues.id 
_pdbx_unobs_or_zero_occ_residues.PDB_model_num 
_pdbx_unobs_or_zero_occ_residues.polymer_flag 
_pdbx_unobs_or_zero_occ_residues.occupancy_flag 
_pdbx_unobs_or_zero_occ_residues.auth_asym_id 
_pdbx_unobs_or_zero_occ_residues.auth_comp_id 
_pdbx_unobs_or_zero_occ_residues.auth_seq_id 
_pdbx_unobs_or_zero_occ_residues.PDB_ins_code 
_pdbx_unobs_or_zero_occ_residues.label_asym_id 
_pdbx_unobs_or_zero_occ_residues.label_comp_id 
_pdbx_unobs_or_zero_occ_residues.label_seq_id 
1  1 Y 1 A MSE -11 ? A MSE 1   
2  1 Y 1 A GLY -10 ? A GLY 2   
3  1 Y 1 A SER -9  ? A SER 3   
4  1 Y 1 A ASP -8  ? A ASP 4   
5  1 Y 1 A MLY -7  ? A MLY 5   
6  1 Y 1 A ILE -6  ? A ILE 6   
7  1 Y 1 A HIS -5  ? A HIS 7   
8  1 Y 1 A HIS -4  ? A HIS 8   
9  1 Y 1 A HIS -3  ? A HIS 9   
10 1 Y 1 A HIS -2  ? A HIS 10  
11 1 Y 1 A PHE 162 ? A PHE 140 
12 1 Y 1 A PRO 163 ? A PRO 141 
13 1 Y 1 A GLY 164 ? A GLY 142 
14 1 Y 1 A VAL 165 ? A VAL 143 
15 1 Y 1 A ILE 166 ? A ILE 144 
16 1 Y 1 A PHE 167 ? A PHE 145 
17 1 Y 1 A ALA 168 ? A ALA 146 
18 1 Y 1 A MLY 169 ? A MLY 147 
19 1 Y 1 A MSE 170 ? A MSE 148 
20 1 Y 1 A PHE 171 ? A PHE 149 
21 1 Y 1 A GLY 184 ? A GLY 162 
22 1 Y 1 A ALA 185 ? A ALA 163 
23 1 Y 1 A GLU 186 ? A GLU 164 
24 1 Y 1 A GLU 187 ? A GLU 165 
25 1 Y 1 A VAL 188 ? A VAL 166 
26 1 Y 1 A PRO 189 ? A PRO 167 
27 1 Y 1 A GLU 190 ? A GLU 168 
28 1 Y 1 A VAL 191 ? A VAL 169 
29 1 Y 1 A MLY 192 ? A MLY 170 
30 1 Y 1 A PHE 193 ? A PHE 171 
# 
loop_
_pdbx_entity_nonpoly.entity_id 
_pdbx_entity_nonpoly.name 
_pdbx_entity_nonpoly.comp_id 
2 'CHLORIDE ION' CL  
3 water          HOH 
# 
loop_
_pdbx_struct_assembly_auth_evidence.id 
_pdbx_struct_assembly_auth_evidence.assembly_id 
_pdbx_struct_assembly_auth_evidence.experimental_support 
_pdbx_struct_assembly_auth_evidence.details 
1 1 'gel filtration'   ? 
2 1 'light scattering' ? 
# 
